data_4QB9
#
_entry.id   4QB9
#
_cell.length_a   107.269
_cell.length_b   126.536
_cell.length_c   236.641
_cell.angle_alpha   90.00
_cell.angle_beta   90.00
_cell.angle_gamma   90.00
#
_symmetry.space_group_name_H-M   'P 21 21 21'
#
loop_
_entity.id
_entity.type
_entity.pdbx_description
1 polymer 'Enhanced intracellular survival protein'
2 non-polymer PAROMOMYCIN
3 non-polymer 'SULFATE ION'
#
_entity_poly.entity_id   1
_entity_poly.type   'polypeptide(L)'
_entity_poly.pdbx_seq_one_letter_code
;MGSSHHHHHHSSGLVPRGSHMITPRTLHTITDDDWTRIALLARFAFGDIEPEQTQAAWRSMVPEDATVVVPDETDDAFVG
QSLYLDMQLTVPGGEVLPVAGISFVAVAPTHRRRGVLRAMYTELHDRIARAGYPLAVLTASEGGIYGRFGYGVATIEQHV
SVDRRLAQFHPAAPDPGGVRMLVPADHRDGLADIYDRWRRRTPGGLVRPDALWDDLLADRPESRRGGGELFAFGHQDGYA
LYRVDRGPDGRRSAHVVELTAVTADAHAALWRALLGLDLIDRVSIGTHPHDPLPYLLTDPRQAQVTASADDLWIRIMNVP
AALEARRYQADLDVVLDVADGFRSDGGRFALQISGGRARCTTTDAPADIEIDLDVLGGLYLGAHRVDGFAAANRLRSKDS
ELLQQFGAAFAGDMPAELGYGF
;
_entity_poly.pdbx_strand_id   A,B,C,D,E,F
#
# COMPACT_ATOMS: atom_id res chain seq x y z
N MET A 21 -35.59 16.98 -29.78
CA MET A 21 -35.12 15.72 -30.35
C MET A 21 -35.22 14.53 -29.35
N ILE A 22 -36.22 14.56 -28.45
CA ILE A 22 -36.43 13.50 -27.45
C ILE A 22 -37.80 12.80 -27.48
N THR A 23 -37.91 11.69 -28.20
CA THR A 23 -39.09 10.83 -28.05
C THR A 23 -38.72 9.34 -27.91
N PRO A 24 -39.32 8.67 -26.91
CA PRO A 24 -38.98 7.27 -26.64
C PRO A 24 -39.94 6.33 -27.33
N ARG A 25 -39.42 5.32 -28.02
CA ARG A 25 -40.31 4.33 -28.63
C ARG A 25 -40.15 2.96 -27.96
N THR A 26 -41.25 2.45 -27.41
CA THR A 26 -41.22 1.19 -26.68
C THR A 26 -41.16 -0.04 -27.57
N LEU A 27 -39.97 -0.62 -27.78
CA LEU A 27 -39.82 -1.90 -28.49
C LEU A 27 -40.88 -2.99 -28.14
N HIS A 28 -41.60 -3.50 -29.14
CA HIS A 28 -42.59 -4.52 -28.84
C HIS A 28 -41.90 -5.84 -28.54
N THR A 29 -40.78 -6.06 -29.21
CA THR A 29 -39.92 -7.23 -28.96
C THR A 29 -38.47 -6.88 -29.33
N ILE A 30 -37.50 -7.58 -28.73
CA ILE A 30 -36.08 -7.26 -28.97
C ILE A 30 -35.45 -8.18 -30.01
N THR A 31 -35.54 -7.72 -31.26
CA THR A 31 -34.85 -8.23 -32.44
C THR A 31 -33.36 -8.38 -32.20
N ASP A 32 -32.64 -9.09 -33.07
CA ASP A 32 -31.20 -9.30 -32.84
C ASP A 32 -30.35 -8.07 -33.17
N ASP A 33 -30.96 -7.09 -33.84
CA ASP A 33 -30.26 -5.87 -34.23
C ASP A 33 -30.48 -4.82 -33.17
N ASP A 34 -31.69 -4.81 -32.61
CA ASP A 34 -31.94 -4.05 -31.39
C ASP A 34 -30.98 -4.42 -30.24
N TRP A 35 -30.85 -5.73 -29.93
CA TRP A 35 -29.96 -6.16 -28.85
C TRP A 35 -28.51 -5.77 -29.12
N THR A 36 -28.07 -5.97 -30.36
CA THR A 36 -26.74 -5.54 -30.75
C THR A 36 -26.52 -4.05 -30.53
N ARG A 37 -27.54 -3.26 -30.84
CA ARG A 37 -27.53 -1.81 -30.64
C ARG A 37 -27.53 -1.39 -29.15
N ILE A 38 -28.03 -2.28 -28.31
CA ILE A 38 -28.18 -2.06 -26.86
C ILE A 38 -26.95 -2.54 -26.10
N ALA A 39 -26.40 -3.66 -26.54
CA ALA A 39 -25.16 -4.18 -25.99
C ALA A 39 -23.97 -3.32 -26.37
N LEU A 40 -24.15 -2.41 -27.33
CA LEU A 40 -23.16 -1.36 -27.66
C LEU A 40 -23.20 -0.26 -26.60
N LEU A 41 -24.38 0.32 -26.41
CA LEU A 41 -24.56 1.36 -25.41
C LEU A 41 -24.23 0.84 -24.04
N ALA A 42 -24.62 -0.41 -23.79
CA ALA A 42 -24.50 -0.98 -22.45
C ALA A 42 -23.05 -1.20 -22.17
N ARG A 43 -22.34 -1.78 -23.13
CA ARG A 43 -20.88 -1.90 -23.04
C ARG A 43 -20.15 -0.60 -22.57
N PHE A 44 -20.62 0.57 -23.00
CA PHE A 44 -19.97 1.83 -22.65
C PHE A 44 -20.26 2.21 -21.21
N ALA A 45 -21.44 1.83 -20.74
CA ALA A 45 -21.96 2.34 -19.46
C ALA A 45 -21.69 1.48 -18.21
N PHE A 46 -21.18 0.26 -18.42
CA PHE A 46 -21.22 -0.79 -17.41
C PHE A 46 -19.91 -1.54 -17.36
N GLY A 47 -19.10 -1.36 -18.40
CA GLY A 47 -17.79 -1.99 -18.42
C GLY A 47 -17.71 -3.13 -19.40
N ASP A 48 -17.49 -4.35 -18.92
CA ASP A 48 -17.05 -5.43 -19.81
C ASP A 48 -18.13 -5.95 -20.76
N ILE A 49 -17.70 -6.81 -21.69
CA ILE A 49 -18.57 -7.64 -22.54
C ILE A 49 -19.06 -8.90 -21.78
N GLU A 50 -20.01 -8.74 -20.86
CA GLU A 50 -20.82 -9.86 -20.34
C GLU A 50 -21.06 -10.83 -21.51
N PRO A 51 -20.66 -12.11 -21.38
CA PRO A 51 -20.58 -12.99 -22.56
C PRO A 51 -21.94 -13.32 -23.25
N GLU A 52 -21.90 -13.62 -24.55
CA GLU A 52 -23.10 -13.88 -25.36
C GLU A 52 -24.21 -14.68 -24.67
N GLN A 53 -23.82 -15.74 -23.98
CA GLN A 53 -24.80 -16.58 -23.31
C GLN A 53 -25.39 -15.89 -22.08
N THR A 54 -24.60 -15.07 -21.37
CA THR A 54 -25.11 -14.36 -20.18
C THR A 54 -26.21 -13.34 -20.56
N GLN A 55 -26.00 -12.60 -21.66
CA GLN A 55 -26.95 -11.55 -22.05
C GLN A 55 -28.18 -12.14 -22.73
N ALA A 56 -27.97 -13.24 -23.44
CA ALA A 56 -29.06 -13.93 -24.06
C ALA A 56 -29.99 -14.41 -22.95
N ALA A 57 -29.34 -14.95 -21.92
CA ALA A 57 -30.05 -15.40 -20.73
C ALA A 57 -30.84 -14.24 -20.18
N TRP A 58 -30.19 -13.10 -19.98
CA TRP A 58 -30.90 -11.90 -19.50
C TRP A 58 -32.01 -11.45 -20.46
N ARG A 59 -31.75 -11.53 -21.77
CA ARG A 59 -32.73 -11.08 -22.74
C ARG A 59 -33.99 -11.93 -22.65
N SER A 60 -33.79 -13.22 -22.39
CA SER A 60 -34.95 -14.11 -22.27
C SER A 60 -35.90 -13.74 -21.12
N MET A 61 -35.54 -12.78 -20.28
CA MET A 61 -36.37 -12.49 -19.12
C MET A 61 -37.24 -11.29 -19.34
N VAL A 62 -37.26 -10.79 -20.56
CA VAL A 62 -37.87 -9.49 -20.81
C VAL A 62 -39.26 -9.68 -21.36
N PRO A 63 -40.29 -9.34 -20.58
CA PRO A 63 -41.65 -9.43 -21.10
C PRO A 63 -41.75 -8.53 -22.30
N GLU A 64 -42.81 -8.64 -23.08
CA GLU A 64 -42.80 -7.87 -24.30
C GLU A 64 -43.47 -6.53 -24.01
N ASP A 65 -43.19 -5.55 -24.87
CA ASP A 65 -43.53 -4.15 -24.64
C ASP A 65 -42.74 -3.59 -23.45
N ALA A 66 -41.55 -4.13 -23.22
CA ALA A 66 -40.81 -3.82 -22.00
C ALA A 66 -39.46 -3.20 -22.24
N THR A 67 -39.25 -2.59 -23.39
CA THR A 67 -37.94 -2.03 -23.68
C THR A 67 -38.08 -0.64 -24.25
N VAL A 68 -37.89 0.37 -23.43
CA VAL A 68 -38.03 1.74 -23.85
C VAL A 68 -36.67 2.32 -24.30
N VAL A 69 -36.56 2.74 -25.57
CA VAL A 69 -35.33 3.39 -26.07
C VAL A 69 -35.52 4.77 -26.75
N VAL A 70 -34.39 5.48 -26.85
CA VAL A 70 -34.26 6.78 -27.49
C VAL A 70 -33.12 6.72 -28.52
N PRO A 71 -33.46 6.92 -29.81
CA PRO A 71 -32.48 6.82 -30.90
C PRO A 71 -31.79 8.15 -31.15
N ASP A 72 -30.75 8.16 -31.97
CA ASP A 72 -30.01 9.36 -32.23
C ASP A 72 -30.51 10.14 -33.41
N GLU A 73 -29.68 11.03 -33.89
CA GLU A 73 -30.08 12.01 -34.87
C GLU A 73 -30.56 11.24 -36.06
N THR A 74 -29.89 10.14 -36.35
CA THR A 74 -30.12 9.34 -37.55
C THR A 74 -30.58 7.92 -37.29
N ASP A 75 -30.99 7.63 -36.08
CA ASP A 75 -31.45 6.27 -35.78
C ASP A 75 -30.50 5.19 -36.27
N ASP A 76 -29.22 5.33 -36.02
CA ASP A 76 -28.23 4.31 -36.34
C ASP A 76 -27.96 3.42 -35.11
N ALA A 77 -27.75 4.05 -33.95
CA ALA A 77 -27.67 3.37 -32.66
C ALA A 77 -28.54 4.07 -31.61
N PHE A 78 -28.61 3.51 -30.41
CA PHE A 78 -29.42 4.11 -29.34
C PHE A 78 -28.59 5.03 -28.52
N VAL A 79 -29.22 6.03 -27.95
CA VAL A 79 -28.49 6.99 -27.15
C VAL A 79 -29.11 7.06 -25.76
N GLY A 80 -29.98 6.11 -25.48
CA GLY A 80 -30.63 5.95 -24.19
C GLY A 80 -31.30 4.59 -24.25
N GLN A 81 -31.41 3.91 -23.13
CA GLN A 81 -32.11 2.63 -23.16
C GLN A 81 -32.60 2.20 -21.79
N SER A 82 -33.62 1.38 -21.77
CA SER A 82 -34.04 0.78 -20.51
C SER A 82 -34.82 -0.50 -20.79
N LEU A 83 -35.21 -1.19 -19.73
CA LEU A 83 -36.05 -2.36 -19.87
C LEU A 83 -36.29 -2.85 -18.50
N TYR A 84 -37.37 -3.59 -18.30
CA TYR A 84 -37.49 -4.27 -17.05
C TYR A 84 -37.54 -5.75 -17.36
N LEU A 85 -37.06 -6.55 -16.43
CA LEU A 85 -37.19 -7.99 -16.54
C LEU A 85 -38.50 -8.38 -15.87
N ASP A 86 -38.96 -9.62 -16.13
CA ASP A 86 -40.18 -10.17 -15.53
C ASP A 86 -39.88 -10.97 -14.27
N MET A 87 -40.00 -10.40 -13.10
CA MET A 87 -39.50 -11.15 -11.98
C MET A 87 -40.59 -11.47 -10.96
N GLN A 88 -40.27 -12.44 -10.08
CA GLN A 88 -41.17 -12.78 -8.96
C GLN A 88 -40.47 -12.79 -7.58
N LEU A 89 -40.81 -11.78 -6.77
CA LEU A 89 -40.12 -11.48 -5.53
C LEU A 89 -40.94 -11.86 -4.32
N THR A 90 -40.32 -12.51 -3.36
CA THR A 90 -40.94 -12.82 -2.08
C THR A 90 -41.01 -11.65 -1.10
N VAL A 91 -42.12 -11.46 -0.44
CA VAL A 91 -42.13 -10.37 0.52
C VAL A 91 -42.42 -10.94 1.90
N PRO A 92 -42.41 -10.14 2.94
CA PRO A 92 -42.52 -10.73 4.24
C PRO A 92 -43.81 -11.44 4.30
N GLY A 93 -43.85 -12.49 5.08
CA GLY A 93 -45.04 -13.24 5.31
C GLY A 93 -45.12 -14.33 4.30
N GLY A 94 -44.40 -14.18 3.22
CA GLY A 94 -44.25 -15.29 2.33
C GLY A 94 -44.79 -15.13 0.94
N GLU A 95 -45.68 -14.17 0.70
CA GLU A 95 -46.26 -14.08 -0.64
C GLU A 95 -45.25 -13.72 -1.72
N VAL A 96 -45.37 -14.33 -2.89
CA VAL A 96 -44.64 -13.83 -4.06
C VAL A 96 -45.45 -12.75 -4.83
N LEU A 97 -44.80 -11.66 -5.22
CA LEU A 97 -45.42 -10.70 -6.14
C LEU A 97 -44.63 -10.66 -7.42
N PRO A 98 -45.31 -10.37 -8.53
CA PRO A 98 -44.52 -10.15 -9.74
C PRO A 98 -43.86 -8.78 -9.65
N VAL A 99 -42.57 -8.69 -9.93
CA VAL A 99 -41.98 -7.36 -9.86
C VAL A 99 -41.37 -7.02 -11.19
N ALA A 100 -41.33 -5.72 -11.48
CA ALA A 100 -40.63 -5.24 -12.67
C ALA A 100 -39.16 -4.92 -12.33
N GLY A 101 -38.26 -5.72 -12.91
CA GLY A 101 -36.86 -5.66 -12.57
C GLY A 101 -36.14 -4.73 -13.50
N ILE A 102 -36.13 -3.46 -13.14
CA ILE A 102 -35.51 -2.45 -13.99
C ILE A 102 -34.01 -2.62 -14.12
N SER A 103 -33.53 -2.63 -15.35
CA SER A 103 -32.12 -2.86 -15.61
C SER A 103 -31.68 -2.41 -17.00
N PHE A 104 -30.41 -2.67 -17.30
CA PHE A 104 -29.72 -2.22 -18.51
C PHE A 104 -30.03 -0.79 -18.86
N VAL A 105 -30.36 0.00 -17.85
CA VAL A 105 -30.58 1.42 -18.06
C VAL A 105 -29.28 2.14 -18.34
N ALA A 106 -29.23 2.90 -19.43
CA ALA A 106 -28.05 3.65 -19.79
C ALA A 106 -28.45 4.80 -20.68
N VAL A 107 -27.81 5.94 -20.48
CA VAL A 107 -27.85 7.00 -21.47
C VAL A 107 -26.43 7.21 -21.95
N ALA A 108 -26.25 7.32 -23.27
CA ALA A 108 -24.94 7.56 -23.86
C ALA A 108 -24.17 8.68 -23.18
N PRO A 109 -22.87 8.47 -22.96
CA PRO A 109 -21.91 9.47 -22.46
C PRO A 109 -22.03 10.81 -23.17
N THR A 110 -22.41 10.72 -24.43
CA THR A 110 -22.50 11.87 -25.31
C THR A 110 -23.78 12.66 -25.11
N HIS A 111 -24.88 12.00 -24.84
CA HIS A 111 -26.14 12.70 -24.76
C HIS A 111 -26.67 13.08 -23.40
N ARG A 112 -25.88 12.92 -22.37
CA ARG A 112 -26.32 13.22 -21.04
C ARG A 112 -26.57 14.70 -20.84
N ARG A 113 -27.40 15.01 -19.85
CA ARG A 113 -27.60 16.38 -19.41
C ARG A 113 -28.58 17.09 -20.32
N ARG A 114 -29.15 16.31 -21.22
CA ARG A 114 -30.25 16.76 -22.06
C ARG A 114 -31.57 16.06 -21.71
N GLY A 115 -31.70 15.53 -20.49
CA GLY A 115 -32.94 14.91 -20.00
C GLY A 115 -33.47 13.64 -20.65
N VAL A 116 -32.55 12.82 -21.18
CA VAL A 116 -32.94 11.57 -21.79
C VAL A 116 -33.48 10.62 -20.75
N LEU A 117 -32.73 10.45 -19.65
CA LEU A 117 -33.10 9.52 -18.59
C LEU A 117 -34.54 9.72 -18.15
N ARG A 118 -34.88 10.92 -17.69
CA ARG A 118 -36.22 11.18 -17.20
C ARG A 118 -37.27 10.77 -18.22
N ALA A 119 -37.13 11.24 -19.45
CA ALA A 119 -38.14 10.95 -20.47
C ALA A 119 -38.35 9.45 -20.59
N MET A 120 -37.25 8.74 -20.70
CA MET A 120 -37.29 7.33 -20.89
C MET A 120 -37.84 6.62 -19.66
N TYR A 121 -37.54 7.12 -18.46
CA TYR A 121 -38.12 6.51 -17.26
C TYR A 121 -39.63 6.65 -17.20
N THR A 122 -40.20 7.78 -17.63
CA THR A 122 -41.65 7.94 -17.43
C THR A 122 -42.41 6.90 -18.23
N GLU A 123 -41.90 6.67 -19.43
CA GLU A 123 -42.53 5.82 -20.41
C GLU A 123 -42.41 4.35 -19.97
N LEU A 124 -41.34 4.06 -19.24
CA LEU A 124 -41.04 2.71 -18.78
C LEU A 124 -41.85 2.39 -17.57
N HIS A 125 -42.27 3.43 -16.87
CA HIS A 125 -43.08 3.24 -15.69
C HIS A 125 -44.54 3.19 -16.06
N ASP A 126 -44.91 3.89 -17.12
CA ASP A 126 -46.26 3.76 -17.64
C ASP A 126 -46.43 2.39 -18.29
N ARG A 127 -45.36 1.86 -18.86
CA ARG A 127 -45.40 0.48 -19.39
C ARG A 127 -45.40 -0.54 -18.24
N ILE A 128 -44.54 -0.32 -17.24
CA ILE A 128 -44.50 -1.15 -16.05
C ILE A 128 -45.84 -1.09 -15.36
N ALA A 129 -46.39 0.12 -15.22
CA ALA A 129 -47.69 0.28 -14.57
C ALA A 129 -48.83 -0.47 -15.32
N ARG A 130 -49.04 -0.11 -16.59
CA ARG A 130 -50.07 -0.75 -17.39
C ARG A 130 -49.86 -2.25 -17.47
N ALA A 131 -48.63 -2.71 -17.57
CA ALA A 131 -48.40 -4.16 -17.55
C ALA A 131 -48.72 -4.84 -16.22
N GLY A 132 -49.21 -4.10 -15.22
CA GLY A 132 -49.76 -4.71 -14.01
C GLY A 132 -48.98 -4.68 -12.71
N TYR A 133 -47.64 -4.66 -12.81
CA TYR A 133 -46.76 -4.90 -11.67
C TYR A 133 -47.02 -4.00 -10.50
N PRO A 134 -47.06 -4.56 -9.27
CA PRO A 134 -47.24 -3.75 -8.04
C PRO A 134 -45.96 -3.04 -7.53
N LEU A 135 -44.79 -3.62 -7.78
CA LEU A 135 -43.48 -3.14 -7.34
C LEU A 135 -42.49 -3.10 -8.51
N ALA A 136 -41.63 -2.10 -8.49
CA ALA A 136 -40.46 -2.05 -9.38
C ALA A 136 -39.17 -2.13 -8.53
N VAL A 137 -38.20 -2.88 -9.01
CA VAL A 137 -37.05 -3.16 -8.17
C VAL A 137 -35.78 -3.03 -8.97
N LEU A 138 -34.72 -2.55 -8.34
CA LEU A 138 -33.43 -2.47 -9.02
C LEU A 138 -32.29 -2.69 -8.06
N THR A 139 -31.08 -2.79 -8.62
CA THR A 139 -29.83 -2.66 -7.89
C THR A 139 -29.22 -1.31 -8.27
N ALA A 140 -28.46 -0.66 -7.40
CA ALA A 140 -27.96 0.67 -7.79
C ALA A 140 -26.63 0.59 -8.51
N SER A 141 -26.58 1.28 -9.63
CA SER A 141 -25.36 1.36 -10.43
C SER A 141 -24.73 2.75 -10.30
N GLU A 142 -23.42 2.85 -10.38
CA GLU A 142 -22.72 4.07 -10.04
C GLU A 142 -23.27 5.16 -10.91
N GLY A 143 -23.50 6.32 -10.31
CA GLY A 143 -23.96 7.51 -10.98
C GLY A 143 -25.46 7.63 -11.11
N GLY A 144 -26.17 6.60 -10.69
CA GLY A 144 -27.60 6.55 -10.82
C GLY A 144 -28.17 7.49 -9.82
N ILE A 145 -29.40 7.87 -10.00
CA ILE A 145 -30.05 8.78 -9.06
C ILE A 145 -31.43 8.18 -8.86
N TYR A 146 -31.86 7.94 -7.62
CA TYR A 146 -33.00 7.04 -7.46
C TYR A 146 -34.09 7.52 -6.51
N GLY A 147 -33.69 8.35 -5.55
CA GLY A 147 -34.57 8.78 -4.50
C GLY A 147 -35.74 9.54 -5.02
N ARG A 148 -35.49 10.56 -5.84
CA ARG A 148 -36.58 11.42 -6.26
C ARG A 148 -37.57 10.71 -7.22
N PHE A 149 -37.10 9.69 -7.93
CA PHE A 149 -38.01 8.87 -8.72
C PHE A 149 -38.80 7.88 -7.90
N GLY A 150 -38.58 7.87 -6.58
CA GLY A 150 -39.40 7.10 -5.65
C GLY A 150 -38.84 5.75 -5.22
N TYR A 151 -37.60 5.49 -5.60
CA TYR A 151 -36.92 4.27 -5.18
C TYR A 151 -36.18 4.41 -3.84
N GLY A 152 -36.42 3.46 -2.92
CA GLY A 152 -35.74 3.39 -1.64
C GLY A 152 -34.90 2.12 -1.41
N VAL A 153 -33.87 2.22 -0.58
CA VAL A 153 -33.06 1.03 -0.30
C VAL A 153 -33.78 -0.02 0.57
N ALA A 154 -34.03 -1.18 -0.02
CA ALA A 154 -34.91 -2.17 0.59
C ALA A 154 -34.19 -3.28 1.36
N THR A 155 -33.05 -3.74 0.85
CA THR A 155 -32.27 -4.76 1.57
C THR A 155 -30.86 -4.27 1.80
N ILE A 156 -30.20 -4.83 2.83
CA ILE A 156 -28.78 -4.51 3.09
C ILE A 156 -27.87 -5.69 2.92
N GLU A 157 -26.79 -5.49 2.17
CA GLU A 157 -25.75 -6.48 2.09
C GLU A 157 -24.61 -6.13 3.00
N GLN A 158 -24.17 -7.08 3.84
CA GLN A 158 -23.12 -6.87 4.84
C GLN A 158 -21.89 -7.79 4.67
N HIS A 159 -20.75 -7.28 4.18
CA HIS A 159 -19.57 -8.13 3.97
CA HIS A 159 -19.60 -8.15 3.94
C HIS A 159 -18.98 -8.57 5.30
N VAL A 160 -18.85 -9.87 5.53
CA VAL A 160 -18.35 -10.43 6.78
C VAL A 160 -17.20 -11.40 6.51
N SER A 161 -16.18 -11.38 7.36
CA SER A 161 -14.90 -12.00 7.07
C SER A 161 -14.44 -12.86 8.25
N VAL A 162 -14.07 -14.11 8.00
CA VAL A 162 -13.55 -14.92 9.08
C VAL A 162 -12.14 -15.42 8.86
N ASP A 163 -11.23 -15.16 9.79
CA ASP A 163 -9.91 -15.80 9.70
C ASP A 163 -10.10 -17.23 10.16
N ARG A 164 -10.05 -18.15 9.21
CA ARG A 164 -10.43 -19.53 9.43
C ARG A 164 -9.55 -20.18 10.53
N ARG A 165 -8.27 -19.78 10.59
CA ARG A 165 -7.26 -20.34 11.49
C ARG A 165 -7.55 -20.12 12.98
N LEU A 166 -8.25 -19.04 13.29
CA LEU A 166 -8.55 -18.70 14.66
C LEU A 166 -10.00 -18.88 15.05
N ALA A 167 -10.90 -18.87 14.06
CA ALA A 167 -12.32 -19.11 14.34
C ALA A 167 -12.46 -20.45 14.95
N GLN A 168 -13.31 -20.57 15.94
CA GLN A 168 -13.46 -21.87 16.55
C GLN A 168 -14.92 -21.94 17.04
N PHE A 169 -15.64 -23.02 16.71
CA PHE A 169 -17.10 -23.03 16.88
C PHE A 169 -17.49 -23.12 18.34
N HIS A 170 -18.66 -22.57 18.67
CA HIS A 170 -19.22 -22.67 19.99
C HIS A 170 -19.59 -24.12 20.27
N PRO A 171 -19.44 -24.54 21.54
CA PRO A 171 -19.82 -25.86 22.06
C PRO A 171 -21.21 -26.29 21.63
N ALA A 172 -22.20 -25.50 22.00
CA ALA A 172 -23.59 -25.75 21.60
C ALA A 172 -23.83 -25.86 20.11
N ALA A 173 -22.85 -25.49 19.30
CA ALA A 173 -23.13 -25.27 17.90
C ALA A 173 -23.46 -26.59 17.30
N PRO A 174 -24.54 -26.63 16.50
CA PRO A 174 -24.84 -27.77 15.64
C PRO A 174 -23.60 -28.28 14.90
N ASP A 175 -23.69 -29.52 14.47
CA ASP A 175 -22.60 -30.13 13.73
C ASP A 175 -23.13 -31.31 12.94
N PRO A 176 -24.00 -31.01 11.98
CA PRO A 176 -24.88 -31.98 11.33
C PRO A 176 -24.18 -32.80 10.29
N GLY A 177 -22.93 -32.45 9.94
CA GLY A 177 -22.26 -33.02 8.78
C GLY A 177 -23.14 -33.20 7.55
N GLY A 178 -22.82 -34.19 6.74
CA GLY A 178 -23.66 -34.48 5.60
C GLY A 178 -23.53 -33.39 4.55
N VAL A 179 -22.29 -32.93 4.35
CA VAL A 179 -21.93 -31.99 3.26
C VAL A 179 -20.98 -32.63 2.21
N ARG A 180 -21.47 -32.80 0.96
CA ARG A 180 -20.69 -33.39 -0.14
C ARG A 180 -19.81 -32.33 -0.76
N MET A 181 -18.65 -32.71 -1.30
CA MET A 181 -17.92 -31.82 -2.21
C MET A 181 -18.59 -31.89 -3.57
N LEU A 182 -18.83 -30.76 -4.24
CA LEU A 182 -19.58 -30.76 -5.50
C LEU A 182 -18.90 -30.14 -6.73
N VAL A 183 -19.21 -30.70 -7.90
CA VAL A 183 -19.03 -29.95 -9.16
C VAL A 183 -20.37 -29.29 -9.52
N PRO A 184 -20.40 -27.95 -9.53
CA PRO A 184 -21.69 -27.27 -9.49
C PRO A 184 -22.47 -27.49 -10.76
N ALA A 185 -21.75 -27.49 -11.88
CA ALA A 185 -22.33 -27.71 -13.20
C ALA A 185 -23.13 -29.02 -13.28
N ASP A 186 -22.79 -29.98 -12.43
CA ASP A 186 -23.41 -31.29 -12.52
C ASP A 186 -24.61 -31.42 -11.63
N HIS A 187 -24.91 -30.42 -10.85
CA HIS A 187 -26.08 -30.51 -9.98
C HIS A 187 -27.03 -29.36 -10.15
N ARG A 188 -27.22 -28.92 -11.39
CA ARG A 188 -28.08 -27.79 -11.68
C ARG A 188 -29.44 -28.04 -11.05
N ASP A 189 -30.05 -29.16 -11.37
CA ASP A 189 -31.41 -29.40 -10.91
C ASP A 189 -31.43 -29.47 -9.38
N GLY A 190 -30.35 -29.99 -8.81
CA GLY A 190 -30.27 -30.15 -7.37
C GLY A 190 -30.21 -28.84 -6.60
N LEU A 191 -29.24 -28.00 -6.99
CA LEU A 191 -29.01 -26.70 -6.38
C LEU A 191 -30.23 -25.86 -6.54
N ALA A 192 -30.62 -25.69 -7.79
CA ALA A 192 -31.73 -24.81 -8.19
C ALA A 192 -32.98 -25.01 -7.36
N ASP A 193 -33.07 -26.24 -6.84
CA ASP A 193 -34.17 -26.68 -6.02
C ASP A 193 -33.99 -26.20 -4.62
N ILE A 194 -32.78 -26.39 -4.10
CA ILE A 194 -32.47 -25.90 -2.76
C ILE A 194 -32.77 -24.41 -2.73
N TYR A 195 -32.28 -23.72 -3.74
CA TYR A 195 -32.48 -22.28 -3.86
C TYR A 195 -33.97 -21.96 -3.83
N ASP A 196 -34.77 -22.72 -4.54
CA ASP A 196 -36.17 -22.41 -4.63
C ASP A 196 -36.85 -22.52 -3.27
N ARG A 197 -36.44 -23.49 -2.45
CA ARG A 197 -37.02 -23.73 -1.14
C ARG A 197 -36.78 -22.55 -0.19
N TRP A 198 -35.62 -21.92 -0.39
CA TRP A 198 -35.14 -20.79 0.40
C TRP A 198 -35.86 -19.56 -0.11
N ARG A 199 -36.02 -19.54 -1.42
CA ARG A 199 -36.66 -18.42 -2.09
C ARG A 199 -38.03 -18.19 -1.48
N ARG A 200 -38.77 -19.28 -1.30
CA ARG A 200 -40.14 -19.16 -0.85
C ARG A 200 -40.23 -18.73 0.60
N ARG A 201 -39.13 -18.95 1.34
CA ARG A 201 -39.03 -18.69 2.79
C ARG A 201 -38.31 -17.38 3.19
N THR A 202 -37.74 -16.67 2.22
CA THR A 202 -36.84 -15.55 2.49
C THR A 202 -37.21 -14.26 1.75
N PRO A 203 -37.52 -13.16 2.45
CA PRO A 203 -37.89 -12.00 1.63
C PRO A 203 -36.73 -11.45 0.83
N GLY A 204 -37.00 -11.13 -0.43
CA GLY A 204 -35.98 -10.55 -1.29
C GLY A 204 -35.54 -11.61 -2.28
N GLY A 205 -36.09 -12.82 -2.07
CA GLY A 205 -35.87 -13.95 -2.96
C GLY A 205 -36.56 -13.71 -4.29
N LEU A 206 -35.76 -13.76 -5.36
CA LEU A 206 -36.27 -13.69 -6.74
C LEU A 206 -36.30 -15.09 -7.30
N VAL A 207 -37.21 -15.35 -8.24
CA VAL A 207 -37.14 -16.66 -8.87
C VAL A 207 -36.10 -16.53 -9.91
N ARG A 208 -35.41 -17.64 -10.12
CA ARG A 208 -34.25 -17.68 -10.99
C ARG A 208 -34.50 -18.73 -12.06
N PRO A 209 -34.75 -18.27 -13.29
CA PRO A 209 -34.91 -19.10 -14.49
C PRO A 209 -33.77 -20.10 -14.74
N ASP A 210 -34.10 -21.28 -15.23
CA ASP A 210 -33.09 -22.25 -15.64
C ASP A 210 -32.02 -21.59 -16.49
N ALA A 211 -32.39 -20.55 -17.25
CA ALA A 211 -31.45 -19.77 -18.04
C ALA A 211 -30.25 -19.32 -17.24
N LEU A 212 -30.52 -18.71 -16.09
CA LEU A 212 -29.51 -18.06 -15.26
C LEU A 212 -28.68 -19.04 -14.47
N TRP A 213 -29.36 -20.10 -14.02
CA TRP A 213 -28.69 -21.25 -13.44
C TRP A 213 -27.65 -21.79 -14.40
N ASP A 214 -28.12 -22.24 -15.56
CA ASP A 214 -27.28 -22.67 -16.69
C ASP A 214 -26.05 -21.78 -16.84
N ASP A 215 -26.26 -20.49 -16.68
CA ASP A 215 -25.27 -19.47 -17.01
C ASP A 215 -24.31 -19.24 -15.85
N LEU A 216 -24.84 -19.22 -14.64
CA LEU A 216 -24.03 -19.13 -13.42
C LEU A 216 -23.00 -20.27 -13.27
N LEU A 217 -23.50 -21.51 -13.31
CA LEU A 217 -22.71 -22.72 -13.06
C LEU A 217 -21.66 -22.98 -14.12
N ALA A 218 -21.95 -22.44 -15.30
CA ALA A 218 -21.08 -22.56 -16.47
C ALA A 218 -19.67 -22.12 -16.13
N ASP A 219 -19.61 -21.04 -15.35
CA ASP A 219 -18.37 -20.45 -14.83
C ASP A 219 -17.57 -19.77 -15.96
N ARG A 220 -18.26 -18.87 -16.67
CA ARG A 220 -17.68 -18.00 -17.69
C ARG A 220 -16.50 -17.25 -17.10
N PRO A 221 -15.34 -17.26 -17.70
CA PRO A 221 -14.25 -16.55 -17.07
C PRO A 221 -14.64 -15.11 -16.89
N GLU A 222 -15.53 -14.64 -17.75
CA GLU A 222 -15.90 -13.21 -17.76
C GLU A 222 -16.63 -12.79 -16.50
N SER A 223 -17.78 -13.37 -16.25
CA SER A 223 -18.59 -12.96 -15.10
C SER A 223 -17.83 -13.25 -13.81
N ARG A 224 -16.70 -13.90 -13.96
CA ARG A 224 -15.94 -14.60 -12.96
C ARG A 224 -15.29 -13.76 -11.88
N ARG A 225 -15.42 -12.46 -11.89
CA ARG A 225 -14.50 -11.65 -11.13
C ARG A 225 -14.40 -12.03 -9.65
N GLY A 226 -13.16 -12.02 -9.15
CA GLY A 226 -12.86 -12.33 -7.76
C GLY A 226 -12.47 -13.77 -7.42
N GLY A 227 -11.65 -14.37 -8.28
CA GLY A 227 -11.17 -15.72 -8.05
C GLY A 227 -11.07 -16.56 -9.31
N GLY A 228 -10.73 -17.83 -9.12
CA GLY A 228 -10.61 -18.74 -10.22
C GLY A 228 -11.90 -19.49 -10.44
N GLU A 229 -11.81 -20.73 -10.88
CA GLU A 229 -13.02 -21.50 -11.09
C GLU A 229 -13.76 -21.77 -9.77
N LEU A 230 -14.94 -22.33 -9.90
CA LEU A 230 -15.92 -22.30 -8.83
C LEU A 230 -15.98 -23.59 -8.00
N PHE A 231 -15.83 -23.49 -6.69
CA PHE A 231 -16.03 -24.64 -5.85
C PHE A 231 -17.42 -24.65 -5.26
N ALA A 232 -17.92 -25.81 -4.83
CA ALA A 232 -19.25 -25.87 -4.22
C ALA A 232 -19.41 -26.98 -3.17
N PHE A 233 -20.06 -26.63 -2.08
CA PHE A 233 -20.47 -27.62 -1.08
C PHE A 233 -21.95 -27.93 -1.16
N GLY A 234 -22.33 -29.17 -0.87
CA GLY A 234 -23.73 -29.56 -0.95
C GLY A 234 -24.35 -30.19 0.28
N HIS A 235 -25.60 -29.81 0.56
CA HIS A 235 -26.33 -30.33 1.71
C HIS A 235 -27.75 -30.57 1.28
N GLN A 236 -28.47 -31.47 1.95
CA GLN A 236 -29.82 -31.79 1.49
C GLN A 236 -30.67 -30.51 1.59
N ASP A 237 -30.28 -29.64 2.52
CA ASP A 237 -31.00 -28.39 2.75
C ASP A 237 -30.18 -27.12 2.55
N GLY A 238 -29.10 -27.20 1.78
CA GLY A 238 -28.39 -25.99 1.46
C GLY A 238 -27.22 -26.31 0.57
N TYR A 239 -26.52 -25.28 0.12
CA TYR A 239 -25.31 -25.45 -0.68
C TYR A 239 -24.49 -24.20 -0.55
N ALA A 240 -23.26 -24.26 -1.02
CA ALA A 240 -22.42 -23.06 -0.98
C ALA A 240 -21.46 -22.98 -2.19
N LEU A 241 -21.46 -21.85 -2.88
CA LEU A 241 -20.53 -21.62 -3.98
C LEU A 241 -19.52 -20.61 -3.52
N TYR A 242 -18.26 -20.88 -3.84
CA TYR A 242 -17.16 -20.02 -3.46
C TYR A 242 -16.00 -20.20 -4.41
N ARG A 243 -15.12 -19.22 -4.45
CA ARG A 243 -13.92 -19.23 -5.29
C ARG A 243 -12.71 -19.05 -4.40
N VAL A 244 -11.61 -19.71 -4.71
CA VAL A 244 -10.35 -19.41 -4.04
C VAL A 244 -9.60 -18.33 -4.83
N ASP A 245 -8.77 -17.52 -4.15
CA ASP A 245 -7.98 -16.52 -4.87
C ASP A 245 -6.83 -15.95 -4.07
N ARG A 246 -5.66 -15.89 -4.72
CA ARG A 246 -4.42 -15.46 -4.08
C ARG A 246 -4.32 -13.97 -4.15
N GLY A 247 -3.67 -13.42 -3.14
CA GLY A 247 -3.33 -12.02 -3.13
C GLY A 247 -1.89 -11.90 -3.57
N PRO A 248 -1.33 -10.67 -3.47
CA PRO A 248 0.10 -10.44 -3.74
C PRO A 248 0.94 -11.37 -2.87
N ASP A 249 0.35 -11.73 -1.73
CA ASP A 249 0.92 -12.58 -0.68
C ASP A 249 1.51 -13.91 -1.19
N GLY A 250 0.72 -14.60 -2.00
CA GLY A 250 0.84 -16.04 -2.15
C GLY A 250 -0.28 -16.67 -1.34
N ARG A 251 -0.47 -16.17 -0.10
CA ARG A 251 -1.54 -16.57 0.84
C ARG A 251 -2.97 -16.33 0.31
N ARG A 252 -3.74 -17.40 0.17
CA ARG A 252 -5.05 -17.32 -0.46
C ARG A 252 -6.15 -17.24 0.55
N SER A 253 -7.32 -16.82 0.08
CA SER A 253 -8.50 -16.78 0.91
C SER A 253 -9.71 -17.08 0.04
N ALA A 254 -10.77 -17.58 0.69
CA ALA A 254 -12.01 -17.95 0.02
C ALA A 254 -13.06 -16.85 0.02
N HIS A 255 -13.71 -16.65 -1.14
CA HIS A 255 -14.85 -15.75 -1.25
C HIS A 255 -16.14 -16.53 -1.63
N VAL A 256 -17.11 -16.50 -0.72
CA VAL A 256 -18.39 -17.12 -0.93
C VAL A 256 -19.32 -16.29 -1.82
N VAL A 257 -19.71 -16.88 -2.94
CA VAL A 257 -20.47 -16.19 -3.99
C VAL A 257 -21.97 -16.33 -3.83
N GLU A 258 -22.35 -17.46 -3.25
CA GLU A 258 -23.71 -17.70 -2.82
C GLU A 258 -23.65 -18.75 -1.73
N LEU A 259 -24.31 -18.49 -0.59
CA LEU A 259 -24.49 -19.54 0.41
C LEU A 259 -25.96 -19.54 0.83
N THR A 260 -26.71 -20.49 0.27
CA THR A 260 -28.16 -20.54 0.44
C THR A 260 -28.54 -21.71 1.35
N ALA A 261 -29.11 -21.44 2.51
CA ALA A 261 -29.49 -22.56 3.36
C ALA A 261 -30.89 -22.43 3.90
N VAL A 262 -31.59 -23.56 4.01
CA VAL A 262 -33.03 -23.56 4.25
C VAL A 262 -33.32 -24.06 5.64
N THR A 263 -32.35 -24.74 6.25
CA THR A 263 -32.46 -25.12 7.65
C THR A 263 -31.22 -24.60 8.39
N ALA A 264 -31.36 -24.41 9.70
CA ALA A 264 -30.27 -23.93 10.52
C ALA A 264 -29.03 -24.82 10.44
N ASP A 265 -29.27 -26.13 10.43
CA ASP A 265 -28.18 -27.12 10.34
C ASP A 265 -27.50 -27.12 8.99
N ALA A 266 -28.29 -26.88 7.95
CA ALA A 266 -27.71 -26.72 6.63
C ALA A 266 -26.68 -25.64 6.77
N HIS A 267 -27.16 -24.47 7.24
CA HIS A 267 -26.36 -23.26 7.31
C HIS A 267 -25.11 -23.56 8.11
N ALA A 268 -25.29 -24.10 9.31
CA ALA A 268 -24.15 -24.43 10.16
C ALA A 268 -23.13 -25.39 9.53
N ALA A 269 -23.61 -26.54 9.01
CA ALA A 269 -22.73 -27.57 8.48
C ALA A 269 -21.91 -27.05 7.32
N LEU A 270 -22.46 -26.06 6.64
CA LEU A 270 -21.80 -25.45 5.53
C LEU A 270 -20.69 -24.54 6.02
N TRP A 271 -20.94 -23.81 7.10
CA TRP A 271 -19.95 -22.85 7.57
C TRP A 271 -18.83 -23.65 8.16
N ARG A 272 -19.19 -24.74 8.82
CA ARG A 272 -18.20 -25.68 9.29
C ARG A 272 -17.29 -26.23 8.17
N ALA A 273 -17.87 -26.64 7.06
CA ALA A 273 -17.08 -27.10 5.91
C ALA A 273 -16.17 -26.02 5.39
N LEU A 274 -16.71 -24.80 5.31
CA LEU A 274 -16.01 -23.65 4.76
C LEU A 274 -14.75 -23.29 5.52
N LEU A 275 -14.83 -23.26 6.85
CA LEU A 275 -13.66 -22.98 7.70
C LEU A 275 -12.84 -24.24 7.84
N GLY A 276 -13.31 -25.33 7.24
CA GLY A 276 -12.53 -26.54 7.19
C GLY A 276 -11.30 -26.42 6.33
N LEU A 277 -11.45 -25.81 5.15
CA LEU A 277 -10.41 -25.77 4.11
C LEU A 277 -9.10 -25.22 4.60
N ASP A 278 -8.07 -26.05 4.71
CA ASP A 278 -6.77 -25.63 5.22
C ASP A 278 -5.92 -24.71 4.30
N LEU A 279 -6.26 -24.66 3.03
CA LEU A 279 -5.54 -23.89 2.00
C LEU A 279 -5.58 -22.39 2.21
N ILE A 280 -6.66 -21.97 2.85
CA ILE A 280 -7.08 -20.58 2.81
C ILE A 280 -6.97 -19.98 4.20
N ASP A 281 -6.73 -18.68 4.26
CA ASP A 281 -6.49 -18.02 5.53
C ASP A 281 -7.78 -17.37 6.02
N ARG A 282 -8.53 -16.74 5.10
CA ARG A 282 -9.78 -16.10 5.42
C ARG A 282 -10.90 -16.66 4.58
N VAL A 283 -12.14 -16.49 5.02
CA VAL A 283 -13.33 -16.73 4.20
C VAL A 283 -14.16 -15.47 4.31
N SER A 284 -14.54 -14.86 3.21
CA SER A 284 -15.52 -13.78 3.32
C SER A 284 -16.83 -14.07 2.58
N ILE A 285 -17.91 -13.55 3.11
CA ILE A 285 -19.20 -13.72 2.49
C ILE A 285 -19.81 -12.36 2.35
N GLY A 286 -20.72 -12.19 1.41
CA GLY A 286 -21.48 -10.95 1.35
C GLY A 286 -22.92 -11.25 1.72
N THR A 287 -23.23 -11.16 3.00
CA THR A 287 -24.46 -11.72 3.51
C THR A 287 -25.48 -10.68 3.90
N HIS A 288 -26.54 -11.15 4.53
CA HIS A 288 -27.54 -10.29 5.10
C HIS A 288 -27.21 -9.95 6.51
N PRO A 289 -27.95 -9.06 7.10
CA PRO A 289 -27.54 -8.43 8.33
C PRO A 289 -27.40 -9.31 9.53
N HIS A 290 -28.30 -10.23 9.73
CA HIS A 290 -28.32 -10.93 10.99
C HIS A 290 -27.85 -12.32 10.86
N ASP A 291 -27.01 -12.53 9.89
CA ASP A 291 -26.51 -13.88 9.59
C ASP A 291 -26.14 -14.50 10.91
N PRO A 292 -26.40 -15.81 11.05
CA PRO A 292 -26.08 -16.44 12.34
C PRO A 292 -24.57 -16.78 12.56
N LEU A 293 -23.73 -16.76 11.52
CA LEU A 293 -22.32 -17.17 11.64
C LEU A 293 -21.62 -16.73 12.94
N PRO A 294 -21.68 -15.42 13.29
CA PRO A 294 -20.95 -15.01 14.52
C PRO A 294 -21.45 -15.71 15.76
N TYR A 295 -22.75 -15.97 15.82
CA TYR A 295 -23.32 -16.55 17.03
C TYR A 295 -22.96 -18.02 17.13
N LEU A 296 -22.41 -18.57 16.05
CA LEU A 296 -22.00 -19.96 15.96
C LEU A 296 -20.61 -20.14 16.53
N LEU A 297 -19.81 -19.08 16.47
CA LEU A 297 -18.45 -19.14 17.00
C LEU A 297 -18.42 -18.79 18.48
N THR A 298 -17.51 -19.43 19.22
CA THR A 298 -17.28 -19.15 20.64
C THR A 298 -17.12 -17.66 20.94
N ASP A 299 -16.67 -16.86 19.97
CA ASP A 299 -16.46 -15.46 20.24
C ASP A 299 -16.70 -14.70 18.95
N PRO A 300 -17.73 -13.84 18.92
CA PRO A 300 -18.19 -13.09 17.75
C PRO A 300 -17.11 -12.24 17.09
N ARG A 301 -16.08 -11.94 17.87
CA ARG A 301 -14.97 -11.16 17.35
C ARG A 301 -14.24 -11.94 16.27
N GLN A 302 -14.39 -13.26 16.27
CA GLN A 302 -13.74 -14.08 15.28
C GLN A 302 -14.35 -13.91 13.88
N ALA A 303 -15.58 -13.43 13.84
CA ALA A 303 -16.19 -13.00 12.58
C ALA A 303 -16.14 -11.49 12.60
N GLN A 304 -15.85 -10.92 11.43
CA GLN A 304 -15.41 -9.53 11.32
C GLN A 304 -16.28 -8.81 10.33
N VAL A 305 -17.32 -8.11 10.78
CA VAL A 305 -18.22 -7.41 9.85
C VAL A 305 -17.59 -6.10 9.33
N THR A 306 -17.41 -6.01 8.02
CA THR A 306 -16.59 -5.01 7.39
C THR A 306 -17.17 -4.15 6.30
N ALA A 307 -18.47 -4.20 6.08
CA ALA A 307 -19.13 -3.23 5.25
C ALA A 307 -20.59 -3.40 5.29
N SER A 308 -21.30 -2.37 4.93
CA SER A 308 -22.75 -2.48 4.80
C SER A 308 -23.14 -1.64 3.61
N ALA A 309 -23.55 -2.33 2.56
CA ALA A 309 -23.93 -1.67 1.33
C ALA A 309 -25.45 -1.78 1.08
N ASP A 310 -25.98 -0.88 0.27
CA ASP A 310 -27.31 -1.05 -0.26
C ASP A 310 -27.29 -2.30 -1.12
N ASP A 311 -28.40 -3.03 -1.19
CA ASP A 311 -28.52 -4.03 -2.24
C ASP A 311 -29.72 -3.75 -3.15
N LEU A 312 -30.89 -4.24 -2.74
CA LEU A 312 -32.08 -4.07 -3.55
C LEU A 312 -32.77 -2.74 -3.28
N TRP A 313 -33.08 -2.01 -4.35
CA TRP A 313 -33.91 -0.81 -4.24
C TRP A 313 -35.34 -1.09 -4.72
N ILE A 314 -36.31 -0.29 -4.27
CA ILE A 314 -37.73 -0.60 -4.48
C ILE A 314 -38.62 0.61 -4.71
N ARG A 315 -39.24 0.70 -5.88
CA ARG A 315 -40.33 1.64 -6.05
C ARG A 315 -41.67 0.94 -5.97
N ILE A 316 -42.45 1.26 -4.92
CA ILE A 316 -43.82 0.78 -4.81
C ILE A 316 -44.67 1.42 -5.90
N MET A 317 -45.21 0.60 -6.79
CA MET A 317 -45.93 1.08 -7.99
C MET A 317 -47.44 1.15 -7.74
N ASN A 318 -47.91 0.31 -6.82
CA ASN A 318 -49.32 0.25 -6.42
C ASN A 318 -49.41 0.02 -4.92
N VAL A 319 -49.74 1.07 -4.16
CA VAL A 319 -49.61 0.97 -2.71
C VAL A 319 -50.50 -0.17 -2.14
N PRO A 320 -51.83 -0.10 -2.39
CA PRO A 320 -52.67 -1.07 -1.71
C PRO A 320 -52.18 -2.46 -2.01
N ALA A 321 -51.92 -2.74 -3.28
CA ALA A 321 -51.45 -4.08 -3.65
C ALA A 321 -50.22 -4.47 -2.84
N ALA A 322 -49.15 -3.71 -3.00
CA ALA A 322 -47.93 -3.96 -2.28
C ALA A 322 -48.18 -4.04 -0.76
N LEU A 323 -48.94 -3.12 -0.21
CA LEU A 323 -49.07 -3.15 1.24
C LEU A 323 -49.94 -4.28 1.79
N GLU A 324 -50.73 -4.94 0.95
CA GLU A 324 -51.66 -5.94 1.49
C GLU A 324 -51.04 -7.31 1.35
N ALA A 325 -50.10 -7.38 0.42
CA ALA A 325 -49.49 -8.61 -0.04
C ALA A 325 -48.48 -9.11 0.92
N ARG A 326 -48.09 -8.24 1.84
CA ARG A 326 -47.08 -8.58 2.83
C ARG A 326 -47.70 -8.55 4.18
N ARG A 327 -47.02 -9.23 5.11
CA ARG A 327 -47.52 -9.44 6.47
C ARG A 327 -46.81 -8.45 7.34
N TYR A 328 -47.29 -8.28 8.57
CA TYR A 328 -46.80 -7.23 9.46
C TYR A 328 -46.55 -7.77 10.84
N GLN A 329 -45.61 -7.15 11.54
CA GLN A 329 -45.08 -7.67 12.81
C GLN A 329 -45.77 -7.04 14.04
N ALA A 330 -46.55 -6.00 13.84
CA ALA A 330 -47.36 -5.43 14.90
C ALA A 330 -48.67 -4.96 14.31
N ASP A 331 -49.63 -4.64 15.16
CA ASP A 331 -50.92 -4.21 14.65
C ASP A 331 -51.04 -2.70 14.69
N LEU A 332 -51.68 -2.13 13.68
CA LEU A 332 -51.72 -0.69 13.52
C LEU A 332 -52.96 -0.24 12.77
N ASP A 333 -53.62 0.82 13.22
CA ASP A 333 -54.71 1.36 12.42
C ASP A 333 -54.56 2.87 12.23
N VAL A 334 -54.41 3.30 10.99
CA VAL A 334 -53.89 4.61 10.71
C VAL A 334 -54.29 5.08 9.32
N VAL A 335 -54.26 6.38 9.04
CA VAL A 335 -54.35 6.87 7.65
C VAL A 335 -52.98 7.31 7.19
N LEU A 336 -52.63 6.97 5.97
CA LEU A 336 -51.25 7.13 5.52
C LEU A 336 -51.18 7.91 4.19
N ASP A 337 -50.58 9.11 4.25
CA ASP A 337 -50.46 9.99 3.08
C ASP A 337 -49.11 9.80 2.38
N VAL A 338 -49.16 9.21 1.19
CA VAL A 338 -47.96 8.91 0.42
C VAL A 338 -47.67 9.98 -0.64
N ALA A 339 -46.50 10.59 -0.50
CA ALA A 339 -46.04 11.63 -1.39
C ALA A 339 -45.43 10.89 -2.54
N ASP A 340 -45.75 11.31 -3.76
CA ASP A 340 -45.11 10.76 -4.96
C ASP A 340 -44.74 11.89 -5.88
N GLY A 341 -43.45 12.12 -6.05
CA GLY A 341 -43.06 13.32 -6.78
C GLY A 341 -42.69 13.08 -8.23
N PHE A 342 -43.15 11.96 -8.78
CA PHE A 342 -42.73 11.49 -10.10
C PHE A 342 -43.93 11.00 -10.89
N ARG A 343 -44.84 10.32 -10.20
CA ARG A 343 -46.06 9.81 -10.81
C ARG A 343 -47.18 10.17 -9.88
N SER A 344 -48.28 9.45 -10.00
CA SER A 344 -49.38 9.60 -9.07
C SER A 344 -49.74 8.22 -8.53
N ASP A 345 -48.83 7.65 -7.76
CA ASP A 345 -49.04 6.32 -7.21
C ASP A 345 -49.27 6.44 -5.75
N GLY A 346 -49.05 7.65 -5.26
CA GLY A 346 -49.33 7.93 -3.87
C GLY A 346 -50.78 8.28 -3.66
N GLY A 347 -50.99 9.26 -2.78
CA GLY A 347 -52.31 9.65 -2.31
C GLY A 347 -52.50 9.26 -0.86
N ARG A 348 -53.70 9.42 -0.33
CA ARG A 348 -54.00 8.97 1.03
C ARG A 348 -54.67 7.58 1.04
N PHE A 349 -54.11 6.68 1.82
CA PHE A 349 -54.65 5.34 1.93
C PHE A 349 -55.01 5.12 3.38
N ALA A 350 -55.99 4.27 3.64
CA ALA A 350 -56.27 3.88 5.02
C ALA A 350 -55.63 2.53 5.30
N LEU A 351 -54.53 2.55 6.03
CA LEU A 351 -53.87 1.31 6.39
C LEU A 351 -54.49 0.77 7.66
N GLN A 352 -54.90 -0.49 7.61
CA GLN A 352 -55.50 -1.14 8.77
C GLN A 352 -54.97 -2.55 8.95
N ILE A 353 -54.01 -2.70 9.86
CA ILE A 353 -53.35 -3.97 10.05
C ILE A 353 -53.83 -4.69 11.33
N SER A 354 -54.48 -5.85 11.12
CA SER A 354 -55.29 -6.58 12.10
C SER A 354 -54.79 -8.00 12.19
N GLY A 355 -54.10 -8.38 13.24
CA GLY A 355 -53.54 -9.72 13.28
C GLY A 355 -52.54 -9.93 12.15
N GLY A 356 -51.69 -8.92 11.96
CA GLY A 356 -50.54 -9.01 11.08
C GLY A 356 -50.83 -9.03 9.60
N ARG A 357 -52.08 -8.77 9.22
CA ARG A 357 -52.49 -8.68 7.81
C ARG A 357 -53.13 -7.32 7.59
N ALA A 358 -52.98 -6.75 6.42
CA ALA A 358 -53.51 -5.42 6.21
C ALA A 358 -54.67 -5.32 5.23
N ARG A 359 -55.48 -4.28 5.40
CA ARG A 359 -56.42 -3.85 4.38
C ARG A 359 -56.25 -2.40 4.06
N CYS A 360 -55.69 -2.16 2.88
CA CYS A 360 -55.23 -0.83 2.52
C CYS A 360 -56.18 -0.05 1.61
N THR A 361 -57.15 0.63 2.22
CA THR A 361 -58.22 1.28 1.49
C THR A 361 -57.91 2.71 1.12
N THR A 362 -58.03 3.01 -0.17
CA THR A 362 -58.02 4.39 -0.64
C THR A 362 -59.02 5.29 0.10
N THR A 363 -58.62 6.54 0.37
CA THR A 363 -59.40 7.45 1.24
C THR A 363 -59.22 8.88 0.84
N ASP A 364 -59.96 9.76 1.51
CA ASP A 364 -59.58 11.16 1.61
C ASP A 364 -60.07 11.66 2.94
N ALA A 365 -59.81 10.87 3.96
CA ALA A 365 -59.83 11.33 5.32
C ALA A 365 -58.53 12.12 5.59
N PRO A 366 -58.42 12.83 6.73
CA PRO A 366 -57.13 13.46 6.96
C PRO A 366 -56.08 12.39 7.23
N ALA A 367 -54.79 12.73 7.20
CA ALA A 367 -53.74 11.72 7.41
C ALA A 367 -53.17 11.71 8.85
N ASP A 368 -52.61 10.56 9.24
CA ASP A 368 -51.94 10.43 10.53
C ASP A 368 -50.45 10.46 10.32
N ILE A 369 -50.05 10.01 9.14
CA ILE A 369 -48.66 9.83 8.83
C ILE A 369 -48.45 10.23 7.38
N GLU A 370 -47.50 11.16 7.15
CA GLU A 370 -47.05 11.48 5.80
C GLU A 370 -45.73 10.74 5.48
N ILE A 371 -45.65 10.14 4.31
CA ILE A 371 -44.48 9.33 3.97
C ILE A 371 -44.16 9.48 2.50
N ASP A 372 -42.88 9.66 2.20
CA ASP A 372 -42.45 9.75 0.84
C ASP A 372 -42.38 8.34 0.30
N LEU A 373 -42.83 8.21 -0.93
CA LEU A 373 -42.90 6.94 -1.64
C LEU A 373 -41.59 6.14 -1.65
N ASP A 374 -40.47 6.85 -1.59
CA ASP A 374 -39.19 6.18 -1.59
C ASP A 374 -38.96 5.55 -0.23
N VAL A 375 -39.57 6.07 0.83
CA VAL A 375 -39.23 5.54 2.16
C VAL A 375 -40.21 4.42 2.49
N LEU A 376 -41.39 4.48 1.86
CA LEU A 376 -42.34 3.36 1.94
C LEU A 376 -41.77 2.20 1.19
N GLY A 377 -41.19 2.52 0.05
CA GLY A 377 -40.39 1.54 -0.65
C GLY A 377 -39.41 0.79 0.26
N GLY A 378 -38.64 1.53 1.06
CA GLY A 378 -37.48 0.97 1.72
C GLY A 378 -37.78 0.12 2.93
N LEU A 379 -38.73 0.63 3.74
CA LEU A 379 -39.20 -0.04 4.95
C LEU A 379 -39.70 -1.42 4.63
N TYR A 380 -40.10 -1.58 3.37
CA TYR A 380 -41.01 -2.61 2.93
C TYR A 380 -40.57 -4.06 3.11
N LEU A 381 -39.27 -4.33 3.20
CA LEU A 381 -38.88 -5.72 3.47
C LEU A 381 -38.34 -5.77 4.88
N GLY A 382 -38.73 -4.74 5.63
CA GLY A 382 -38.50 -4.66 7.06
C GLY A 382 -37.06 -4.37 7.47
N ALA A 383 -36.31 -3.71 6.58
CA ALA A 383 -34.88 -3.58 6.83
C ALA A 383 -34.51 -2.29 7.57
N HIS A 384 -35.45 -1.40 7.81
CA HIS A 384 -35.10 -0.11 8.35
C HIS A 384 -35.86 0.16 9.62
N ARG A 385 -35.52 1.27 10.26
CA ARG A 385 -36.26 1.84 11.38
C ARG A 385 -36.74 3.24 11.05
N VAL A 386 -37.91 3.61 11.55
CA VAL A 386 -38.45 4.94 11.26
C VAL A 386 -37.52 6.03 11.78
N ASP A 387 -36.69 5.67 12.73
CA ASP A 387 -35.74 6.57 13.33
C ASP A 387 -35.02 7.50 12.35
N GLY A 388 -34.40 6.93 11.34
CA GLY A 388 -33.64 7.78 10.44
C GLY A 388 -34.54 8.65 9.61
N PHE A 389 -35.57 8.00 9.05
CA PHE A 389 -36.50 8.68 8.16
C PHE A 389 -37.28 9.79 8.86
N ALA A 390 -37.74 9.51 10.08
CA ALA A 390 -38.53 10.46 10.83
C ALA A 390 -37.70 11.69 11.14
N ALA A 391 -36.51 11.45 11.69
CA ALA A 391 -35.53 12.49 12.06
C ALA A 391 -35.06 13.28 10.87
N ALA A 392 -35.33 12.76 9.69
CA ALA A 392 -34.98 13.46 8.49
C ALA A 392 -36.20 14.10 7.81
N ASN A 393 -37.34 14.13 8.48
CA ASN A 393 -38.64 14.55 7.89
C ASN A 393 -38.93 14.02 6.50
N ARG A 394 -38.82 12.69 6.34
CA ARG A 394 -39.33 11.98 5.18
C ARG A 394 -40.48 11.08 5.69
N LEU A 395 -40.79 11.25 6.95
CA LEU A 395 -41.71 10.41 7.64
C LEU A 395 -42.25 11.28 8.75
N ARG A 396 -43.45 11.81 8.54
CA ARG A 396 -43.95 12.84 9.42
C ARG A 396 -45.16 12.38 10.23
N SER A 397 -45.19 12.72 11.52
CA SER A 397 -46.46 12.70 12.24
C SER A 397 -46.46 13.60 13.46
N LYS A 398 -47.58 14.30 13.69
CA LYS A 398 -47.81 15.05 14.93
C LYS A 398 -47.68 14.10 16.15
N ASP A 399 -47.76 12.81 15.89
CA ASP A 399 -47.87 11.79 16.94
C ASP A 399 -46.68 10.85 17.02
N SER A 400 -45.62 11.31 17.68
CA SER A 400 -44.38 10.54 17.83
C SER A 400 -44.54 9.03 18.05
N GLU A 401 -45.39 8.65 19.02
CA GLU A 401 -45.62 7.24 19.38
C GLU A 401 -46.25 6.36 18.28
N LEU A 402 -47.27 6.89 17.62
CA LEU A 402 -47.88 6.25 16.46
C LEU A 402 -46.83 5.89 15.39
N LEU A 403 -45.93 6.82 15.10
CA LEU A 403 -44.82 6.61 14.15
C LEU A 403 -43.85 5.47 14.59
N GLN A 404 -43.75 5.24 15.89
CA GLN A 404 -43.02 4.08 16.39
C GLN A 404 -43.82 2.79 16.17
N GLN A 405 -45.15 2.86 16.33
CA GLN A 405 -46.02 1.73 16.10
C GLN A 405 -45.87 1.26 14.64
N PHE A 406 -46.05 2.22 13.74
CA PHE A 406 -45.89 2.07 12.30
C PHE A 406 -44.61 1.34 11.92
N GLY A 407 -43.52 1.68 12.59
CA GLY A 407 -42.27 1.04 12.24
C GLY A 407 -42.23 -0.39 12.71
N ALA A 408 -42.80 -0.63 13.89
CA ALA A 408 -42.81 -1.97 14.48
C ALA A 408 -43.65 -2.89 13.61
N ALA A 409 -44.78 -2.36 13.15
CA ALA A 409 -45.67 -3.10 12.26
C ALA A 409 -44.98 -3.48 10.98
N PHE A 410 -44.17 -2.56 10.44
CA PHE A 410 -43.48 -2.77 9.17
C PHE A 410 -42.15 -3.52 9.30
N ALA A 411 -41.69 -3.72 10.52
CA ALA A 411 -40.45 -4.45 10.73
C ALA A 411 -40.59 -5.88 10.18
N GLY A 412 -39.46 -6.48 9.85
CA GLY A 412 -39.47 -7.78 9.21
C GLY A 412 -39.52 -8.96 10.16
N ASP A 413 -40.23 -9.99 9.69
CA ASP A 413 -40.20 -11.32 10.30
C ASP A 413 -38.80 -11.88 10.07
N MET A 414 -38.45 -12.19 8.82
CA MET A 414 -37.10 -12.64 8.46
C MET A 414 -36.31 -11.58 7.72
N PRO A 415 -34.98 -11.59 7.93
CA PRO A 415 -34.02 -10.62 7.35
C PRO A 415 -34.04 -10.62 5.84
N ALA A 416 -34.32 -9.52 5.18
CA ALA A 416 -34.36 -9.62 3.72
C ALA A 416 -32.99 -9.89 3.13
N GLU A 417 -32.98 -10.72 2.09
CA GLU A 417 -31.78 -10.97 1.29
C GLU A 417 -32.18 -11.00 -0.16
N LEU A 418 -31.65 -10.12 -0.99
CA LEU A 418 -31.87 -10.27 -2.44
C LEU A 418 -31.19 -11.54 -2.96
N GLY A 419 -31.90 -12.31 -3.78
CA GLY A 419 -31.40 -13.59 -4.27
C GLY A 419 -30.19 -13.50 -5.18
N TYR A 420 -30.24 -12.57 -6.13
CA TYR A 420 -29.13 -12.28 -7.02
C TYR A 420 -29.27 -10.89 -7.57
N GLY A 421 -28.17 -10.37 -8.09
CA GLY A 421 -28.16 -9.04 -8.65
C GLY A 421 -28.52 -9.03 -10.11
N PHE A 422 -29.01 -7.87 -10.55
CA PHE A 422 -29.45 -7.62 -11.91
C PHE A 422 -29.31 -6.10 -12.20
N MET B 21 -4.64 -24.75 43.61
CA MET B 21 -3.49 -24.49 44.49
C MET B 21 -3.04 -23.01 44.54
N ILE B 22 -3.79 -22.09 43.92
CA ILE B 22 -3.50 -20.63 44.05
C ILE B 22 -4.68 -19.83 44.56
N THR B 23 -4.48 -19.09 45.65
CA THR B 23 -5.55 -18.27 46.17
C THR B 23 -5.25 -16.78 46.00
N PRO B 24 -6.23 -16.06 45.40
CA PRO B 24 -6.18 -14.62 45.26
C PRO B 24 -6.61 -13.90 46.54
N ARG B 25 -6.27 -12.61 46.57
CA ARG B 25 -6.37 -11.78 47.77
C ARG B 25 -7.19 -10.55 47.41
N THR B 26 -8.23 -10.25 48.17
CA THR B 26 -8.95 -9.00 47.95
C THR B 26 -8.32 -7.82 48.70
N LEU B 27 -7.92 -6.81 47.96
CA LEU B 27 -7.39 -5.59 48.54
C LEU B 27 -8.51 -4.72 49.05
N HIS B 28 -8.54 -4.48 50.36
CA HIS B 28 -9.60 -3.64 50.91
C HIS B 28 -9.60 -2.25 50.32
N THR B 29 -8.48 -1.87 49.74
CA THR B 29 -8.31 -0.52 49.25
C THR B 29 -7.03 -0.47 48.40
N ILE B 30 -6.98 0.37 47.39
CA ILE B 30 -5.82 0.33 46.49
C ILE B 30 -4.85 1.40 46.87
N THR B 31 -3.69 0.98 47.36
CA THR B 31 -2.67 1.93 47.80
C THR B 31 -1.80 2.44 46.68
N ASP B 32 -0.91 3.36 47.00
CA ASP B 32 0.03 3.85 46.01
C ASP B 32 0.94 2.77 45.48
N ASP B 33 1.31 1.83 46.34
CA ASP B 33 2.20 0.77 45.88
C ASP B 33 1.43 -0.23 45.05
N ASP B 34 0.24 -0.59 45.51
CA ASP B 34 -0.66 -1.40 44.69
C ASP B 34 -0.78 -0.83 43.30
N TRP B 35 -1.24 0.41 43.25
CA TRP B 35 -1.51 1.07 41.99
C TRP B 35 -0.34 1.12 41.08
N THR B 36 0.83 1.29 41.66
CA THR B 36 2.03 1.20 40.86
C THR B 36 2.18 -0.18 40.24
N ARG B 37 2.06 -1.22 41.06
CA ARG B 37 2.05 -2.57 40.54
C ARG B 37 0.96 -2.72 39.48
N ILE B 38 -0.21 -2.18 39.75
CA ILE B 38 -1.34 -2.41 38.89
C ILE B 38 -1.06 -1.72 37.60
N ALA B 39 -0.53 -0.52 37.68
CA ALA B 39 -0.21 0.26 36.49
C ALA B 39 0.83 -0.44 35.61
N LEU B 40 1.88 -0.95 36.27
CA LEU B 40 2.93 -1.66 35.56
C LEU B 40 2.43 -2.89 34.79
N LEU B 41 1.55 -3.70 35.40
CA LEU B 41 1.07 -4.86 34.69
C LEU B 41 0.24 -4.38 33.53
N ALA B 42 -0.67 -3.45 33.81
CA ALA B 42 -1.63 -2.99 32.82
C ALA B 42 -0.95 -2.30 31.65
N ARG B 43 0.30 -1.90 31.82
CA ARG B 43 1.06 -1.31 30.72
C ARG B 43 1.53 -2.42 29.75
N PHE B 44 2.17 -3.43 30.31
CA PHE B 44 2.56 -4.61 29.55
C PHE B 44 1.36 -5.22 28.84
N ALA B 45 0.21 -5.15 29.49
CA ALA B 45 -0.97 -5.88 29.05
C ALA B 45 -1.79 -5.13 28.02
N PHE B 46 -1.85 -3.80 28.10
CA PHE B 46 -2.72 -3.02 27.23
C PHE B 46 -2.00 -2.04 26.30
N GLY B 47 -0.68 -1.96 26.44
CA GLY B 47 0.13 -1.05 25.63
C GLY B 47 0.29 0.24 26.39
N ASP B 48 1.37 0.99 26.11
CA ASP B 48 1.68 2.15 26.93
C ASP B 48 0.43 3.01 27.09
N ILE B 49 0.03 3.04 28.36
CA ILE B 49 -1.35 3.19 28.80
C ILE B 49 -1.68 4.69 28.91
N GLU B 50 -2.81 5.00 29.54
CA GLU B 50 -3.23 6.38 29.74
C GLU B 50 -2.20 7.17 30.56
N PRO B 51 -2.24 8.51 30.50
CA PRO B 51 -1.41 9.33 31.38
C PRO B 51 -1.64 9.05 32.87
N GLU B 52 -0.79 9.60 33.73
CA GLU B 52 -1.00 9.47 35.19
C GLU B 52 -2.42 9.90 35.62
N GLN B 53 -2.91 11.00 35.10
CA GLN B 53 -4.15 11.62 35.56
C GLN B 53 -5.41 10.88 35.12
N THR B 54 -5.33 10.18 33.99
CA THR B 54 -6.47 9.35 33.56
C THR B 54 -6.57 8.20 34.54
N GLN B 55 -5.41 7.56 34.76
CA GLN B 55 -5.30 6.50 35.73
C GLN B 55 -5.86 6.94 37.06
N ALA B 56 -5.62 8.19 37.41
CA ALA B 56 -6.09 8.70 38.68
C ALA B 56 -7.61 8.70 38.78
N ALA B 57 -8.28 9.02 37.68
CA ALA B 57 -9.75 9.01 37.63
C ALA B 57 -10.33 7.59 37.74
N TRP B 58 -9.73 6.62 37.02
CA TRP B 58 -10.18 5.24 37.09
C TRP B 58 -10.07 4.76 38.52
N ARG B 59 -8.95 5.09 39.16
CA ARG B 59 -8.71 4.70 40.54
C ARG B 59 -9.77 5.29 41.44
N SER B 60 -10.12 6.53 41.11
CA SER B 60 -11.13 7.32 41.77
C SER B 60 -12.44 6.61 41.86
N MET B 61 -12.63 5.69 40.93
CA MET B 61 -13.92 5.11 40.68
C MET B 61 -14.09 3.71 41.21
N VAL B 62 -13.04 3.19 41.86
CA VAL B 62 -12.99 1.82 42.40
C VAL B 62 -13.39 1.80 43.84
N PRO B 63 -14.55 1.22 44.14
CA PRO B 63 -14.98 1.18 45.54
C PRO B 63 -14.14 0.23 46.37
N GLU B 64 -14.57 -0.03 47.58
CA GLU B 64 -13.76 -0.74 48.55
C GLU B 64 -14.03 -2.19 48.46
N ASP B 65 -12.98 -2.96 48.71
CA ASP B 65 -13.00 -4.42 48.59
C ASP B 65 -13.40 -4.80 47.18
N ALA B 66 -12.82 -4.11 46.20
CA ALA B 66 -13.25 -4.31 44.83
C ALA B 66 -12.07 -4.69 43.92
N THR B 67 -10.96 -5.04 44.56
CA THR B 67 -9.74 -5.33 43.83
C THR B 67 -9.24 -6.71 44.20
N VAL B 68 -9.01 -7.55 43.21
CA VAL B 68 -8.56 -8.91 43.48
C VAL B 68 -7.25 -9.10 42.77
N VAL B 69 -6.25 -9.55 43.49
CA VAL B 69 -5.00 -9.80 42.82
C VAL B 69 -4.45 -11.15 43.26
N VAL B 70 -3.62 -11.73 42.40
CA VAL B 70 -2.83 -12.88 42.81
C VAL B 70 -1.40 -12.40 43.03
N PRO B 71 -0.99 -12.35 44.31
CA PRO B 71 0.32 -11.79 44.63
C PRO B 71 1.43 -12.65 44.03
N ASP B 72 2.59 -12.05 43.76
CA ASP B 72 3.74 -12.79 43.24
C ASP B 72 4.32 -13.69 44.34
N GLU B 73 4.96 -14.80 43.94
CA GLU B 73 5.53 -15.79 44.90
C GLU B 73 6.25 -15.12 46.04
N THR B 74 6.81 -13.95 45.76
CA THR B 74 7.07 -12.95 46.80
C THR B 74 6.71 -11.55 46.23
N ASP B 75 5.96 -10.77 47.02
CA ASP B 75 5.27 -9.56 46.54
C ASP B 75 6.21 -8.37 46.18
N ASP B 76 6.45 -8.18 44.89
CA ASP B 76 7.13 -6.97 44.39
C ASP B 76 6.18 -6.21 43.47
N ALA B 77 5.86 -6.84 42.32
CA ALA B 77 4.65 -6.58 41.51
C ALA B 77 3.75 -7.86 41.48
N PHE B 78 2.61 -7.82 40.80
CA PHE B 78 1.66 -8.94 40.88
C PHE B 78 1.82 -9.94 39.75
N VAL B 79 1.23 -11.12 39.89
CA VAL B 79 1.20 -12.00 38.73
C VAL B 79 -0.17 -11.88 38.10
N GLY B 80 -1.18 -11.53 38.89
CA GLY B 80 -2.55 -11.44 38.40
C GLY B 80 -3.27 -10.28 39.07
N GLN B 81 -4.12 -9.58 38.33
CA GLN B 81 -4.82 -8.43 38.86
C GLN B 81 -6.22 -8.32 38.22
N SER B 82 -7.17 -7.80 38.98
CA SER B 82 -8.52 -7.53 38.46
C SER B 82 -9.24 -6.60 39.42
N LEU B 83 -10.06 -5.69 38.94
CA LEU B 83 -10.84 -4.87 39.87
C LEU B 83 -12.12 -4.51 39.20
N TYR B 84 -13.04 -3.85 39.88
CA TYR B 84 -14.22 -3.39 39.15
C TYR B 84 -14.57 -1.94 39.48
N LEU B 85 -15.20 -1.29 38.53
CA LEU B 85 -15.52 0.10 38.74
C LEU B 85 -16.90 0.22 39.31
N ASP B 86 -17.10 1.19 40.20
CA ASP B 86 -18.46 1.56 40.52
C ASP B 86 -19.07 2.35 39.41
N MET B 87 -20.11 1.82 38.75
CA MET B 87 -20.64 2.50 37.59
C MET B 87 -22.14 2.59 37.57
N GLN B 88 -22.68 3.40 36.65
CA GLN B 88 -24.13 3.46 36.54
C GLN B 88 -24.59 3.50 35.12
N LEU B 89 -25.21 2.38 34.74
CA LEU B 89 -25.66 2.09 33.39
C LEU B 89 -27.12 2.39 33.28
N THR B 90 -27.53 2.83 32.10
CA THR B 90 -28.92 3.07 31.78
C THR B 90 -29.48 1.86 31.02
N VAL B 91 -30.66 1.36 31.41
CA VAL B 91 -31.26 0.22 30.70
C VAL B 91 -32.49 0.74 29.99
N PRO B 92 -33.09 -0.07 29.08
CA PRO B 92 -34.30 0.39 28.39
C PRO B 92 -35.39 0.87 29.33
N GLY B 93 -36.17 1.81 28.82
CA GLY B 93 -37.21 2.47 29.59
C GLY B 93 -36.64 3.39 30.67
N GLY B 94 -35.37 3.73 30.53
CA GLY B 94 -34.77 4.72 31.39
C GLY B 94 -34.39 4.43 32.84
N GLU B 95 -34.61 3.23 33.36
CA GLU B 95 -34.11 3.02 34.72
C GLU B 95 -32.58 3.03 34.73
N VAL B 96 -31.97 3.55 35.80
CA VAL B 96 -30.52 3.51 35.95
C VAL B 96 -30.14 2.43 36.93
N LEU B 97 -29.22 1.52 36.61
CA LEU B 97 -28.78 0.50 37.59
C LEU B 97 -27.30 0.60 37.98
N PRO B 98 -26.97 0.33 39.24
CA PRO B 98 -25.55 0.33 39.58
C PRO B 98 -24.85 -0.86 38.96
N VAL B 99 -23.81 -0.67 38.17
CA VAL B 99 -23.21 -1.84 37.59
C VAL B 99 -21.73 -1.91 37.93
N ALA B 100 -21.24 -3.15 38.09
CA ALA B 100 -19.84 -3.41 38.34
C ALA B 100 -19.11 -3.53 37.01
N GLY B 101 -18.12 -2.67 36.79
CA GLY B 101 -17.43 -2.65 35.51
C GLY B 101 -16.02 -3.22 35.52
N ILE B 102 -15.87 -4.46 35.08
CA ILE B 102 -14.62 -5.17 35.26
C ILE B 102 -13.49 -4.61 34.36
N SER B 103 -12.55 -3.91 35.00
CA SER B 103 -11.44 -3.25 34.31
C SER B 103 -10.10 -3.70 34.84
N PHE B 104 -9.05 -3.37 34.10
CA PHE B 104 -7.65 -3.64 34.43
C PHE B 104 -7.44 -5.09 34.78
N VAL B 105 -8.20 -5.97 34.13
CA VAL B 105 -7.96 -7.41 34.26
C VAL B 105 -6.77 -7.82 33.44
N ALA B 106 -5.84 -8.55 34.04
CA ALA B 106 -4.64 -8.89 33.31
C ALA B 106 -3.81 -9.91 34.04
N VAL B 107 -3.28 -10.89 33.31
CA VAL B 107 -2.37 -11.86 33.92
C VAL B 107 -1.01 -11.72 33.30
N ALA B 108 0.00 -11.63 34.14
CA ALA B 108 1.30 -11.21 33.68
C ALA B 108 1.89 -12.21 32.74
N PRO B 109 2.48 -11.86 31.63
CA PRO B 109 2.62 -12.80 30.55
C PRO B 109 3.33 -14.00 31.08
N THR B 110 4.02 -13.77 32.16
CA THR B 110 4.78 -14.80 32.86
C THR B 110 3.92 -15.84 33.71
N HIS B 111 2.65 -15.53 33.88
CA HIS B 111 1.77 -16.54 34.39
C HIS B 111 0.45 -16.72 33.62
N ARG B 112 0.36 -16.31 32.35
CA ARG B 112 -0.89 -16.56 31.61
C ARG B 112 -1.04 -18.10 31.50
N ARG B 113 0.05 -18.78 31.80
CA ARG B 113 0.04 -20.22 31.76
C ARG B 113 -0.92 -20.90 32.76
N ARG B 114 -0.99 -20.44 34.00
CA ARG B 114 -1.59 -21.27 35.04
C ARG B 114 -2.86 -20.76 35.74
N GLY B 115 -3.95 -20.78 35.01
CA GLY B 115 -5.33 -20.67 35.53
C GLY B 115 -5.59 -19.58 36.56
N VAL B 116 -4.67 -18.62 36.65
CA VAL B 116 -4.89 -17.41 37.45
C VAL B 116 -6.21 -16.72 37.11
N LEU B 117 -6.50 -16.57 35.83
CA LEU B 117 -7.66 -15.80 35.44
C LEU B 117 -8.95 -16.31 36.09
N ARG B 118 -9.13 -17.63 36.18
CA ARG B 118 -10.41 -18.12 36.68
C ARG B 118 -10.43 -17.87 38.17
N ALA B 119 -9.29 -18.07 38.80
CA ALA B 119 -9.21 -17.76 40.22
C ALA B 119 -9.73 -16.36 40.56
N MET B 120 -9.21 -15.36 39.88
CA MET B 120 -9.56 -13.99 40.19
C MET B 120 -11.03 -13.80 39.88
N TYR B 121 -11.46 -14.25 38.72
CA TYR B 121 -12.83 -13.99 38.29
C TYR B 121 -13.79 -14.53 39.33
N THR B 122 -13.47 -15.69 39.90
CA THR B 122 -14.38 -16.30 40.85
C THR B 122 -14.55 -15.41 42.07
N GLU B 123 -13.43 -14.94 42.58
CA GLU B 123 -13.38 -14.13 43.78
C GLU B 123 -13.98 -12.74 43.50
N LEU B 124 -13.56 -12.13 42.41
CA LEU B 124 -13.98 -10.79 42.08
C LEU B 124 -15.47 -10.77 41.88
N HIS B 125 -16.01 -11.80 41.24
CA HIS B 125 -17.45 -11.84 40.98
C HIS B 125 -18.24 -12.11 42.26
N ASP B 126 -17.67 -12.93 43.16
CA ASP B 126 -18.18 -13.11 44.53
C ASP B 126 -18.31 -11.77 45.18
N ARG B 127 -17.24 -11.00 45.09
CA ARG B 127 -17.27 -9.68 45.66
C ARG B 127 -18.43 -8.86 45.08
N ILE B 128 -18.58 -8.92 43.76
CA ILE B 128 -19.54 -8.11 43.05
C ILE B 128 -20.96 -8.43 43.49
N ALA B 129 -21.23 -9.68 43.86
CA ALA B 129 -22.58 -10.06 44.28
C ALA B 129 -22.83 -9.70 45.73
N ARG B 130 -21.85 -9.96 46.60
CA ARG B 130 -21.88 -9.49 48.00
C ARG B 130 -22.19 -7.99 48.07
N ALA B 131 -21.90 -7.25 47.00
CA ALA B 131 -22.11 -5.80 47.02
C ALA B 131 -23.46 -5.31 46.46
N GLY B 132 -24.24 -6.18 45.81
CA GLY B 132 -25.59 -5.82 45.36
C GLY B 132 -25.87 -5.67 43.86
N TYR B 133 -24.81 -5.45 43.09
CA TYR B 133 -24.92 -5.16 41.68
C TYR B 133 -25.74 -6.20 40.96
N PRO B 134 -26.71 -5.73 40.15
CA PRO B 134 -27.50 -6.55 39.23
C PRO B 134 -26.81 -6.87 37.90
N LEU B 135 -25.70 -6.22 37.58
CA LEU B 135 -25.00 -6.37 36.30
C LEU B 135 -23.51 -6.19 36.45
N ALA B 136 -22.74 -6.97 35.70
CA ALA B 136 -21.31 -6.72 35.54
C ALA B 136 -21.06 -6.34 34.10
N VAL B 137 -20.13 -5.44 33.86
CA VAL B 137 -19.95 -4.96 32.50
C VAL B 137 -18.49 -4.77 32.15
N LEU B 138 -18.16 -4.83 30.87
CA LEU B 138 -16.79 -4.65 30.46
C LEU B 138 -16.71 -4.42 29.00
N THR B 139 -15.57 -3.96 28.52
CA THR B 139 -15.33 -3.91 27.10
C THR B 139 -14.24 -4.93 26.86
N ALA B 140 -14.11 -5.44 25.64
CA ALA B 140 -13.21 -6.58 25.44
C ALA B 140 -11.76 -6.18 25.27
N SER B 141 -10.93 -6.92 26.01
CA SER B 141 -9.50 -6.89 25.83
C SER B 141 -9.12 -8.00 24.89
N GLU B 142 -8.18 -7.72 24.00
CA GLU B 142 -7.57 -8.77 23.18
C GLU B 142 -7.05 -9.92 24.07
N GLY B 143 -7.49 -11.16 23.79
CA GLY B 143 -6.96 -12.31 24.52
C GLY B 143 -7.90 -12.85 25.59
N GLY B 144 -8.96 -12.09 25.87
CA GLY B 144 -9.88 -12.46 26.92
C GLY B 144 -10.89 -13.45 26.42
N ILE B 145 -11.15 -14.47 27.22
CA ILE B 145 -12.28 -15.36 26.98
C ILE B 145 -13.38 -14.75 27.86
N TYR B 146 -14.63 -14.75 27.38
CA TYR B 146 -15.66 -13.93 28.05
C TYR B 146 -17.07 -14.53 28.24
N GLY B 147 -17.49 -15.38 27.31
CA GLY B 147 -18.86 -15.87 27.34
C GLY B 147 -18.88 -17.05 28.28
N ARG B 148 -17.72 -17.68 28.39
CA ARG B 148 -17.45 -18.72 29.38
C ARG B 148 -18.00 -18.33 30.73
N PHE B 149 -17.89 -17.04 31.04
CA PHE B 149 -18.28 -16.52 32.32
C PHE B 149 -19.64 -15.88 32.27
N GLY B 150 -20.13 -15.51 31.10
CA GLY B 150 -21.54 -15.16 31.02
C GLY B 150 -21.76 -13.78 30.49
N TYR B 151 -20.66 -13.26 29.95
CA TYR B 151 -20.69 -11.99 29.29
C TYR B 151 -21.00 -12.24 27.85
N GLY B 152 -21.89 -11.40 27.35
CA GLY B 152 -22.32 -11.45 25.98
C GLY B 152 -22.24 -10.04 25.49
N VAL B 153 -22.06 -9.89 24.18
CA VAL B 153 -21.98 -8.57 23.56
C VAL B 153 -23.31 -7.89 23.57
N ALA B 154 -23.37 -6.71 24.20
CA ALA B 154 -24.67 -6.14 24.49
C ALA B 154 -24.96 -4.85 23.73
N THR B 155 -23.94 -4.18 23.17
CA THR B 155 -24.13 -3.04 22.25
C THR B 155 -23.09 -3.00 21.14
N ILE B 156 -23.36 -2.24 20.08
CA ILE B 156 -22.54 -2.31 18.85
C ILE B 156 -22.10 -0.93 18.34
N GLU B 157 -20.90 -0.84 17.78
CA GLU B 157 -20.45 0.38 17.07
C GLU B 157 -20.26 0.15 15.57
N GLN B 158 -20.91 0.98 14.76
CA GLN B 158 -20.74 0.94 13.30
C GLN B 158 -19.77 2.04 12.88
N HIS B 159 -18.79 1.79 12.04
CA HIS B 159 -17.95 2.92 11.68
C HIS B 159 -18.43 3.51 10.37
N VAL B 160 -19.18 4.57 10.51
CA VAL B 160 -19.75 5.32 9.39
C VAL B 160 -18.72 6.28 8.82
N SER B 161 -18.61 6.43 7.51
CA SER B 161 -17.66 7.41 7.02
C SER B 161 -18.08 8.14 5.73
N VAL B 162 -18.35 9.43 5.87
CA VAL B 162 -18.86 10.27 4.80
C VAL B 162 -17.80 11.08 4.05
N ASP B 163 -17.87 11.05 2.71
CA ASP B 163 -17.04 11.88 1.84
C ASP B 163 -17.65 13.26 1.62
N ARG B 164 -17.07 14.28 2.28
CA ARG B 164 -17.74 15.58 2.41
C ARG B 164 -18.10 16.17 1.07
N ARG B 165 -17.20 16.05 0.11
CA ARG B 165 -17.30 16.86 -1.09
C ARG B 165 -18.41 16.33 -1.99
N LEU B 166 -18.84 15.10 -1.70
CA LEU B 166 -19.88 14.46 -2.51
C LEU B 166 -21.18 14.25 -1.76
N ALA B 167 -21.12 14.33 -0.44
CA ALA B 167 -22.32 14.25 0.38
C ALA B 167 -23.29 15.38 0.05
N GLN B 168 -24.52 15.23 0.49
CA GLN B 168 -25.58 16.19 0.20
C GLN B 168 -26.82 15.94 1.02
N PHE B 169 -27.27 16.94 1.76
CA PHE B 169 -28.37 16.68 2.66
C PHE B 169 -29.66 16.58 1.87
N HIS B 170 -30.55 15.75 2.37
CA HIS B 170 -31.86 15.70 1.82
C HIS B 170 -32.59 17.02 1.99
N PRO B 171 -33.24 17.45 0.92
CA PRO B 171 -34.13 18.60 0.85
C PRO B 171 -35.09 18.61 2.00
N ALA B 172 -35.55 17.42 2.36
CA ALA B 172 -36.42 17.30 3.51
C ALA B 172 -35.71 17.58 4.83
N ALA B 173 -34.40 17.34 4.89
CA ALA B 173 -33.72 17.29 6.18
C ALA B 173 -33.69 18.65 6.88
N PRO B 174 -33.96 18.67 8.21
CA PRO B 174 -34.01 19.90 9.01
C PRO B 174 -32.70 20.67 8.96
N ASP B 175 -32.74 21.99 8.96
CA ASP B 175 -31.50 22.78 8.93
C ASP B 175 -31.61 23.86 10.02
N PRO B 176 -31.45 23.42 11.27
CA PRO B 176 -31.87 24.18 12.47
C PRO B 176 -30.87 25.22 12.89
N GLY B 177 -29.65 25.14 12.40
CA GLY B 177 -28.57 25.99 12.89
C GLY B 177 -28.41 25.76 14.37
N GLY B 178 -27.87 26.73 15.09
CA GLY B 178 -27.78 26.62 16.53
C GLY B 178 -26.41 26.17 16.93
N VAL B 179 -25.52 26.03 15.95
CA VAL B 179 -24.22 25.49 16.24
C VAL B 179 -23.23 26.58 16.50
N ARG B 180 -22.59 26.46 17.65
CA ARG B 180 -21.50 27.32 18.10
C ARG B 180 -20.14 26.60 17.93
N MET B 181 -19.10 27.30 17.47
CA MET B 181 -17.74 26.73 17.49
C MET B 181 -17.20 26.83 18.89
N LEU B 182 -16.50 25.81 19.37
CA LEU B 182 -16.10 25.77 20.80
C LEU B 182 -14.63 25.48 21.06
N VAL B 183 -14.15 26.06 22.15
CA VAL B 183 -12.98 25.51 22.78
C VAL B 183 -13.59 24.65 23.88
N PRO B 184 -13.18 23.38 23.89
CA PRO B 184 -13.90 22.32 24.60
C PRO B 184 -13.72 22.39 26.10
N ALA B 185 -12.48 22.63 26.54
CA ALA B 185 -12.18 22.68 27.96
C ALA B 185 -12.92 23.81 28.67
N ASP B 186 -13.38 24.78 27.89
CA ASP B 186 -13.95 26.01 28.42
C ASP B 186 -15.45 25.97 28.64
N HIS B 187 -16.13 24.93 28.19
CA HIS B 187 -17.54 24.78 28.59
C HIS B 187 -17.74 23.40 29.16
N ARG B 188 -16.88 23.05 30.12
CA ARG B 188 -16.87 21.71 30.66
C ARG B 188 -18.22 21.41 31.31
N ASP B 189 -18.85 22.39 31.94
CA ASP B 189 -20.05 22.08 32.69
C ASP B 189 -21.21 21.94 31.72
N GLY B 190 -21.23 22.82 30.74
CA GLY B 190 -22.28 22.79 29.75
C GLY B 190 -22.31 21.46 29.04
N LEU B 191 -21.23 21.12 28.33
CA LEU B 191 -21.07 19.83 27.68
C LEU B 191 -21.52 18.72 28.60
N ALA B 192 -21.01 18.77 29.81
CA ALA B 192 -21.16 17.71 30.77
C ALA B 192 -22.62 17.36 31.01
N ASP B 193 -23.51 18.35 31.00
CA ASP B 193 -24.89 17.94 31.25
C ASP B 193 -25.73 17.79 29.96
N ILE B 194 -25.22 18.22 28.82
CA ILE B 194 -25.80 17.75 27.58
C ILE B 194 -25.67 16.24 27.62
N TYR B 195 -24.44 15.79 27.83
CA TYR B 195 -24.18 14.37 27.99
C TYR B 195 -25.04 13.68 29.05
N ASP B 196 -25.35 14.36 30.16
CA ASP B 196 -26.22 13.73 31.17
C ASP B 196 -27.64 13.49 30.65
N ARG B 197 -28.21 14.51 30.01
CA ARG B 197 -29.58 14.44 29.50
C ARG B 197 -29.69 13.32 28.50
N TRP B 198 -28.63 13.16 27.73
CA TRP B 198 -28.45 12.06 26.79
C TRP B 198 -28.41 10.74 27.53
N ARG B 199 -27.47 10.65 28.45
CA ARG B 199 -27.29 9.46 29.26
C ARG B 199 -28.63 8.98 29.82
N ARG B 200 -29.37 9.93 30.37
CA ARG B 200 -30.62 9.62 31.00
C ARG B 200 -31.66 9.01 30.03
N ARG B 201 -31.47 9.24 28.72
CA ARG B 201 -32.42 8.88 27.65
C ARG B 201 -32.07 7.62 26.87
N THR B 202 -30.77 7.35 26.73
CA THR B 202 -30.21 6.30 25.89
C THR B 202 -29.74 5.11 26.71
N PRO B 203 -30.22 3.89 26.37
CA PRO B 203 -29.67 2.67 26.98
C PRO B 203 -28.20 2.51 26.65
N GLY B 204 -27.39 2.28 27.67
CA GLY B 204 -25.97 2.18 27.46
C GLY B 204 -25.28 3.32 28.18
N GLY B 205 -26.04 4.33 28.55
CA GLY B 205 -25.44 5.48 29.17
C GLY B 205 -24.75 5.19 30.49
N LEU B 206 -23.44 5.37 30.48
CA LEU B 206 -22.62 5.47 31.70
C LEU B 206 -22.63 6.88 32.30
N VAL B 207 -22.75 6.98 33.60
CA VAL B 207 -22.54 8.27 34.22
C VAL B 207 -21.08 8.61 34.01
N ARG B 208 -20.71 9.88 34.11
CA ARG B 208 -19.34 10.25 33.86
C ARG B 208 -18.94 11.33 34.84
N PRO B 209 -18.26 10.91 35.91
CA PRO B 209 -17.67 11.78 36.93
C PRO B 209 -16.85 12.91 36.29
N ASP B 210 -16.75 14.07 36.93
CA ASP B 210 -16.04 15.19 36.29
C ASP B 210 -14.57 14.83 36.14
N ALA B 211 -14.12 13.89 36.98
CA ALA B 211 -12.77 13.39 36.91
C ALA B 211 -12.47 12.97 35.49
N LEU B 212 -13.41 12.23 34.90
CA LEU B 212 -13.21 11.72 33.55
C LEU B 212 -13.32 12.84 32.53
N TRP B 213 -14.24 13.77 32.73
CA TRP B 213 -14.37 14.91 31.80
C TRP B 213 -13.06 15.66 31.65
N ASP B 214 -12.56 16.13 32.79
CA ASP B 214 -11.39 16.99 32.84
C ASP B 214 -10.17 16.32 32.25
N ASP B 215 -10.25 15.00 32.14
CA ASP B 215 -9.19 14.22 31.59
C ASP B 215 -9.23 14.27 30.05
N LEU B 216 -10.46 14.25 29.55
CA LEU B 216 -10.73 14.18 28.11
C LEU B 216 -10.52 15.54 27.45
N LEU B 217 -11.04 16.58 28.09
CA LEU B 217 -11.00 17.93 27.54
C LEU B 217 -9.65 18.56 27.81
N ALA B 218 -8.93 17.99 28.77
CA ALA B 218 -7.53 18.31 28.98
C ALA B 218 -6.83 18.10 27.67
N ASP B 219 -7.31 17.11 26.90
CA ASP B 219 -6.89 16.93 25.51
C ASP B 219 -5.36 16.73 25.48
N ARG B 220 -4.91 15.75 26.24
CA ARG B 220 -3.49 15.46 26.36
C ARG B 220 -2.93 14.70 25.18
N PRO B 221 -1.68 14.96 24.85
CA PRO B 221 -1.08 14.47 23.62
C PRO B 221 -1.05 12.95 23.52
N GLU B 222 -0.85 12.29 24.63
CA GLU B 222 -0.85 10.83 24.62
C GLU B 222 -2.26 10.25 24.45
N SER B 223 -3.22 10.86 25.11
CA SER B 223 -4.61 10.39 25.12
C SER B 223 -5.41 11.02 23.96
N ARG B 224 -4.73 11.83 23.15
CA ARG B 224 -5.23 12.26 21.86
C ARG B 224 -5.39 11.05 20.95
N ARG B 225 -4.39 10.19 20.90
CA ARG B 225 -4.53 9.04 20.05
C ARG B 225 -4.78 9.55 18.66
N GLY B 226 -5.83 9.03 18.02
CA GLY B 226 -5.97 9.19 16.58
C GLY B 226 -6.41 10.52 16.00
N GLY B 227 -5.45 11.43 15.96
CA GLY B 227 -5.56 12.76 15.37
C GLY B 227 -4.79 13.92 16.00
N GLY B 228 -5.33 15.13 15.77
CA GLY B 228 -4.63 16.37 16.02
C GLY B 228 -4.85 17.11 17.32
N GLU B 229 -6.03 17.66 17.53
CA GLU B 229 -6.29 18.47 18.74
C GLU B 229 -7.75 18.84 18.80
N LEU B 230 -8.41 18.54 19.89
CA LEU B 230 -9.84 18.51 19.87
C LEU B 230 -10.43 19.81 19.40
N PHE B 231 -11.32 19.71 18.42
CA PHE B 231 -12.26 20.73 18.05
C PHE B 231 -13.62 20.38 18.70
N ALA B 232 -14.49 21.36 18.84
CA ALA B 232 -15.81 21.11 19.41
C ALA B 232 -16.85 21.90 18.64
N PHE B 233 -18.01 21.30 18.42
CA PHE B 233 -19.18 22.04 17.98
C PHE B 233 -20.17 22.00 19.12
N GLY B 234 -20.65 23.16 19.52
CA GLY B 234 -21.59 23.26 20.61
C GLY B 234 -22.99 23.46 20.07
N HIS B 235 -23.98 23.01 20.82
CA HIS B 235 -25.36 23.24 20.46
C HIS B 235 -26.20 23.10 21.69
N GLN B 236 -27.30 23.84 21.74
CA GLN B 236 -28.17 23.87 22.93
C GLN B 236 -28.52 22.45 23.40
N ASP B 237 -28.60 21.48 22.47
CA ASP B 237 -28.94 20.10 22.81
C ASP B 237 -27.96 19.07 22.24
N GLY B 238 -26.71 19.46 22.05
CA GLY B 238 -25.69 18.51 21.61
C GLY B 238 -24.32 19.10 21.38
N TYR B 239 -23.31 18.25 21.39
CA TYR B 239 -21.95 18.68 21.12
C TYR B 239 -21.27 17.73 20.16
N ALA B 240 -20.12 18.09 19.60
CA ALA B 240 -19.35 17.11 18.87
C ALA B 240 -17.88 17.41 19.02
N LEU B 241 -17.13 16.43 19.47
CA LEU B 241 -15.71 16.60 19.68
C LEU B 241 -15.08 15.93 18.52
N TYR B 242 -14.13 16.55 17.84
CA TYR B 242 -13.48 15.84 16.75
C TYR B 242 -12.01 16.19 16.68
N ARG B 243 -11.25 15.44 15.91
CA ARG B 243 -9.83 15.70 15.69
C ARG B 243 -9.58 15.64 14.21
N VAL B 244 -8.75 16.52 13.69
CA VAL B 244 -8.42 16.37 12.28
C VAL B 244 -7.08 15.68 12.21
N ASP B 245 -6.89 14.91 11.17
CA ASP B 245 -5.55 14.48 10.85
C ASP B 245 -5.39 14.33 9.37
N ARG B 246 -4.13 14.28 8.98
CA ARG B 246 -3.74 14.13 7.61
C ARG B 246 -2.69 13.05 7.67
N GLY B 247 -2.63 12.21 6.65
CA GLY B 247 -1.65 11.16 6.54
C GLY B 247 -0.68 11.47 5.42
N PRO B 248 -0.11 10.42 4.80
CA PRO B 248 0.95 10.54 3.78
C PRO B 248 0.48 11.30 2.54
N ASP B 249 -0.82 11.27 2.30
CA ASP B 249 -1.40 11.94 1.15
C ASP B 249 -1.07 13.45 1.05
N GLY B 250 -1.27 14.18 2.14
CA GLY B 250 -1.29 15.63 2.12
C GLY B 250 -2.72 16.17 2.26
N ARG B 251 -3.65 15.30 2.66
CA ARG B 251 -5.09 15.57 2.65
C ARG B 251 -5.73 15.22 3.98
N ARG B 252 -6.68 16.03 4.41
CA ARG B 252 -7.11 15.87 5.79
C ARG B 252 -8.42 15.15 5.90
N SER B 253 -8.72 14.73 7.12
CA SER B 253 -9.98 14.09 7.41
C SER B 253 -10.31 14.21 8.88
N ALA B 254 -11.56 14.55 9.18
CA ALA B 254 -12.01 14.71 10.53
C ALA B 254 -12.40 13.38 11.07
N HIS B 255 -12.05 13.09 12.33
CA HIS B 255 -12.58 11.92 13.04
C HIS B 255 -13.36 12.27 14.31
N VAL B 256 -14.65 11.95 14.35
CA VAL B 256 -15.44 12.32 15.52
C VAL B 256 -15.21 11.43 16.73
N VAL B 257 -14.65 12.07 17.74
CA VAL B 257 -14.35 11.44 19.01
C VAL B 257 -15.61 11.13 19.80
N GLU B 258 -16.59 12.04 19.75
CA GLU B 258 -17.87 11.84 20.43
C GLU B 258 -18.90 12.75 19.79
N LEU B 259 -20.09 12.24 19.51
CA LEU B 259 -21.18 13.14 19.13
C LEU B 259 -22.38 12.81 19.98
N THR B 260 -22.68 13.65 20.96
CA THR B 260 -23.82 13.41 21.82
C THR B 260 -24.94 14.38 21.48
N ALA B 261 -26.13 13.87 21.19
CA ALA B 261 -27.21 14.75 20.79
C ALA B 261 -28.52 14.28 21.36
N VAL B 262 -29.32 15.24 21.83
CA VAL B 262 -30.57 14.93 22.54
C VAL B 262 -31.79 15.10 21.66
N THR B 263 -31.71 16.00 20.69
CA THR B 263 -32.80 16.16 19.74
C THR B 263 -32.32 15.67 18.40
N ALA B 264 -33.23 15.45 17.45
CA ALA B 264 -32.77 15.14 16.12
C ALA B 264 -32.42 16.43 15.47
N ASP B 265 -32.78 17.53 16.13
CA ASP B 265 -32.39 18.85 15.65
C ASP B 265 -30.91 19.08 15.91
N ALA B 266 -30.48 18.77 17.13
CA ALA B 266 -29.07 18.86 17.48
C ALA B 266 -28.23 18.04 16.51
N HIS B 267 -28.70 16.83 16.24
CA HIS B 267 -27.94 15.87 15.47
C HIS B 267 -27.74 16.33 14.01
N ALA B 268 -28.83 16.76 13.39
CA ALA B 268 -28.78 17.26 12.03
C ALA B 268 -27.85 18.47 11.97
N ALA B 269 -28.08 19.40 12.91
CA ALA B 269 -27.32 20.63 13.01
C ALA B 269 -25.83 20.36 13.13
N LEU B 270 -25.48 19.50 14.09
CA LEU B 270 -24.13 19.05 14.32
C LEU B 270 -23.55 18.40 13.08
N TRP B 271 -24.34 17.58 12.41
CA TRP B 271 -23.86 16.87 11.22
C TRP B 271 -23.72 17.79 10.03
N ARG B 272 -24.46 18.88 10.06
CA ARG B 272 -24.37 19.83 8.99
C ARG B 272 -23.07 20.58 9.14
N ALA B 273 -22.80 21.01 10.37
CA ALA B 273 -21.55 21.68 10.71
C ALA B 273 -20.38 20.78 10.33
N LEU B 274 -20.50 19.50 10.72
CA LEU B 274 -19.43 18.55 10.49
C LEU B 274 -19.15 18.45 9.01
N LEU B 275 -20.16 18.19 8.19
CA LEU B 275 -19.89 18.12 6.76
C LEU B 275 -19.73 19.51 6.12
N GLY B 276 -19.35 20.51 6.90
CA GLY B 276 -19.18 21.85 6.37
C GLY B 276 -17.72 22.27 6.26
N LEU B 277 -16.85 21.54 6.97
CA LEU B 277 -15.41 21.80 6.98
C LEU B 277 -14.75 21.59 5.65
N ASP B 278 -14.50 22.67 4.92
CA ASP B 278 -13.88 22.57 3.60
C ASP B 278 -12.52 21.86 3.68
N LEU B 279 -11.81 22.20 4.75
CA LEU B 279 -10.55 21.61 5.14
C LEU B 279 -10.44 20.07 4.98
N ILE B 280 -11.59 19.42 5.05
CA ILE B 280 -11.71 18.01 5.34
C ILE B 280 -12.13 17.18 4.14
N ASP B 281 -11.57 15.97 4.02
CA ASP B 281 -11.99 15.09 2.93
C ASP B 281 -13.16 14.19 3.32
N ARG B 282 -12.92 13.32 4.29
CA ARG B 282 -13.92 12.38 4.80
C ARG B 282 -14.34 12.85 6.18
N VAL B 283 -15.40 12.34 6.77
CA VAL B 283 -15.64 12.56 8.21
C VAL B 283 -15.99 11.21 8.80
N SER B 284 -15.19 10.69 9.71
CA SER B 284 -15.51 9.38 10.23
C SER B 284 -16.17 9.50 11.59
N ILE B 285 -16.98 8.53 11.97
CA ILE B 285 -17.48 8.49 13.33
C ILE B 285 -17.63 7.04 13.76
N GLY B 286 -17.82 6.82 15.06
CA GLY B 286 -18.04 5.50 15.57
C GLY B 286 -19.32 5.60 16.33
N THR B 287 -20.37 5.09 15.73
CA THR B 287 -21.68 5.24 16.32
C THR B 287 -22.54 3.96 16.29
N HIS B 288 -23.79 4.13 16.67
CA HIS B 288 -24.71 3.02 16.81
C HIS B 288 -25.36 2.53 15.55
N PRO B 289 -26.04 1.34 15.73
CA PRO B 289 -26.49 0.73 14.50
C PRO B 289 -27.44 1.52 13.64
N HIS B 290 -28.39 2.26 14.20
CA HIS B 290 -29.35 2.90 13.34
C HIS B 290 -29.34 4.36 13.53
N ASP B 291 -28.32 4.97 12.95
CA ASP B 291 -27.98 6.34 13.11
C ASP B 291 -28.71 7.12 12.07
N PRO B 292 -29.18 8.32 12.41
CA PRO B 292 -29.89 9.07 11.41
C PRO B 292 -29.03 9.51 10.27
N LEU B 293 -27.72 9.58 10.43
CA LEU B 293 -26.95 10.28 9.41
C LEU B 293 -27.25 9.88 7.95
N PRO B 294 -27.29 8.57 7.67
CA PRO B 294 -27.41 8.28 6.24
C PRO B 294 -28.78 8.66 5.70
N TYR B 295 -29.74 8.72 6.61
CA TYR B 295 -31.08 9.01 6.18
C TYR B 295 -31.21 10.49 5.93
N LEU B 296 -30.24 11.26 6.42
CA LEU B 296 -30.24 12.73 6.34
C LEU B 296 -29.83 13.22 4.98
N LEU B 297 -29.23 12.34 4.18
CA LEU B 297 -28.67 12.69 2.88
C LEU B 297 -29.44 12.12 1.69
N THR B 298 -29.27 12.75 0.54
CA THR B 298 -30.11 12.47 -0.61
C THR B 298 -29.89 11.07 -1.10
N ASP B 299 -28.72 10.53 -0.82
CA ASP B 299 -28.43 9.21 -1.29
C ASP B 299 -27.64 8.53 -0.24
N PRO B 300 -28.22 7.48 0.37
CA PRO B 300 -27.69 6.79 1.55
C PRO B 300 -26.33 6.22 1.24
N ARG B 301 -25.96 6.23 -0.05
CA ARG B 301 -24.66 5.79 -0.57
C ARG B 301 -23.50 6.77 -0.27
N GLN B 302 -23.84 8.06 -0.16
CA GLN B 302 -22.89 9.09 0.23
C GLN B 302 -22.20 8.78 1.57
N ALA B 303 -22.95 8.22 2.51
CA ALA B 303 -22.40 7.79 3.79
C ALA B 303 -21.94 6.37 3.60
N GLN B 304 -20.78 6.00 4.14
CA GLN B 304 -20.22 4.68 3.89
C GLN B 304 -19.97 3.89 5.17
N VAL B 305 -20.87 3.00 5.53
CA VAL B 305 -20.73 2.20 6.71
C VAL B 305 -19.72 1.16 6.43
N THR B 306 -18.77 0.94 7.33
CA THR B 306 -17.70 0.04 7.01
C THR B 306 -17.61 -1.16 7.89
N ALA B 307 -17.45 -0.95 9.18
CA ALA B 307 -17.18 -2.01 10.10
C ALA B 307 -18.09 -1.97 11.24
N SER B 308 -18.51 -3.12 11.72
CA SER B 308 -19.40 -3.20 12.87
C SER B 308 -18.68 -4.02 13.92
N ALA B 309 -18.70 -3.59 15.18
CA ALA B 309 -17.99 -4.35 16.20
C ALA B 309 -18.56 -4.28 17.62
N ASP B 310 -18.10 -5.12 18.51
CA ASP B 310 -18.67 -5.21 19.84
C ASP B 310 -18.31 -4.01 20.59
N ASP B 311 -19.10 -3.64 21.56
CA ASP B 311 -18.81 -2.49 22.36
C ASP B 311 -18.81 -2.94 23.77
N LEU B 312 -19.99 -3.20 24.29
CA LEU B 312 -20.20 -3.42 25.69
C LEU B 312 -20.63 -4.81 25.92
N TRP B 313 -20.00 -5.48 26.86
CA TRP B 313 -20.33 -6.83 27.25
C TRP B 313 -20.98 -6.79 28.62
N ILE B 314 -22.03 -7.59 28.81
CA ILE B 314 -22.81 -7.68 30.05
C ILE B 314 -22.86 -9.10 30.61
N ARG B 315 -22.70 -9.24 31.93
CA ARG B 315 -23.08 -10.49 32.61
C ARG B 315 -24.18 -10.23 33.60
N ILE B 316 -25.34 -10.87 33.48
CA ILE B 316 -26.37 -10.57 34.45
C ILE B 316 -26.07 -11.24 35.79
N MET B 317 -25.82 -10.42 36.82
CA MET B 317 -25.46 -10.87 38.15
C MET B 317 -26.65 -11.24 39.03
N ASN B 318 -27.85 -10.90 38.56
CA ASN B 318 -29.08 -11.12 39.29
C ASN B 318 -30.27 -11.04 38.37
N VAL B 319 -30.70 -12.19 37.87
CA VAL B 319 -31.70 -12.19 36.82
C VAL B 319 -32.97 -11.37 37.20
N PRO B 320 -33.63 -11.70 38.35
CA PRO B 320 -34.87 -10.95 38.68
C PRO B 320 -34.64 -9.43 38.88
N ALA B 321 -33.58 -9.08 39.60
CA ALA B 321 -33.22 -7.69 39.72
C ALA B 321 -33.12 -7.06 38.34
N ALA B 322 -32.30 -7.62 37.47
CA ALA B 322 -32.02 -6.96 36.22
C ALA B 322 -33.20 -7.06 35.25
N LEU B 323 -33.92 -8.18 35.31
CA LEU B 323 -35.05 -8.41 34.37
C LEU B 323 -36.21 -7.49 34.69
N GLU B 324 -36.47 -7.27 35.97
CA GLU B 324 -37.52 -6.40 36.42
C GLU B 324 -37.15 -4.93 36.16
N ALA B 325 -35.86 -4.65 36.02
CA ALA B 325 -35.37 -3.27 35.95
C ALA B 325 -35.84 -2.52 34.71
N ARG B 326 -35.57 -3.09 33.53
CA ARG B 326 -35.93 -2.48 32.25
C ARG B 326 -37.38 -2.66 31.94
N ARG B 327 -37.73 -2.21 30.74
CA ARG B 327 -39.11 -2.30 30.25
C ARG B 327 -39.04 -3.02 28.91
N TYR B 328 -40.17 -3.51 28.41
CA TYR B 328 -40.12 -4.38 27.24
C TYR B 328 -41.01 -3.89 26.13
N GLN B 329 -41.22 -4.73 25.14
CA GLN B 329 -41.77 -4.25 23.88
C GLN B 329 -42.92 -5.07 23.33
N ALA B 330 -43.09 -6.27 23.85
CA ALA B 330 -44.33 -7.01 23.66
C ALA B 330 -44.72 -7.49 25.03
N ASP B 331 -45.83 -8.17 25.14
CA ASP B 331 -46.06 -8.87 26.39
C ASP B 331 -45.43 -10.24 26.24
N LEU B 332 -45.52 -11.05 27.29
CA LEU B 332 -44.83 -12.33 27.37
C LEU B 332 -45.17 -13.00 28.68
N ASP B 333 -45.57 -14.25 28.63
CA ASP B 333 -45.59 -15.05 29.81
C ASP B 333 -44.86 -16.31 29.48
N VAL B 334 -43.81 -16.61 30.24
CA VAL B 334 -43.00 -17.76 29.94
C VAL B 334 -42.26 -18.19 31.19
N VAL B 335 -41.77 -19.42 31.24
CA VAL B 335 -40.90 -19.82 32.32
C VAL B 335 -39.59 -20.04 31.66
N LEU B 336 -38.57 -19.42 32.20
CA LEU B 336 -37.27 -19.29 31.60
C LEU B 336 -36.29 -20.04 32.49
N ASP B 337 -35.62 -21.06 31.96
CA ASP B 337 -34.47 -21.64 32.65
C ASP B 337 -33.19 -20.95 32.14
N VAL B 338 -32.39 -20.41 33.05
CA VAL B 338 -31.23 -19.60 32.66
C VAL B 338 -29.94 -20.29 33.06
N ALA B 339 -29.20 -20.76 32.07
CA ALA B 339 -28.05 -21.60 32.31
C ALA B 339 -26.71 -20.86 32.60
N ASP B 340 -26.27 -20.87 33.86
CA ASP B 340 -24.92 -20.36 34.19
C ASP B 340 -23.98 -21.51 34.52
N GLY B 341 -22.77 -21.46 33.99
CA GLY B 341 -21.85 -22.54 34.20
C GLY B 341 -20.58 -22.06 34.85
N PHE B 342 -20.68 -20.89 35.45
CA PHE B 342 -19.57 -20.31 36.13
C PHE B 342 -19.97 -20.12 37.58
N ARG B 343 -21.01 -19.32 37.82
CA ARG B 343 -21.54 -19.19 39.18
C ARG B 343 -22.86 -19.96 39.24
N SER B 344 -23.74 -19.56 40.15
CA SER B 344 -25.05 -20.17 40.18
C SER B 344 -26.08 -19.09 40.22
N ASP B 345 -26.05 -18.24 39.21
CA ASP B 345 -26.97 -17.12 39.09
C ASP B 345 -28.04 -17.59 38.15
N GLY B 346 -28.11 -18.91 38.03
CA GLY B 346 -28.89 -19.58 37.00
C GLY B 346 -30.32 -19.76 37.39
N GLY B 347 -30.89 -20.92 37.02
CA GLY B 347 -32.18 -21.39 37.52
C GLY B 347 -33.44 -21.08 36.74
N ARG B 348 -34.57 -21.65 37.16
CA ARG B 348 -35.83 -21.45 36.43
C ARG B 348 -36.60 -20.25 37.01
N PHE B 349 -37.06 -19.34 36.15
CA PHE B 349 -37.76 -18.13 36.57
C PHE B 349 -39.05 -18.00 35.84
N ALA B 350 -40.06 -17.46 36.50
CA ALA B 350 -41.28 -17.10 35.80
C ALA B 350 -41.07 -15.72 35.27
N LEU B 351 -41.13 -15.56 33.95
CA LEU B 351 -41.03 -14.22 33.40
C LEU B 351 -42.39 -13.79 32.93
N GLN B 352 -42.93 -12.79 33.60
CA GLN B 352 -44.26 -12.33 33.27
C GLN B 352 -44.21 -10.87 32.86
N ILE B 353 -44.42 -10.60 31.57
CA ILE B 353 -44.33 -9.24 31.09
C ILE B 353 -45.63 -8.72 30.51
N SER B 354 -46.20 -7.70 31.13
CA SER B 354 -47.36 -7.06 30.51
C SER B 354 -47.29 -5.55 30.58
N GLY B 355 -47.67 -4.92 29.48
CA GLY B 355 -47.69 -3.49 29.41
C GLY B 355 -46.30 -3.00 29.70
N GLY B 356 -45.33 -3.69 29.12
CA GLY B 356 -43.95 -3.26 29.25
C GLY B 356 -43.23 -3.72 30.50
N ARG B 357 -43.88 -3.68 31.66
CA ARG B 357 -43.19 -4.02 32.90
C ARG B 357 -43.08 -5.50 33.06
N ALA B 358 -42.00 -5.95 33.70
CA ALA B 358 -41.80 -7.38 33.92
C ALA B 358 -41.73 -7.78 35.39
N ARG B 359 -42.38 -8.90 35.71
CA ARG B 359 -42.29 -9.50 37.03
C ARG B 359 -41.61 -10.84 36.84
N CYS B 360 -40.51 -11.02 37.56
CA CYS B 360 -39.64 -12.18 37.35
C CYS B 360 -39.33 -12.84 38.67
N THR B 361 -39.99 -13.97 38.92
CA THR B 361 -39.87 -14.69 40.18
C THR B 361 -39.20 -16.03 40.00
N THR B 362 -38.54 -16.53 41.03
CA THR B 362 -37.98 -17.88 40.93
C THR B 362 -39.11 -18.96 41.05
N THR B 363 -38.85 -20.18 40.56
CA THR B 363 -39.92 -21.20 40.36
C THR B 363 -39.40 -22.60 40.32
N ASP B 364 -40.30 -23.56 40.47
CA ASP B 364 -39.95 -24.94 40.24
C ASP B 364 -40.65 -25.47 39.00
N ALA B 365 -41.49 -24.63 38.41
CA ALA B 365 -42.25 -25.02 37.25
C ALA B 365 -41.36 -25.54 36.13
N PRO B 366 -41.94 -26.25 35.16
CA PRO B 366 -41.17 -26.67 33.99
C PRO B 366 -40.90 -25.49 33.09
N ALA B 367 -39.69 -25.39 32.54
CA ALA B 367 -39.34 -24.24 31.71
C ALA B 367 -39.88 -24.34 30.29
N ASP B 368 -40.31 -23.20 29.77
CA ASP B 368 -40.68 -23.10 28.36
C ASP B 368 -39.49 -22.85 27.50
N ILE B 369 -38.60 -22.00 27.98
CA ILE B 369 -37.46 -21.53 27.23
C ILE B 369 -36.17 -21.66 28.01
N GLU B 370 -35.22 -22.39 27.48
CA GLU B 370 -33.88 -22.39 28.05
C GLU B 370 -33.05 -21.28 27.41
N ILE B 371 -32.04 -20.78 28.13
CA ILE B 371 -31.26 -19.64 27.65
C ILE B 371 -29.95 -19.64 28.39
N ASP B 372 -28.88 -19.33 27.68
CA ASP B 372 -27.57 -19.36 28.33
C ASP B 372 -27.31 -17.94 28.84
N LEU B 373 -26.86 -17.79 30.09
CA LEU B 373 -26.77 -16.48 30.73
C LEU B 373 -25.97 -15.47 29.91
N ASP B 374 -25.03 -15.95 29.09
CA ASP B 374 -24.24 -15.01 28.31
C ASP B 374 -25.12 -14.46 27.20
N VAL B 375 -26.12 -15.20 26.73
CA VAL B 375 -26.96 -14.61 25.72
C VAL B 375 -28.05 -13.80 26.37
N LEU B 376 -28.44 -14.13 27.60
CA LEU B 376 -29.42 -13.29 28.31
C LEU B 376 -28.85 -11.88 28.45
N GLY B 377 -27.58 -11.82 28.85
CA GLY B 377 -26.82 -10.59 28.92
C GLY B 377 -26.76 -9.82 27.61
N GLY B 378 -26.51 -10.49 26.49
CA GLY B 378 -26.39 -9.80 25.19
C GLY B 378 -27.67 -9.11 24.73
N LEU B 379 -28.78 -9.87 24.84
CA LEU B 379 -30.13 -9.46 24.48
C LEU B 379 -30.63 -8.38 25.40
N TYR B 380 -29.97 -8.20 26.53
CA TYR B 380 -30.48 -7.33 27.57
C TYR B 380 -30.61 -5.86 27.18
N LEU B 381 -29.92 -5.41 26.14
CA LEU B 381 -30.03 -3.98 25.88
C LEU B 381 -30.81 -3.73 24.63
N GLY B 382 -31.32 -4.81 24.04
CA GLY B 382 -32.18 -4.76 22.86
C GLY B 382 -31.44 -4.93 21.54
N ALA B 383 -30.20 -5.41 21.63
CA ALA B 383 -29.23 -5.24 20.56
C ALA B 383 -29.36 -6.27 19.45
N HIS B 384 -29.65 -7.51 19.82
CA HIS B 384 -29.56 -8.56 18.82
C HIS B 384 -30.89 -9.04 18.35
N ARG B 385 -30.85 -10.15 17.63
CA ARG B 385 -32.03 -10.96 17.44
C ARG B 385 -31.81 -12.40 17.89
N VAL B 386 -32.95 -13.01 18.13
CA VAL B 386 -33.02 -14.32 18.68
C VAL B 386 -32.48 -15.32 17.67
N ASP B 387 -32.74 -15.04 16.40
CA ASP B 387 -32.46 -16.00 15.35
C ASP B 387 -31.09 -16.63 15.47
N GLY B 388 -30.09 -15.76 15.69
CA GLY B 388 -28.70 -16.17 15.79
C GLY B 388 -28.44 -17.14 16.93
N PHE B 389 -28.78 -16.77 18.14
CA PHE B 389 -28.54 -17.66 19.26
C PHE B 389 -29.30 -18.97 19.12
N ALA B 390 -30.56 -18.86 18.74
CA ALA B 390 -31.43 -20.02 18.54
C ALA B 390 -30.76 -20.96 17.57
N ALA B 391 -30.26 -20.38 16.48
CA ALA B 391 -29.61 -21.15 15.43
C ALA B 391 -28.43 -21.95 15.94
N ALA B 392 -27.86 -21.54 17.06
CA ALA B 392 -26.62 -22.14 17.59
C ALA B 392 -26.80 -22.90 18.91
N ASN B 393 -28.06 -23.01 19.37
CA ASN B 393 -28.44 -23.73 20.61
C ASN B 393 -27.99 -23.08 21.88
N ARG B 394 -27.75 -21.78 21.83
CA ARG B 394 -27.43 -21.00 23.00
C ARG B 394 -28.74 -20.48 23.58
N LEU B 395 -29.82 -20.84 22.90
CA LEU B 395 -31.17 -20.46 23.27
C LEU B 395 -32.18 -21.40 22.63
N ARG B 396 -32.85 -22.21 23.44
CA ARG B 396 -33.70 -23.28 22.94
C ARG B 396 -35.14 -23.14 23.37
N SER B 397 -36.05 -23.60 22.53
CA SER B 397 -37.42 -23.95 22.93
C SER B 397 -38.03 -24.89 21.93
N LYS B 398 -38.79 -25.86 22.43
CA LYS B 398 -39.56 -26.75 21.54
C LYS B 398 -40.62 -25.94 20.73
N ASP B 399 -41.23 -24.95 21.37
CA ASP B 399 -42.04 -23.92 20.70
C ASP B 399 -41.14 -22.90 20.00
N SER B 400 -41.35 -22.77 18.69
CA SER B 400 -40.48 -21.92 17.88
C SER B 400 -41.00 -20.49 17.78
N GLU B 401 -42.24 -20.23 18.16
CA GLU B 401 -42.71 -18.85 18.10
C GLU B 401 -42.78 -18.26 19.49
N LEU B 402 -42.65 -19.12 20.49
CA LEU B 402 -42.48 -18.64 21.86
C LEU B 402 -41.17 -17.82 21.88
N LEU B 403 -40.11 -18.43 21.37
CA LEU B 403 -38.86 -17.74 21.03
C LEU B 403 -39.06 -16.40 20.29
N GLN B 404 -39.76 -16.43 19.16
CA GLN B 404 -40.01 -15.21 18.40
C GLN B 404 -40.74 -14.15 19.24
N GLN B 405 -41.54 -14.58 20.24
CA GLN B 405 -42.23 -13.61 21.08
C GLN B 405 -41.25 -13.04 22.06
N PHE B 406 -40.58 -13.93 22.80
CA PHE B 406 -39.48 -13.60 23.74
C PHE B 406 -38.54 -12.52 23.19
N GLY B 407 -37.83 -12.87 22.13
CA GLY B 407 -37.08 -11.90 21.38
C GLY B 407 -37.83 -10.60 21.14
N ALA B 408 -39.04 -10.67 20.57
CA ALA B 408 -39.81 -9.48 20.17
C ALA B 408 -40.01 -8.51 21.33
N ALA B 409 -39.89 -9.06 22.52
CA ALA B 409 -40.15 -8.37 23.75
C ALA B 409 -38.90 -7.77 24.33
N PHE B 410 -37.77 -8.44 24.13
CA PHE B 410 -36.50 -7.98 24.67
C PHE B 410 -35.91 -6.88 23.83
N ALA B 411 -36.44 -6.70 22.63
CA ALA B 411 -36.00 -5.67 21.70
C ALA B 411 -36.05 -4.24 22.31
N GLY B 412 -35.36 -3.30 21.68
CA GLY B 412 -35.29 -1.96 22.24
C GLY B 412 -36.13 -1.00 21.44
N ASP B 413 -36.12 0.28 21.82
CA ASP B 413 -36.73 1.29 20.96
C ASP B 413 -35.80 2.51 20.83
N MET B 414 -34.76 2.56 21.67
CA MET B 414 -33.61 3.43 21.44
C MET B 414 -32.40 2.51 21.27
N PRO B 415 -31.77 2.57 20.08
CA PRO B 415 -30.48 1.91 19.88
C PRO B 415 -29.56 2.12 21.05
N ALA B 416 -28.93 1.07 21.55
CA ALA B 416 -28.03 1.21 22.70
C ALA B 416 -26.64 1.65 22.33
N GLU B 417 -26.16 2.62 23.09
CA GLU B 417 -24.85 3.19 22.86
C GLU B 417 -24.08 3.14 24.15
N LEU B 418 -22.97 2.40 24.20
CA LEU B 418 -22.07 2.57 25.34
C LEU B 418 -21.52 4.01 25.48
N GLY B 419 -21.61 4.54 26.70
CA GLY B 419 -21.33 5.95 26.95
C GLY B 419 -19.88 6.30 26.75
N TYR B 420 -19.01 5.47 27.32
CA TYR B 420 -17.55 5.52 27.09
C TYR B 420 -16.94 4.17 27.46
N GLY B 421 -15.71 3.89 27.00
CA GLY B 421 -15.01 2.65 27.32
C GLY B 421 -14.21 2.67 28.62
N PHE B 422 -13.74 1.51 29.05
CA PHE B 422 -13.03 1.39 30.34
C PHE B 422 -12.35 0.03 30.55
N MET C 21 45.77 20.79 -1.85
CA MET C 21 44.41 20.87 -1.31
C MET C 21 44.22 20.09 0.00
N ILE C 22 44.14 18.76 -0.04
CA ILE C 22 43.73 18.06 1.17
C ILE C 22 44.89 17.62 2.09
N THR C 23 44.90 18.11 3.33
CA THR C 23 45.89 17.60 4.30
C THR C 23 45.28 17.45 5.72
N PRO C 24 44.83 16.21 6.02
CA PRO C 24 44.19 15.85 7.29
C PRO C 24 45.13 16.01 8.46
N ARG C 25 44.63 16.52 9.58
CA ARG C 25 45.40 16.56 10.81
C ARG C 25 44.67 15.72 11.87
N THR C 26 45.43 15.17 12.83
CA THR C 26 44.90 14.23 13.82
C THR C 26 44.76 14.78 15.24
N LEU C 27 43.57 15.22 15.60
CA LEU C 27 43.32 15.81 16.91
C LEU C 27 43.87 15.00 18.11
N HIS C 28 44.62 15.65 19.02
CA HIS C 28 45.18 14.92 20.17
C HIS C 28 44.11 14.58 21.18
N THR C 29 43.24 15.55 21.45
CA THR C 29 41.97 15.28 22.14
C THR C 29 40.83 16.13 21.56
N ILE C 30 39.60 15.76 21.89
CA ILE C 30 38.47 16.51 21.36
C ILE C 30 38.05 17.58 22.37
N THR C 31 38.15 18.83 21.91
CA THR C 31 37.76 19.99 22.69
C THR C 31 36.31 20.33 22.37
N ASP C 32 35.62 20.99 23.29
CA ASP C 32 34.19 21.21 23.16
C ASP C 32 33.85 21.91 21.84
N ASP C 33 34.75 22.79 21.42
CA ASP C 33 34.53 23.53 20.18
C ASP C 33 34.81 22.61 18.96
N ASP C 34 35.67 21.61 19.16
CA ASP C 34 35.94 20.63 18.14
C ASP C 34 34.75 19.68 17.97
N TRP C 35 34.13 19.31 19.09
CA TRP C 35 32.96 18.45 19.06
C TRP C 35 31.78 19.09 18.34
N THR C 36 31.61 20.41 18.47
CA THR C 36 30.49 21.08 17.80
C THR C 36 30.70 21.11 16.27
N ARG C 37 31.96 21.17 15.87
CA ARG C 37 32.31 21.10 14.45
C ARG C 37 31.94 19.76 13.85
N ILE C 38 32.17 18.74 14.65
CA ILE C 38 31.88 17.38 14.28
C ILE C 38 30.37 17.13 14.33
N ALA C 39 29.71 17.56 15.40
CA ALA C 39 28.24 17.46 15.49
C ALA C 39 27.57 18.18 14.31
N LEU C 40 28.16 19.30 13.87
CA LEU C 40 27.65 20.06 12.71
C LEU C 40 27.67 19.23 11.42
N LEU C 41 28.87 18.77 11.07
CA LEU C 41 29.10 17.96 9.90
C LEU C 41 28.37 16.63 10.01
N ALA C 42 28.14 16.17 11.23
CA ALA C 42 27.51 14.86 11.43
C ALA C 42 26.05 14.94 11.06
N ARG C 43 25.39 16.03 11.43
CA ARG C 43 23.98 16.24 11.11
C ARG C 43 23.74 16.20 9.61
N PHE C 44 24.58 16.90 8.86
CA PHE C 44 24.44 16.87 7.42
C PHE C 44 24.58 15.45 6.91
N ALA C 45 25.59 14.74 7.39
CA ALA C 45 25.88 13.39 6.93
C ALA C 45 24.99 12.25 7.49
N PHE C 46 24.30 12.47 8.59
CA PHE C 46 23.58 11.38 9.29
C PHE C 46 22.11 11.72 9.67
N GLY C 47 21.75 12.99 9.60
CA GLY C 47 20.39 13.39 9.88
C GLY C 47 20.09 13.76 11.31
N ASP C 48 19.59 12.81 12.08
CA ASP C 48 19.16 13.12 13.43
C ASP C 48 20.41 13.56 14.13
N ILE C 49 20.28 14.55 14.99
CA ILE C 49 21.36 14.85 15.88
C ILE C 49 21.04 14.06 17.12
N GLU C 50 21.88 13.09 17.41
CA GLU C 50 21.63 12.28 18.55
C GLU C 50 21.58 13.23 19.72
N PRO C 51 20.67 13.00 20.62
CA PRO C 51 20.61 13.89 21.79
C PRO C 51 21.96 14.15 22.41
N GLU C 52 22.12 15.31 23.06
CA GLU C 52 23.37 15.68 23.72
C GLU C 52 23.99 14.51 24.43
N GLN C 53 23.20 13.91 25.32
CA GLN C 53 23.67 12.85 26.20
C GLN C 53 24.19 11.62 25.45
N THR C 54 23.67 11.38 24.24
CA THR C 54 24.18 10.33 23.38
C THR C 54 25.59 10.66 22.92
N GLN C 55 25.72 11.84 22.31
CA GLN C 55 26.99 12.29 21.78
C GLN C 55 28.07 12.25 22.83
N ALA C 56 27.75 12.70 24.04
CA ALA C 56 28.73 12.68 25.12
C ALA C 56 29.15 11.27 25.39
N ALA C 57 28.20 10.37 25.20
CA ALA C 57 28.42 8.99 25.49
C ALA C 57 29.48 8.44 24.63
N TRP C 58 29.42 8.74 23.36
CA TRP C 58 30.43 8.33 22.41
C TRP C 58 31.74 9.06 22.58
N ARG C 59 31.67 10.32 22.93
CA ARG C 59 32.87 11.12 23.08
C ARG C 59 33.67 10.42 24.14
N SER C 60 32.95 9.83 25.06
CA SER C 60 33.52 9.22 26.21
C SER C 60 34.43 8.14 25.75
N MET C 61 34.13 7.55 24.61
CA MET C 61 34.79 6.34 24.19
C MET C 61 35.97 6.53 23.30
N VAL C 62 36.28 7.76 22.97
CA VAL C 62 37.25 8.09 21.94
C VAL C 62 38.55 8.35 22.63
N PRO C 63 39.58 7.61 22.30
CA PRO C 63 40.80 7.62 23.06
C PRO C 63 41.66 8.73 22.61
N GLU C 64 42.92 8.71 23.00
CA GLU C 64 43.92 9.69 22.61
C GLU C 64 44.33 9.61 21.15
N ASP C 65 44.42 10.74 20.47
CA ASP C 65 44.97 10.78 19.12
C ASP C 65 44.19 9.81 18.24
N ALA C 66 42.88 9.93 18.35
CA ALA C 66 41.98 8.99 17.68
C ALA C 66 40.99 9.68 16.73
N THR C 67 41.17 11.00 16.53
CA THR C 67 40.30 11.80 15.67
C THR C 67 41.02 12.38 14.49
N VAL C 68 40.48 12.19 13.30
CA VAL C 68 41.15 12.69 12.12
C VAL C 68 40.21 13.56 11.34
N VAL C 69 40.62 14.80 11.08
CA VAL C 69 39.80 15.74 10.31
C VAL C 69 40.54 16.32 9.12
N VAL C 70 39.77 16.90 8.21
CA VAL C 70 40.24 17.87 7.21
C VAL C 70 39.49 19.16 7.48
N PRO C 71 40.22 20.25 7.75
CA PRO C 71 39.53 21.52 7.96
C PRO C 71 39.33 22.23 6.64
N ASP C 72 38.53 23.28 6.58
CA ASP C 72 38.30 24.03 5.34
C ASP C 72 39.20 25.25 5.29
N GLU C 73 39.02 26.09 4.26
CA GLU C 73 39.90 27.24 4.06
C GLU C 73 40.02 28.13 5.30
N THR C 74 38.88 28.54 5.84
CA THR C 74 38.87 29.44 6.97
C THR C 74 39.41 28.79 8.24
N ASP C 75 39.30 27.45 8.33
CA ASP C 75 39.63 26.68 9.54
C ASP C 75 38.63 27.01 10.69
N ASP C 76 37.38 27.26 10.30
CA ASP C 76 36.30 27.41 11.26
C ASP C 76 35.56 26.07 11.49
N ALA C 77 34.99 25.45 10.44
CA ALA C 77 34.35 24.12 10.55
C ALA C 77 35.19 23.01 9.90
N PHE C 78 34.72 21.77 9.95
CA PHE C 78 35.46 20.66 9.33
C PHE C 78 34.79 20.27 8.06
N VAL C 79 35.57 19.83 7.08
CA VAL C 79 34.96 19.32 5.86
C VAL C 79 35.25 17.85 5.60
N GLY C 80 35.57 17.12 6.65
CA GLY C 80 35.85 15.70 6.53
C GLY C 80 36.21 15.29 7.93
N GLN C 81 35.64 14.18 8.42
CA GLN C 81 35.96 13.77 9.77
C GLN C 81 35.97 12.28 9.91
N SER C 82 36.60 11.81 10.97
CA SER C 82 36.66 10.39 11.26
C SER C 82 37.24 10.23 12.66
N LEU C 83 36.83 9.19 13.36
CA LEU C 83 37.45 8.83 14.61
C LEU C 83 37.27 7.35 14.85
N TYR C 84 37.91 6.82 15.88
CA TYR C 84 37.66 5.42 16.27
C TYR C 84 37.44 5.34 17.75
N LEU C 85 36.52 4.47 18.15
CA LEU C 85 36.20 4.30 19.56
C LEU C 85 37.05 3.18 20.10
N ASP C 86 37.59 3.39 21.29
CA ASP C 86 38.35 2.34 21.94
C ASP C 86 37.38 1.26 22.36
N MET C 87 37.51 0.05 21.80
CA MET C 87 36.58 -1.03 22.14
C MET C 87 37.22 -2.36 22.49
N GLN C 88 36.36 -3.37 22.70
CA GLN C 88 36.76 -4.70 23.23
C GLN C 88 36.00 -5.90 22.66
N LEU C 89 36.43 -6.37 21.52
CA LEU C 89 35.70 -7.42 20.82
C LEU C 89 36.02 -8.79 21.38
N THR C 90 35.02 -9.62 21.42
CA THR C 90 35.20 -10.97 21.83
C THR C 90 35.33 -11.82 20.55
N VAL C 91 36.42 -12.57 20.45
CA VAL C 91 36.63 -13.44 19.29
C VAL C 91 36.44 -14.90 19.72
N PRO C 92 36.34 -15.83 18.75
CA PRO C 92 36.29 -17.25 19.04
C PRO C 92 37.27 -17.76 20.13
N GLY C 93 36.71 -18.56 21.03
CA GLY C 93 37.48 -19.15 22.10
C GLY C 93 37.37 -18.31 23.34
N GLY C 94 36.89 -17.10 23.14
CA GLY C 94 36.41 -16.30 24.25
C GLY C 94 37.40 -15.28 24.71
N GLU C 95 38.48 -15.13 23.95
CA GLU C 95 39.47 -14.14 24.29
C GLU C 95 39.03 -12.76 23.81
N VAL C 96 39.12 -11.75 24.68
CA VAL C 96 38.82 -10.37 24.24
C VAL C 96 40.03 -9.56 23.67
N LEU C 97 39.84 -8.90 22.54
CA LEU C 97 40.87 -8.05 21.98
C LEU C 97 40.41 -6.62 22.01
N PRO C 98 41.36 -5.67 22.04
CA PRO C 98 40.99 -4.28 21.83
C PRO C 98 40.88 -4.03 20.34
N VAL C 99 39.76 -3.45 19.93
CA VAL C 99 39.56 -3.18 18.52
C VAL C 99 39.22 -1.70 18.35
N ALA C 100 39.62 -1.13 17.24
CA ALA C 100 39.28 0.25 16.97
C ALA C 100 38.00 0.29 16.15
N GLY C 101 36.96 0.82 16.77
CA GLY C 101 35.70 0.98 16.09
C GLY C 101 35.61 2.29 15.37
N ILE C 102 35.83 2.26 14.08
CA ILE C 102 35.63 3.44 13.28
C ILE C 102 34.23 4.00 13.39
N SER C 103 34.11 5.25 13.80
CA SER C 103 32.80 5.88 13.93
C SER C 103 32.80 7.27 13.34
N PHE C 104 31.61 7.79 13.14
CA PHE C 104 31.39 9.18 12.78
C PHE C 104 32.14 9.65 11.54
N VAL C 105 32.29 8.80 10.54
CA VAL C 105 33.01 9.18 9.33
C VAL C 105 32.16 10.08 8.38
N ALA C 106 32.58 11.31 8.16
CA ALA C 106 31.84 12.21 7.27
C ALA C 106 32.74 12.98 6.31
N VAL C 107 32.13 13.44 5.24
CA VAL C 107 32.74 14.31 4.26
C VAL C 107 31.67 15.31 3.96
N ALA C 108 31.98 16.60 4.00
CA ALA C 108 30.99 17.61 3.61
C ALA C 108 30.45 17.32 2.22
N PRO C 109 29.10 17.26 2.05
CA PRO C 109 28.56 16.92 0.73
C PRO C 109 28.98 17.98 -0.31
N THR C 110 29.41 19.13 0.21
CA THR C 110 30.04 20.18 -0.57
C THR C 110 31.39 19.73 -1.16
N HIS C 111 32.22 19.11 -0.34
CA HIS C 111 33.57 18.74 -0.78
C HIS C 111 33.72 17.28 -1.18
N ARG C 112 32.62 16.54 -1.26
CA ARG C 112 32.69 15.15 -1.72
C ARG C 112 33.25 15.12 -3.15
N ARG C 113 33.75 13.96 -3.57
CA ARG C 113 34.43 13.83 -4.86
C ARG C 113 35.66 14.73 -4.91
N ARG C 114 36.59 14.53 -3.98
CA ARG C 114 37.83 15.31 -3.93
C ARG C 114 38.88 14.46 -3.23
N GLY C 115 38.53 13.22 -2.92
CA GLY C 115 39.49 12.28 -2.35
C GLY C 115 39.73 12.41 -0.86
N VAL C 116 38.92 13.26 -0.24
CA VAL C 116 38.88 13.41 1.20
C VAL C 116 38.82 12.09 1.99
N LEU C 117 37.95 11.18 1.56
CA LEU C 117 37.73 9.96 2.33
C LEU C 117 38.95 9.04 2.33
N ARG C 118 39.55 8.79 1.17
CA ARG C 118 40.74 7.93 1.18
C ARG C 118 41.84 8.58 2.01
N ALA C 119 42.13 9.85 1.80
CA ALA C 119 43.10 10.52 2.63
C ALA C 119 42.84 10.28 4.11
N MET C 120 41.62 10.54 4.56
CA MET C 120 41.28 10.43 5.98
C MET C 120 41.43 9.04 6.55
N TYR C 121 40.97 8.05 5.79
CA TYR C 121 41.10 6.66 6.20
C TYR C 121 42.58 6.31 6.40
N THR C 122 43.42 6.64 5.42
CA THR C 122 44.85 6.26 5.44
C THR C 122 45.56 6.67 6.71
N GLU C 123 45.27 7.88 7.18
CA GLU C 123 45.89 8.38 8.40
C GLU C 123 45.21 7.79 9.62
N LEU C 124 43.89 7.62 9.52
CA LEU C 124 43.14 7.04 10.61
C LEU C 124 43.65 5.63 10.85
N HIS C 125 44.13 5.00 9.78
CA HIS C 125 44.50 3.62 9.94
C HIS C 125 45.94 3.44 10.36
N ASP C 126 46.74 4.50 10.28
CA ASP C 126 48.05 4.48 10.94
C ASP C 126 47.88 4.71 12.42
N ARG C 127 47.06 5.70 12.77
CA ARG C 127 46.77 5.95 14.15
C ARG C 127 46.36 4.64 14.80
N ILE C 128 45.43 3.93 14.16
CA ILE C 128 44.96 2.67 14.70
C ILE C 128 46.12 1.72 14.80
N ALA C 129 46.83 1.54 13.70
CA ALA C 129 47.93 0.60 13.66
C ALA C 129 48.99 0.98 14.71
N ARG C 130 49.50 2.21 14.70
CA ARG C 130 50.48 2.60 15.70
C ARG C 130 49.96 2.51 17.14
N ALA C 131 48.64 2.59 17.32
CA ALA C 131 48.05 2.52 18.65
C ALA C 131 48.24 1.16 19.24
N GLY C 132 48.36 0.16 18.37
CA GLY C 132 48.56 -1.23 18.78
C GLY C 132 47.37 -2.17 18.60
N TYR C 133 46.37 -1.72 17.85
CA TYR C 133 45.18 -2.53 17.64
C TYR C 133 45.41 -3.58 16.55
N PRO C 134 44.99 -4.82 16.81
CA PRO C 134 44.95 -5.90 15.83
C PRO C 134 43.71 -5.91 14.91
N LEU C 135 42.64 -5.17 15.24
CA LEU C 135 41.40 -5.16 14.45
C LEU C 135 40.72 -3.81 14.38
N ALA C 136 40.44 -3.34 13.18
CA ALA C 136 39.46 -2.27 13.08
C ALA C 136 38.09 -2.90 12.79
N VAL C 137 37.04 -2.22 13.23
CA VAL C 137 35.69 -2.72 13.04
C VAL C 137 34.73 -1.57 12.81
N LEU C 138 33.62 -1.84 12.13
CA LEU C 138 32.57 -0.85 11.96
C LEU C 138 31.29 -1.53 11.51
N THR C 139 30.19 -0.80 11.61
CA THR C 139 28.90 -1.20 11.07
C THR C 139 28.68 -0.40 9.79
N ALA C 140 28.47 -1.05 8.66
CA ALA C 140 28.45 -0.32 7.42
C ALA C 140 27.26 0.58 7.27
N SER C 141 27.47 1.66 6.54
CA SER C 141 26.44 2.58 6.20
C SER C 141 26.74 3.17 4.88
N GLU C 142 25.69 3.68 4.28
CA GLU C 142 25.59 4.50 3.06
C GLU C 142 26.33 3.99 1.88
N GLY C 143 27.15 4.81 1.28
CA GLY C 143 27.96 4.35 0.17
C GLY C 143 29.34 4.85 0.41
N GLY C 144 30.00 4.30 1.40
CA GLY C 144 29.71 2.98 1.85
C GLY C 144 30.68 2.08 1.14
N ILE C 145 31.66 2.65 0.46
CA ILE C 145 32.69 1.79 -0.13
C ILE C 145 33.55 1.28 1.03
N TYR C 146 33.66 -0.05 1.18
CA TYR C 146 34.29 -0.68 2.36
C TYR C 146 35.17 -1.87 2.00
N GLY C 147 34.80 -2.58 0.94
CA GLY C 147 35.55 -3.76 0.55
C GLY C 147 37.03 -3.45 0.40
N ARG C 148 37.35 -2.60 -0.58
CA ARG C 148 38.73 -2.34 -0.98
C ARG C 148 39.64 -1.96 0.21
N PHE C 149 39.05 -1.34 1.23
CA PHE C 149 39.81 -0.87 2.38
C PHE C 149 40.18 -1.99 3.32
N GLY C 150 39.78 -3.21 2.98
CA GLY C 150 40.13 -4.39 3.76
C GLY C 150 39.03 -4.94 4.66
N TYR C 151 37.88 -4.26 4.67
CA TYR C 151 36.78 -4.65 5.53
C TYR C 151 35.87 -5.69 4.89
N GLY C 152 35.66 -6.78 5.59
CA GLY C 152 34.72 -7.78 5.14
C GLY C 152 33.63 -7.99 6.19
N VAL C 153 32.45 -8.41 5.72
CA VAL C 153 31.35 -8.75 6.61
C VAL C 153 31.67 -9.97 7.46
N ALA C 154 31.45 -9.77 8.75
CA ALA C 154 32.02 -10.58 9.79
C ALA C 154 30.96 -11.33 10.56
N THR C 155 29.84 -10.65 10.84
CA THR C 155 28.65 -11.25 11.52
C THR C 155 27.35 -10.96 10.75
N ILE C 156 26.33 -11.82 10.90
CA ILE C 156 25.06 -11.67 10.16
C ILE C 156 23.85 -11.44 11.05
N GLU C 157 22.93 -10.59 10.60
CA GLU C 157 21.74 -10.24 11.40
C GLU C 157 20.43 -10.60 10.73
N GLN C 158 19.91 -11.77 11.07
CA GLN C 158 18.71 -12.34 10.48
C GLN C 158 17.45 -11.90 11.20
N HIS C 159 16.51 -11.29 10.46
CA HIS C 159 15.26 -10.84 11.03
CA HIS C 159 15.24 -10.83 11.02
C HIS C 159 14.21 -11.95 11.09
N VAL C 160 13.64 -12.14 12.27
CA VAL C 160 12.63 -13.17 12.52
C VAL C 160 11.36 -12.56 13.08
N SER C 161 10.20 -13.07 12.67
CA SER C 161 8.91 -12.67 13.23
C SER C 161 8.05 -13.88 13.53
N VAL C 162 7.22 -13.77 14.53
CA VAL C 162 6.48 -14.92 14.97
C VAL C 162 5.04 -14.48 15.11
N ASP C 163 4.09 -15.17 14.52
CA ASP C 163 2.75 -14.74 14.76
C ASP C 163 2.36 -15.37 16.03
N ARG C 164 2.19 -14.54 17.02
CA ARG C 164 2.09 -14.98 18.36
C ARG C 164 0.86 -15.81 18.55
N ARG C 165 -0.20 -15.43 17.87
CA ARG C 165 -1.47 -16.04 18.07
C ARG C 165 -1.49 -17.47 17.62
N LEU C 166 -0.62 -17.82 16.71
CA LEU C 166 -0.60 -19.16 16.09
C LEU C 166 0.53 -20.05 16.59
N ALA C 167 1.58 -19.44 17.11
CA ALA C 167 2.73 -20.16 17.65
C ALA C 167 2.43 -20.96 18.93
N GLN C 168 2.94 -22.19 18.95
CA GLN C 168 2.88 -23.12 20.08
C GLN C 168 4.29 -23.60 20.40
N PHE C 169 4.66 -23.69 21.66
CA PHE C 169 5.95 -24.31 21.95
C PHE C 169 5.90 -25.83 21.84
N HIS C 170 6.99 -26.39 21.32
CA HIS C 170 7.20 -27.82 21.31
C HIS C 170 7.08 -28.34 22.75
N PRO C 171 6.45 -29.53 22.93
CA PRO C 171 6.27 -30.22 24.22
C PRO C 171 7.55 -30.50 24.94
N ALA C 172 8.59 -30.84 24.19
CA ALA C 172 9.91 -31.09 24.76
C ALA C 172 10.54 -29.83 25.43
N ALA C 173 10.06 -28.66 25.01
CA ALA C 173 10.71 -27.39 25.27
C ALA C 173 10.71 -26.99 26.72
N PRO C 174 11.84 -26.44 27.17
CA PRO C 174 11.97 -25.85 28.51
C PRO C 174 10.82 -24.90 28.80
N ASP C 175 10.33 -24.97 30.02
CA ASP C 175 9.46 -23.92 30.52
C ASP C 175 10.01 -23.59 31.87
N PRO C 176 11.19 -22.99 31.88
CA PRO C 176 12.04 -22.79 33.02
C PRO C 176 11.43 -21.83 33.96
N GLY C 177 10.52 -20.97 33.49
CA GLY C 177 9.97 -19.89 34.29
C GLY C 177 11.06 -18.93 34.73
N GLY C 178 10.70 -17.87 35.41
CA GLY C 178 11.69 -17.05 36.08
C GLY C 178 11.79 -15.61 35.61
N VAL C 179 10.77 -15.18 34.89
CA VAL C 179 10.85 -13.89 34.24
C VAL C 179 9.98 -12.87 34.98
N ARG C 180 10.51 -11.66 35.12
CA ARG C 180 9.76 -10.55 35.71
C ARG C 180 9.59 -9.46 34.65
N MET C 181 8.57 -8.64 34.83
CA MET C 181 8.45 -7.39 34.09
C MET C 181 9.39 -6.35 34.73
N LEU C 182 9.81 -5.34 33.99
CA LEU C 182 10.67 -4.32 34.58
C LEU C 182 10.41 -2.90 34.06
N VAL C 183 10.77 -1.95 34.94
CA VAL C 183 11.22 -0.64 34.49
C VAL C 183 12.75 -0.70 34.35
N PRO C 184 13.22 -0.84 33.11
CA PRO C 184 14.56 -1.24 32.74
C PRO C 184 15.55 -0.22 33.21
N ALA C 185 15.03 1.02 33.27
CA ALA C 185 15.70 2.19 33.83
C ALA C 185 16.18 1.90 35.26
N ASP C 186 15.32 1.26 36.04
CA ASP C 186 15.58 1.01 37.44
C ASP C 186 16.37 -0.26 37.64
N HIS C 187 17.11 -0.70 36.64
CA HIS C 187 17.80 -1.98 36.76
C HIS C 187 19.07 -2.06 35.97
N ARG C 188 19.59 -0.89 35.60
CA ARG C 188 20.75 -0.80 34.72
C ARG C 188 21.85 -1.76 35.09
N ASP C 189 22.20 -1.84 36.37
CA ASP C 189 23.35 -2.67 36.75
C ASP C 189 23.16 -4.13 36.52
N GLY C 190 22.03 -4.65 36.98
CA GLY C 190 21.74 -6.06 36.85
C GLY C 190 21.51 -6.46 35.40
N LEU C 191 21.02 -5.51 34.62
CA LEU C 191 20.94 -5.69 33.19
C LEU C 191 22.34 -5.82 32.62
N ALA C 192 23.16 -4.82 32.86
CA ALA C 192 24.51 -4.76 32.31
C ALA C 192 25.35 -5.91 32.73
N ASP C 193 25.15 -6.38 33.95
CA ASP C 193 25.80 -7.59 34.47
C ASP C 193 25.47 -8.83 33.65
N ILE C 194 24.19 -9.02 33.34
CA ILE C 194 23.77 -10.10 32.45
C ILE C 194 24.36 -9.94 31.06
N TYR C 195 24.28 -8.73 30.52
CA TYR C 195 24.94 -8.42 29.26
C TYR C 195 26.42 -8.78 29.28
N ASP C 196 27.08 -8.51 30.40
CA ASP C 196 28.50 -8.81 30.46
C ASP C 196 28.78 -10.30 30.45
N ARG C 197 27.87 -11.06 31.04
CA ARG C 197 28.12 -12.47 31.18
C ARG C 197 28.02 -13.08 29.80
N TRP C 198 27.19 -12.44 28.98
CA TRP C 198 26.94 -12.86 27.62
C TRP C 198 28.07 -12.43 26.71
N ARG C 199 28.58 -11.21 26.92
CA ARG C 199 29.53 -10.62 26.00
C ARG C 199 30.79 -11.50 25.94
N ARG C 200 31.15 -12.13 27.05
CA ARG C 200 32.40 -12.91 27.06
C ARG C 200 32.30 -14.32 26.46
N ARG C 201 31.07 -14.78 26.23
CA ARG C 201 30.78 -16.05 25.58
C ARG C 201 30.58 -15.86 24.07
N THR C 202 29.93 -14.81 23.66
CA THR C 202 29.60 -14.62 22.26
C THR C 202 30.65 -13.86 21.44
N PRO C 203 31.12 -14.43 20.32
CA PRO C 203 31.95 -13.68 19.36
C PRO C 203 31.18 -12.50 18.83
N GLY C 204 31.81 -11.35 18.69
CA GLY C 204 31.09 -10.12 18.45
C GLY C 204 30.62 -9.37 19.70
N GLY C 205 30.94 -9.89 20.88
CA GLY C 205 30.58 -9.18 22.08
C GLY C 205 31.42 -7.94 22.29
N LEU C 206 30.76 -6.79 22.25
CA LEU C 206 31.40 -5.53 22.65
C LEU C 206 31.24 -5.27 24.14
N VAL C 207 32.15 -4.50 24.69
CA VAL C 207 31.97 -4.11 26.08
C VAL C 207 31.08 -2.89 26.03
N ARG C 208 30.15 -2.75 26.97
CA ARG C 208 29.26 -1.60 26.92
C ARG C 208 29.46 -0.73 28.15
N PRO C 209 30.20 0.36 27.99
CA PRO C 209 30.47 1.32 29.05
C PRO C 209 29.19 1.81 29.72
N ASP C 210 29.18 2.05 31.04
CA ASP C 210 27.97 2.55 31.71
C ASP C 210 27.31 3.72 30.99
N ALA C 211 28.12 4.59 30.42
CA ALA C 211 27.61 5.75 29.68
C ALA C 211 26.53 5.37 28.67
N LEU C 212 26.75 4.24 28.00
CA LEU C 212 25.94 3.74 26.90
C LEU C 212 24.67 3.05 27.37
N TRP C 213 24.84 2.21 28.38
CA TRP C 213 23.73 1.64 29.11
C TRP C 213 22.80 2.71 29.61
N ASP C 214 23.38 3.77 30.17
CA ASP C 214 22.60 4.89 30.66
C ASP C 214 21.81 5.55 29.52
N ASP C 215 22.40 5.61 28.32
CA ASP C 215 21.72 6.27 27.22
C ASP C 215 20.62 5.39 26.58
N LEU C 216 20.71 4.10 26.77
CA LEU C 216 19.75 3.22 26.17
C LEU C 216 18.45 3.21 26.97
N LEU C 217 18.62 3.21 28.29
CA LEU C 217 17.50 3.19 29.22
C LEU C 217 16.90 4.58 29.35
N ALA C 218 17.66 5.55 28.83
CA ALA C 218 17.22 6.95 28.74
C ALA C 218 16.00 7.08 27.84
N ASP C 219 15.83 6.12 26.93
CA ASP C 219 14.58 5.97 26.22
C ASP C 219 14.10 7.30 25.58
N ARG C 220 15.05 8.17 25.22
CA ARG C 220 14.68 9.44 24.59
C ARG C 220 13.95 9.19 23.25
N PRO C 221 12.86 9.96 23.00
CA PRO C 221 11.95 9.73 21.87
C PRO C 221 12.49 10.02 20.47
N GLU C 222 13.60 10.77 20.37
CA GLU C 222 14.17 11.23 19.09
C GLU C 222 15.27 10.26 18.63
N SER C 223 15.35 9.13 19.32
CA SER C 223 16.22 8.00 18.98
C SER C 223 15.39 6.70 19.07
N ARG C 224 14.08 6.87 19.03
CA ARG C 224 13.14 5.79 19.32
C ARG C 224 12.59 5.17 18.03
N ARG C 225 13.20 4.04 17.65
CA ARG C 225 12.83 3.36 16.41
C ARG C 225 12.03 2.09 16.68
N GLY C 226 10.87 1.99 16.06
CA GLY C 226 10.12 0.76 16.10
C GLY C 226 9.02 0.73 17.14
N GLY C 227 8.81 1.82 17.88
CA GLY C 227 7.68 1.87 18.78
C GLY C 227 7.69 3.02 19.77
N GLY C 228 7.03 2.81 20.90
CA GLY C 228 6.97 3.79 21.98
C GLY C 228 7.88 3.33 23.09
N GLU C 229 7.61 3.69 24.34
CA GLU C 229 8.56 3.44 25.42
C GLU C 229 9.02 1.96 25.56
N LEU C 230 10.21 1.75 26.13
CA LEU C 230 10.82 0.45 26.31
C LEU C 230 10.17 -0.42 27.37
N PHE C 231 9.88 -1.68 27.02
CA PHE C 231 9.47 -2.70 28.00
C PHE C 231 10.63 -3.65 28.31
N ALA C 232 10.59 -4.29 29.47
CA ALA C 232 11.66 -5.21 29.84
C ALA C 232 11.10 -6.50 30.37
N PHE C 233 11.77 -7.59 30.07
CA PHE C 233 11.58 -8.84 30.78
C PHE C 233 12.94 -9.21 31.32
N GLY C 234 12.98 -9.52 32.61
CA GLY C 234 14.22 -9.89 33.25
C GLY C 234 14.19 -11.33 33.72
N HIS C 235 15.31 -12.00 33.53
CA HIS C 235 15.52 -13.34 34.03
C HIS C 235 16.87 -13.28 34.68
N GLN C 236 17.17 -14.22 35.58
CA GLN C 236 18.47 -14.10 36.23
C GLN C 236 19.58 -14.30 35.22
N ASP C 237 19.25 -14.93 34.09
CA ASP C 237 20.22 -15.31 33.08
C ASP C 237 19.99 -14.72 31.71
N GLY C 238 19.33 -13.59 31.67
CA GLY C 238 18.92 -13.05 30.41
C GLY C 238 17.84 -12.03 30.61
N TYR C 239 17.62 -11.23 29.58
CA TYR C 239 16.59 -10.23 29.63
C TYR C 239 16.15 -9.99 28.22
N ALA C 240 14.92 -9.53 28.03
CA ALA C 240 14.51 -9.08 26.72
C ALA C 240 14.15 -7.65 26.85
N LEU C 241 14.47 -6.88 25.83
CA LEU C 241 14.07 -5.48 25.73
C LEU C 241 13.26 -5.31 24.47
N TYR C 242 12.07 -4.78 24.59
CA TYR C 242 11.24 -4.59 23.42
C TYR C 242 10.38 -3.34 23.46
N ARG C 243 10.01 -2.83 22.28
CA ARG C 243 9.05 -1.73 22.13
C ARG C 243 7.75 -2.28 21.52
N VAL C 244 6.64 -1.63 21.76
CA VAL C 244 5.42 -2.06 21.11
C VAL C 244 5.07 -0.96 20.09
N ASP C 245 4.34 -1.31 19.04
CA ASP C 245 4.13 -0.43 17.89
C ASP C 245 2.73 -0.71 17.31
N ARG C 246 1.97 0.32 17.01
CA ARG C 246 0.62 0.13 16.49
C ARG C 246 0.54 0.40 14.98
N GLY C 247 -0.02 -0.56 14.25
CA GLY C 247 -0.16 -0.43 12.81
C GLY C 247 -1.29 0.51 12.42
N PRO C 248 -1.36 0.87 11.13
CA PRO C 248 -2.38 1.75 10.53
C PRO C 248 -3.82 1.37 10.93
N ASP C 249 -4.03 0.07 10.91
CA ASP C 249 -5.29 -0.59 11.22
C ASP C 249 -5.55 -0.83 12.71
N GLY C 250 -4.65 -0.36 13.57
CA GLY C 250 -4.80 -0.44 15.03
C GLY C 250 -4.44 -1.75 15.74
N ARG C 251 -3.63 -2.59 15.12
CA ARG C 251 -3.18 -3.83 15.73
C ARG C 251 -1.70 -3.73 16.05
N ARG C 252 -1.30 -4.22 17.23
CA ARG C 252 0.09 -4.00 17.63
C ARG C 252 0.99 -5.17 17.35
N SER C 253 2.14 -4.85 16.78
CA SER C 253 3.23 -5.79 16.70
C SER C 253 4.18 -5.40 17.82
N ALA C 254 4.97 -6.32 18.38
CA ALA C 254 6.00 -5.94 19.37
C ALA C 254 7.39 -6.30 18.87
N HIS C 255 8.28 -5.33 18.79
CA HIS C 255 9.58 -5.56 18.20
C HIS C 255 10.71 -5.58 19.24
N VAL C 256 11.31 -6.76 19.46
CA VAL C 256 12.46 -6.86 20.36
C VAL C 256 13.70 -6.10 19.89
N VAL C 257 14.21 -5.23 20.74
CA VAL C 257 15.39 -4.45 20.39
C VAL C 257 16.71 -5.12 20.82
N GLU C 258 16.63 -6.02 21.78
CA GLU C 258 17.79 -6.64 22.42
C GLU C 258 17.27 -7.81 23.26
N LEU C 259 17.80 -8.99 23.05
CA LEU C 259 17.39 -10.14 23.85
C LEU C 259 18.65 -10.86 24.20
N THR C 260 19.18 -10.50 25.36
CA THR C 260 20.43 -11.04 25.78
C THR C 260 20.20 -12.21 26.70
N ALA C 261 20.67 -13.41 26.36
CA ALA C 261 20.37 -14.60 27.18
C ALA C 261 21.61 -15.43 27.38
N VAL C 262 21.92 -15.77 28.62
CA VAL C 262 23.22 -16.36 28.91
C VAL C 262 23.07 -17.87 28.98
N THR C 263 21.89 -18.32 29.35
CA THR C 263 21.60 -19.74 29.29
C THR C 263 20.40 -20.12 28.37
N ALA C 264 20.29 -21.42 28.10
CA ALA C 264 19.27 -21.98 27.24
C ALA C 264 17.88 -21.67 27.78
N ASP C 265 17.76 -21.84 29.10
CA ASP C 265 16.53 -21.62 29.79
C ASP C 265 16.07 -20.20 29.71
N ALA C 266 17.01 -19.29 29.93
CA ALA C 266 16.64 -17.88 29.94
C ALA C 266 16.06 -17.50 28.57
N HIS C 267 16.72 -17.98 27.52
CA HIS C 267 16.27 -17.85 26.16
C HIS C 267 14.88 -18.42 25.94
N ALA C 268 14.64 -19.64 26.41
CA ALA C 268 13.30 -20.23 26.33
C ALA C 268 12.29 -19.46 27.16
N ALA C 269 12.67 -19.14 28.40
CA ALA C 269 11.77 -18.50 29.34
C ALA C 269 11.33 -17.13 28.82
N LEU C 270 12.27 -16.36 28.27
CA LEU C 270 11.97 -15.04 27.74
C LEU C 270 11.09 -15.05 26.49
N TRP C 271 11.31 -15.99 25.58
CA TRP C 271 10.47 -16.12 24.38
C TRP C 271 9.07 -16.55 24.80
N ARG C 272 9.05 -17.56 25.66
CA ARG C 272 7.82 -18.04 26.25
C ARG C 272 7.09 -16.86 26.87
N ALA C 273 7.84 -15.95 27.47
CA ALA C 273 7.27 -14.74 28.00
C ALA C 273 6.70 -13.88 26.90
N LEU C 274 7.56 -13.52 25.94
CA LEU C 274 7.23 -12.60 24.86
C LEU C 274 6.02 -13.03 24.08
N LEU C 275 5.97 -14.31 23.75
CA LEU C 275 4.87 -14.81 22.97
C LEU C 275 3.55 -14.88 23.70
N GLY C 276 3.55 -14.51 24.99
CA GLY C 276 2.37 -14.59 25.85
C GLY C 276 1.68 -13.26 26.10
N LEU C 277 2.09 -12.27 25.30
CA LEU C 277 1.54 -10.93 25.36
C LEU C 277 0.30 -10.85 24.47
N ASP C 278 -0.89 -11.05 25.04
CA ASP C 278 -2.13 -11.12 24.28
C ASP C 278 -2.37 -9.90 23.38
N LEU C 279 -1.89 -8.77 23.83
CA LEU C 279 -1.89 -7.52 23.11
C LEU C 279 -1.41 -7.60 21.66
N ILE C 280 -0.53 -8.54 21.44
CA ILE C 280 0.41 -8.51 20.32
C ILE C 280 0.17 -9.56 19.26
N ASP C 281 0.06 -9.14 18.00
CA ASP C 281 -0.22 -10.10 16.96
C ASP C 281 1.09 -10.73 16.51
N ARG C 282 2.09 -9.94 16.18
CA ARG C 282 3.40 -10.55 15.94
C ARG C 282 4.50 -9.96 16.85
N VAL C 283 5.47 -10.79 17.20
CA VAL C 283 6.71 -10.33 17.81
C VAL C 283 7.75 -10.39 16.71
N SER C 284 8.77 -9.55 16.71
CA SER C 284 9.81 -9.64 15.72
C SER C 284 11.16 -9.41 16.38
N ILE C 285 12.25 -9.75 15.72
CA ILE C 285 13.56 -9.57 16.30
C ILE C 285 14.65 -9.60 15.25
N GLY C 286 15.70 -8.83 15.49
CA GLY C 286 16.89 -8.96 14.69
C GLY C 286 17.86 -9.79 15.48
N THR C 287 18.10 -11.02 15.06
CA THR C 287 18.96 -11.91 15.82
C THR C 287 20.09 -12.59 14.99
N HIS C 288 20.79 -13.52 15.60
CA HIS C 288 21.81 -14.28 14.91
C HIS C 288 21.34 -15.48 14.16
N PRO C 289 22.22 -16.04 13.36
CA PRO C 289 21.88 -17.00 12.36
C PRO C 289 21.24 -18.24 12.86
N HIS C 290 21.61 -18.71 14.02
CA HIS C 290 21.10 -19.99 14.37
C HIS C 290 20.55 -19.87 15.74
N ASP C 291 19.49 -19.10 15.84
CA ASP C 291 18.88 -18.87 17.12
C ASP C 291 18.09 -20.09 17.35
N PRO C 292 17.78 -20.43 18.58
CA PRO C 292 16.93 -21.60 18.79
C PRO C 292 15.43 -21.33 18.66
N LEU C 293 14.97 -20.09 18.55
CA LEU C 293 13.53 -19.82 18.66
C LEU C 293 12.65 -20.66 17.75
N PRO C 294 13.01 -20.83 16.46
CA PRO C 294 12.13 -21.67 15.64
C PRO C 294 12.18 -23.14 16.05
N TYR C 295 13.26 -23.55 16.69
CA TYR C 295 13.36 -24.94 17.08
C TYR C 295 12.52 -25.22 18.32
N LEU C 296 12.19 -24.18 19.10
CA LEU C 296 11.38 -24.30 20.33
C LEU C 296 9.90 -24.51 20.04
N LEU C 297 9.48 -24.08 18.87
CA LEU C 297 8.11 -24.21 18.48
C LEU C 297 7.89 -25.59 17.91
N THR C 298 6.68 -26.12 18.10
CA THR C 298 6.25 -27.41 17.52
C THR C 298 6.40 -27.51 15.98
N ASP C 299 6.31 -26.37 15.30
CA ASP C 299 6.43 -26.32 13.84
C ASP C 299 7.35 -25.13 13.53
N PRO C 300 8.45 -25.35 12.79
CA PRO C 300 9.38 -24.24 12.68
C PRO C 300 8.82 -23.12 11.86
N ARG C 301 7.65 -23.36 11.28
CA ARG C 301 7.07 -22.45 10.30
C ARG C 301 6.38 -21.29 10.97
N GLN C 302 6.13 -21.39 12.27
CA GLN C 302 5.40 -20.32 12.95
C GLN C 302 6.34 -19.15 13.13
N ALA C 303 7.64 -19.48 13.01
CA ALA C 303 8.71 -18.50 12.99
C ALA C 303 9.21 -18.37 11.58
N GLN C 304 9.48 -17.12 11.20
CA GLN C 304 9.59 -16.75 9.83
C GLN C 304 10.86 -15.98 9.64
N VAL C 305 11.88 -16.54 9.00
CA VAL C 305 13.03 -15.68 8.74
C VAL C 305 12.78 -14.71 7.57
N THR C 306 12.94 -13.41 7.80
CA THR C 306 12.42 -12.42 6.87
C THR C 306 13.43 -11.46 6.30
N ALA C 307 14.69 -11.56 6.71
CA ALA C 307 15.77 -10.81 6.13
C ALA C 307 17.02 -11.43 6.62
N SER C 308 18.12 -11.16 5.97
CA SER C 308 19.40 -11.61 6.45
C SER C 308 20.28 -10.47 5.99
N ALA C 309 21.07 -9.90 6.89
CA ALA C 309 21.79 -8.70 6.52
C ALA C 309 23.18 -8.54 7.22
N ASP C 310 23.99 -7.64 6.68
CA ASP C 310 25.32 -7.41 7.23
C ASP C 310 25.16 -6.71 8.57
N ASP C 311 25.92 -7.12 9.59
CA ASP C 311 25.99 -6.34 10.83
C ASP C 311 27.39 -5.78 10.93
N LEU C 312 28.27 -6.52 11.60
CA LEU C 312 29.60 -6.00 11.89
C LEU C 312 30.61 -6.31 10.84
N TRP C 313 31.34 -5.29 10.42
CA TRP C 313 32.46 -5.51 9.50
C TRP C 313 33.80 -5.39 10.22
N ILE C 314 34.79 -6.09 9.69
CA ILE C 314 36.09 -6.23 10.32
C ILE C 314 37.24 -6.00 9.32
N ARG C 315 38.25 -5.23 9.73
CA ARG C 315 39.51 -5.30 9.04
C ARG C 315 40.63 -5.76 10.00
N ILE C 316 41.32 -6.79 9.56
CA ILE C 316 42.46 -7.23 10.28
C ILE C 316 43.59 -6.26 10.00
N MET C 317 44.05 -5.59 11.07
CA MET C 317 45.21 -4.69 11.04
C MET C 317 46.53 -5.46 11.16
N ASN C 318 46.56 -6.44 12.06
CA ASN C 318 47.74 -7.25 12.39
C ASN C 318 47.44 -8.74 12.22
N VAL C 319 47.79 -9.34 11.08
CA VAL C 319 47.36 -10.72 10.86
C VAL C 319 47.83 -11.70 11.96
N PRO C 320 49.14 -11.75 12.27
CA PRO C 320 49.57 -12.70 13.30
C PRO C 320 48.82 -12.51 14.59
N ALA C 321 48.78 -11.31 15.14
CA ALA C 321 48.17 -11.09 16.46
C ALA C 321 46.74 -11.58 16.48
N ALA C 322 46.03 -11.27 15.40
CA ALA C 322 44.60 -11.54 15.26
C ALA C 322 44.31 -13.00 15.15
N LEU C 323 45.12 -13.70 14.36
CA LEU C 323 44.87 -15.11 14.14
C LEU C 323 45.26 -15.91 15.37
N GLU C 324 46.06 -15.33 16.23
CA GLU C 324 46.51 -16.10 17.37
C GLU C 324 45.52 -16.01 18.50
N ALA C 325 44.83 -14.89 18.57
CA ALA C 325 43.85 -14.58 19.61
C ALA C 325 42.62 -15.49 19.58
N ARG C 326 42.22 -15.94 18.40
CA ARG C 326 41.05 -16.78 18.38
C ARG C 326 41.44 -18.22 18.35
N ARG C 327 40.46 -19.06 18.65
CA ARG C 327 40.63 -20.49 18.59
C ARG C 327 39.94 -21.02 17.33
N TYR C 328 40.24 -22.27 16.97
CA TYR C 328 39.79 -22.82 15.70
C TYR C 328 39.10 -24.14 15.94
N GLN C 329 38.37 -24.63 14.93
CA GLN C 329 37.57 -25.85 15.03
C GLN C 329 38.17 -27.04 14.31
N ALA C 330 39.19 -26.80 13.49
CA ALA C 330 39.96 -27.88 12.87
C ALA C 330 41.46 -27.66 13.06
N ASP C 331 42.23 -28.37 12.27
CA ASP C 331 43.68 -28.20 12.30
C ASP C 331 44.20 -28.01 10.90
N LEU C 332 45.28 -27.25 10.76
CA LEU C 332 46.00 -27.23 9.49
C LEU C 332 47.37 -26.54 9.61
N ASP C 333 48.26 -26.92 8.70
CA ASP C 333 49.54 -26.29 8.57
C ASP C 333 49.69 -25.72 7.17
N VAL C 334 49.55 -24.41 7.01
CA VAL C 334 49.51 -23.85 5.67
C VAL C 334 50.32 -22.56 5.56
N VAL C 335 50.84 -22.27 4.37
CA VAL C 335 51.35 -20.92 4.03
C VAL C 335 50.23 -20.02 3.46
N LEU C 336 50.03 -18.88 4.14
CA LEU C 336 48.89 -18.02 3.87
C LEU C 336 49.35 -16.68 3.30
N ASP C 337 48.91 -16.38 2.09
CA ASP C 337 49.33 -15.15 1.44
C ASP C 337 48.20 -14.19 1.52
N VAL C 338 48.40 -13.10 2.26
CA VAL C 338 47.32 -12.14 2.47
C VAL C 338 47.54 -10.87 1.65
N ALA C 339 46.71 -10.74 0.62
CA ALA C 339 46.54 -9.55 -0.20
C ALA C 339 46.07 -8.33 0.58
N ASP C 340 46.49 -7.14 0.16
CA ASP C 340 46.02 -5.91 0.80
C ASP C 340 46.29 -4.69 -0.04
N GLY C 341 45.25 -4.05 -0.55
CA GLY C 341 45.45 -2.98 -1.51
C GLY C 341 45.42 -1.58 -0.92
N PHE C 342 45.51 -1.51 0.39
CA PHE C 342 45.33 -0.24 1.05
C PHE C 342 46.48 0.00 2.00
N ARG C 343 46.98 -1.07 2.58
CA ARG C 343 48.12 -0.93 3.46
C ARG C 343 49.04 -2.07 3.10
N SER C 344 49.90 -2.44 4.03
CA SER C 344 50.83 -3.53 3.78
C SER C 344 50.80 -4.45 4.99
N ASP C 345 49.58 -4.68 5.48
CA ASP C 345 49.34 -5.51 6.64
C ASP C 345 49.25 -6.95 6.22
N GLY C 346 49.10 -7.17 4.91
CA GLY C 346 49.17 -8.50 4.35
C GLY C 346 50.56 -9.10 4.48
N GLY C 347 50.91 -10.01 3.56
CA GLY C 347 52.20 -10.70 3.60
C GLY C 347 52.04 -12.21 3.51
N ARG C 348 53.15 -12.94 3.55
CA ARG C 348 53.04 -14.40 3.61
C ARG C 348 53.39 -14.85 5.03
N PHE C 349 52.62 -15.85 5.46
CA PHE C 349 52.53 -16.27 6.85
C PHE C 349 52.49 -17.77 7.01
N ALA C 350 53.32 -18.26 7.93
CA ALA C 350 53.22 -19.65 8.30
C ALA C 350 52.07 -19.77 9.27
N LEU C 351 51.00 -20.44 8.90
CA LEU C 351 49.88 -20.60 9.82
C LEU C 351 49.69 -22.06 10.25
N GLN C 352 50.09 -22.41 11.48
CA GLN C 352 49.88 -23.77 11.91
C GLN C 352 48.93 -23.84 13.11
N ILE C 353 47.85 -24.61 12.93
CA ILE C 353 46.81 -24.81 13.93
C ILE C 353 46.75 -26.26 14.41
N SER C 354 46.94 -26.48 15.71
CA SER C 354 46.72 -27.79 16.32
C SER C 354 46.28 -27.61 17.78
N GLY C 355 45.20 -28.31 18.12
CA GLY C 355 44.63 -28.18 19.45
C GLY C 355 43.63 -27.05 19.37
N GLY C 356 43.34 -26.66 18.14
CA GLY C 356 42.48 -25.53 17.88
C GLY C 356 43.17 -24.24 18.23
N ARG C 357 44.48 -24.31 18.48
CA ARG C 357 45.23 -23.11 18.75
C ARG C 357 46.21 -22.93 17.60
N ALA C 358 46.41 -21.68 17.16
CA ALA C 358 47.27 -21.40 16.00
C ALA C 358 48.49 -20.55 16.33
N ARG C 359 49.63 -20.94 15.76
CA ARG C 359 50.80 -20.08 15.70
C ARG C 359 50.89 -19.59 14.27
N CYS C 360 51.21 -18.31 14.16
CA CYS C 360 51.24 -17.65 12.87
C CYS C 360 52.39 -16.70 12.80
N THR C 361 53.43 -17.08 12.06
CA THR C 361 54.55 -16.20 11.84
C THR C 361 54.76 -15.99 10.37
N THR C 362 55.28 -14.80 10.07
CA THR C 362 55.76 -14.49 8.74
C THR C 362 56.77 -15.51 8.26
N THR C 363 56.67 -15.84 6.99
CA THR C 363 57.48 -16.86 6.36
C THR C 363 57.68 -16.40 4.94
N ASP C 364 58.77 -16.81 4.31
CA ASP C 364 59.05 -16.41 2.94
C ASP C 364 58.83 -17.57 1.98
N ALA C 365 58.47 -18.75 2.50
CA ALA C 365 58.18 -19.94 1.71
C ALA C 365 56.99 -19.70 0.74
N PRO C 366 56.68 -20.64 -0.18
CA PRO C 366 55.60 -20.26 -1.09
C PRO C 366 54.22 -20.69 -0.60
N ALA C 367 53.21 -19.90 -0.92
CA ALA C 367 51.89 -20.00 -0.30
C ALA C 367 51.05 -21.14 -0.82
N ASP C 368 50.16 -21.65 0.04
CA ASP C 368 49.18 -22.68 -0.32
C ASP C 368 47.80 -22.10 -0.62
N ILE C 369 47.49 -21.00 0.07
CA ILE C 369 46.22 -20.32 -0.08
C ILE C 369 46.46 -18.84 -0.15
N GLU C 370 46.00 -18.20 -1.21
CA GLU C 370 46.07 -16.74 -1.31
C GLU C 370 44.73 -16.09 -0.98
N ILE C 371 44.74 -15.13 -0.06
CA ILE C 371 43.50 -14.66 0.55
C ILE C 371 43.43 -13.14 0.50
N ASP C 372 42.31 -12.58 0.05
CA ASP C 372 42.12 -11.12 0.13
C ASP C 372 41.97 -10.74 1.59
N LEU C 373 42.39 -9.54 1.99
CA LEU C 373 42.24 -9.16 3.40
C LEU C 373 40.75 -8.94 3.80
N ASP C 374 39.87 -8.65 2.82
CA ASP C 374 38.42 -8.65 3.06
C ASP C 374 38.04 -9.90 3.80
N VAL C 375 38.41 -11.01 3.18
CA VAL C 375 37.71 -12.23 3.41
C VAL C 375 38.33 -12.89 4.60
N LEU C 376 39.44 -12.37 5.05
CA LEU C 376 40.00 -12.88 6.28
C LEU C 376 39.27 -12.21 7.44
N GLY C 377 39.14 -10.89 7.33
CA GLY C 377 38.28 -10.17 8.24
C GLY C 377 36.88 -10.76 8.29
N GLY C 378 36.34 -11.16 7.15
CA GLY C 378 34.97 -11.62 7.11
C GLY C 378 34.83 -13.01 7.68
N LEU C 379 35.73 -13.89 7.26
CA LEU C 379 35.83 -15.26 7.76
C LEU C 379 36.25 -15.35 9.21
N TYR C 380 36.45 -14.21 9.87
CA TYR C 380 37.15 -14.20 11.13
C TYR C 380 36.36 -14.62 12.33
N LEU C 381 35.05 -14.36 12.33
CA LEU C 381 34.26 -14.69 13.52
C LEU C 381 33.51 -15.98 13.26
N GLY C 382 33.94 -16.66 12.19
CA GLY C 382 33.47 -17.98 11.84
C GLY C 382 32.11 -17.96 11.18
N ALA C 383 31.77 -16.80 10.63
CA ALA C 383 30.49 -16.59 10.02
C ALA C 383 30.38 -17.45 8.78
N HIS C 384 31.26 -17.21 7.82
CA HIS C 384 30.98 -17.73 6.49
C HIS C 384 31.55 -19.09 6.19
N ARG C 385 31.08 -19.60 5.06
CA ARG C 385 31.59 -20.78 4.41
C ARG C 385 32.50 -20.34 3.24
N VAL C 386 33.67 -20.99 3.07
CA VAL C 386 34.68 -20.53 2.09
C VAL C 386 34.33 -20.77 0.62
N ASP C 387 33.28 -21.53 0.37
CA ASP C 387 32.91 -21.84 -0.97
C ASP C 387 32.62 -20.58 -1.75
N GLY C 388 31.87 -19.68 -1.17
CA GLY C 388 31.57 -18.41 -1.81
C GLY C 388 32.80 -17.62 -2.23
N PHE C 389 33.75 -17.45 -1.32
CA PHE C 389 34.92 -16.65 -1.66
C PHE C 389 35.70 -17.30 -2.77
N ALA C 390 35.85 -18.61 -2.66
CA ALA C 390 36.66 -19.39 -3.59
C ALA C 390 36.11 -19.33 -5.03
N ALA C 391 34.78 -19.46 -5.14
CA ALA C 391 34.12 -19.39 -6.43
C ALA C 391 34.36 -18.04 -7.05
N ALA C 392 34.42 -17.01 -6.21
CA ALA C 392 34.62 -15.63 -6.66
C ALA C 392 36.09 -15.24 -6.67
N ASN C 393 36.99 -16.20 -6.51
CA ASN C 393 38.44 -15.97 -6.63
C ASN C 393 39.02 -14.96 -5.69
N ARG C 394 38.38 -14.72 -4.56
CA ARG C 394 38.93 -13.77 -3.61
C ARG C 394 39.68 -14.63 -2.61
N LEU C 395 39.44 -15.93 -2.72
CA LEU C 395 40.13 -16.97 -1.94
C LEU C 395 40.57 -18.07 -2.88
N ARG C 396 41.87 -18.36 -2.89
CA ARG C 396 42.41 -19.24 -3.92
C ARG C 396 43.37 -20.26 -3.36
N SER C 397 43.27 -21.48 -3.90
CA SER C 397 44.29 -22.49 -3.69
C SER C 397 44.16 -23.51 -4.76
N LYS C 398 45.30 -24.08 -5.16
CA LYS C 398 45.27 -25.18 -6.12
C LYS C 398 44.47 -26.32 -5.49
N ASP C 399 45.02 -26.86 -4.41
CA ASP C 399 44.44 -27.98 -3.66
C ASP C 399 43.05 -27.69 -3.06
N SER C 400 42.02 -28.29 -3.65
CA SER C 400 40.65 -27.89 -3.39
C SER C 400 40.15 -28.35 -2.03
N GLU C 401 40.85 -29.32 -1.45
CA GLU C 401 40.56 -29.78 -0.08
C GLU C 401 41.40 -29.02 0.94
N LEU C 402 42.17 -28.04 0.49
CA LEU C 402 42.94 -27.23 1.42
C LEU C 402 42.13 -26.02 1.82
N LEU C 403 41.50 -25.40 0.83
CA LEU C 403 40.43 -24.45 1.07
C LEU C 403 39.43 -25.02 2.07
N GLN C 404 39.03 -26.27 1.82
CA GLN C 404 38.00 -26.94 2.61
C GLN C 404 38.41 -27.16 4.06
N GLN C 405 39.71 -27.31 4.27
CA GLN C 405 40.28 -27.55 5.59
C GLN C 405 40.50 -26.23 6.29
N PHE C 406 40.76 -25.21 5.49
CA PHE C 406 40.93 -23.84 5.97
C PHE C 406 39.62 -23.35 6.55
N GLY C 407 38.58 -23.42 5.72
CA GLY C 407 37.24 -23.06 6.10
C GLY C 407 36.76 -23.79 7.33
N ALA C 408 37.01 -25.11 7.35
CA ALA C 408 36.59 -25.96 8.46
C ALA C 408 37.26 -25.54 9.76
N ALA C 409 38.53 -25.15 9.66
CA ALA C 409 39.29 -24.69 10.79
C ALA C 409 38.75 -23.36 11.29
N PHE C 410 38.28 -22.54 10.35
CA PHE C 410 37.87 -21.16 10.63
C PHE C 410 36.42 -21.01 11.06
N ALA C 411 35.62 -22.05 10.91
CA ALA C 411 34.25 -22.03 11.39
C ALA C 411 34.22 -21.76 12.90
N GLY C 412 33.04 -21.53 13.47
CA GLY C 412 32.99 -21.21 14.89
C GLY C 412 31.99 -21.99 15.73
N ASP C 413 32.44 -22.42 16.90
CA ASP C 413 31.56 -23.13 17.85
C ASP C 413 30.26 -22.38 18.18
N MET C 414 30.36 -21.08 18.48
CA MET C 414 29.22 -20.24 18.83
C MET C 414 28.81 -19.31 17.71
N PRO C 415 27.51 -19.25 17.39
CA PRO C 415 27.09 -18.28 16.37
C PRO C 415 27.42 -16.86 16.81
N ALA C 416 28.10 -16.10 15.96
CA ALA C 416 28.56 -14.74 16.32
C ALA C 416 27.48 -13.67 16.19
N GLU C 417 27.43 -12.79 17.19
CA GLU C 417 26.46 -11.71 17.18
C GLU C 417 27.10 -10.41 17.62
N LEU C 418 27.07 -9.38 16.77
CA LEU C 418 27.60 -8.08 17.20
C LEU C 418 26.91 -7.58 18.46
N GLY C 419 27.66 -7.00 19.39
CA GLY C 419 27.08 -6.55 20.66
C GLY C 419 26.07 -5.41 20.54
N TYR C 420 26.40 -4.44 19.71
CA TYR C 420 25.55 -3.27 19.57
C TYR C 420 26.10 -2.38 18.47
N GLY C 421 25.24 -1.54 17.90
CA GLY C 421 25.61 -0.69 16.78
C GLY C 421 26.54 0.45 17.14
N PHE C 422 27.32 0.90 16.16
CA PHE C 422 28.21 2.04 16.30
C PHE C 422 28.71 2.40 14.88
N MET D 21 -14.00 -45.12 13.83
CA MET D 21 -13.83 -46.54 13.54
C MET D 21 -13.41 -46.79 12.08
N ILE D 22 -12.73 -45.80 11.46
CA ILE D 22 -12.44 -45.79 10.00
C ILE D 22 -11.31 -46.72 9.52
N THR D 23 -11.65 -47.57 8.56
CA THR D 23 -10.67 -48.41 7.89
C THR D 23 -10.37 -47.79 6.52
N PRO D 24 -9.09 -47.43 6.30
CA PRO D 24 -8.57 -46.94 5.03
C PRO D 24 -8.38 -48.10 4.06
N ARG D 25 -7.90 -47.81 2.87
CA ARG D 25 -7.96 -48.75 1.76
C ARG D 25 -6.88 -48.44 0.75
N THR D 26 -5.99 -49.39 0.51
CA THR D 26 -4.90 -49.18 -0.46
C THR D 26 -5.33 -49.51 -1.90
N LEU D 27 -5.06 -48.59 -2.81
CA LEU D 27 -5.31 -48.85 -4.21
C LEU D 27 -4.06 -49.51 -4.77
N HIS D 28 -4.20 -50.75 -5.21
CA HIS D 28 -3.08 -51.46 -5.76
C HIS D 28 -2.59 -50.79 -7.02
N THR D 29 -3.53 -50.22 -7.76
CA THR D 29 -3.23 -49.52 -9.02
C THR D 29 -4.25 -48.38 -9.16
N ILE D 30 -3.82 -47.25 -9.71
CA ILE D 30 -4.74 -46.14 -9.82
C ILE D 30 -5.61 -46.30 -11.07
N THR D 31 -6.94 -46.35 -10.87
CA THR D 31 -7.97 -46.42 -11.94
C THR D 31 -8.01 -45.05 -12.61
N ASP D 32 -8.85 -44.90 -13.62
CA ASP D 32 -9.19 -43.58 -14.14
C ASP D 32 -10.27 -42.91 -13.30
N ASP D 33 -11.27 -43.68 -12.88
CA ASP D 33 -12.31 -43.08 -12.05
C ASP D 33 -11.86 -43.12 -10.61
N ASP D 34 -10.65 -43.62 -10.42
CA ASP D 34 -9.92 -43.39 -9.18
C ASP D 34 -9.18 -42.05 -9.25
N TRP D 35 -8.50 -41.80 -10.36
CA TRP D 35 -7.74 -40.56 -10.47
C TRP D 35 -8.70 -39.39 -10.45
N THR D 36 -9.89 -39.62 -10.94
CA THR D 36 -10.91 -38.61 -10.89
C THR D 36 -11.26 -38.18 -9.47
N ARG D 37 -11.41 -39.14 -8.58
CA ARG D 37 -11.81 -38.80 -7.22
C ARG D 37 -10.67 -38.04 -6.59
N ILE D 38 -9.46 -38.37 -7.01
CA ILE D 38 -8.28 -37.90 -6.30
C ILE D 38 -8.03 -36.48 -6.70
N ALA D 39 -8.15 -36.19 -7.98
CA ALA D 39 -7.98 -34.81 -8.44
C ALA D 39 -9.03 -33.90 -7.84
N LEU D 40 -10.28 -34.35 -7.82
CA LEU D 40 -11.38 -33.56 -7.27
C LEU D 40 -11.11 -33.21 -5.83
N LEU D 41 -10.69 -34.20 -5.06
CA LEU D 41 -10.37 -33.93 -3.69
C LEU D 41 -9.25 -32.92 -3.65
N ALA D 42 -8.26 -33.11 -4.55
CA ALA D 42 -7.00 -32.37 -4.46
C ALA D 42 -7.23 -30.96 -4.85
N ARG D 43 -8.16 -30.74 -5.76
CA ARG D 43 -8.48 -29.39 -6.20
C ARG D 43 -9.15 -28.63 -5.06
N PHE D 44 -10.07 -29.28 -4.36
CA PHE D 44 -10.68 -28.67 -3.18
C PHE D 44 -9.64 -28.31 -2.13
N ALA D 45 -8.52 -29.02 -2.18
CA ALA D 45 -7.55 -29.04 -1.11
C ALA D 45 -6.24 -28.30 -1.38
N PHE D 46 -5.94 -27.98 -2.64
CA PHE D 46 -4.70 -27.28 -2.96
C PHE D 46 -4.95 -26.17 -3.96
N GLY D 47 -5.99 -25.39 -3.79
CA GLY D 47 -6.24 -24.31 -4.73
C GLY D 47 -6.62 -24.78 -6.11
N ASP D 48 -5.76 -24.50 -7.10
CA ASP D 48 -6.07 -24.85 -8.51
C ASP D 48 -5.94 -26.33 -8.81
N ILE D 49 -6.53 -26.73 -9.92
CA ILE D 49 -6.18 -28.02 -10.47
C ILE D 49 -5.11 -27.75 -11.56
N GLU D 50 -3.89 -28.27 -11.35
CA GLU D 50 -2.79 -28.12 -12.31
C GLU D 50 -3.20 -28.75 -13.64
N PRO D 51 -2.66 -28.26 -14.77
CA PRO D 51 -3.07 -28.77 -16.09
C PRO D 51 -3.10 -30.29 -16.15
N GLU D 52 -3.99 -30.85 -16.97
CA GLU D 52 -4.13 -32.30 -17.11
C GLU D 52 -2.76 -32.96 -17.20
N GLN D 53 -2.00 -32.68 -18.27
CA GLN D 53 -0.74 -33.37 -18.54
C GLN D 53 0.37 -33.10 -17.51
N THR D 54 0.10 -32.24 -16.53
CA THR D 54 0.89 -32.15 -15.29
C THR D 54 0.57 -33.35 -14.39
N GLN D 55 -0.74 -33.57 -14.18
CA GLN D 55 -1.24 -34.71 -13.40
C GLN D 55 -0.77 -36.01 -13.99
N ALA D 56 -0.90 -36.13 -15.31
CA ALA D 56 -0.48 -37.31 -16.01
C ALA D 56 0.93 -37.67 -15.58
N ALA D 57 1.81 -36.69 -15.53
CA ALA D 57 3.20 -36.94 -15.19
C ALA D 57 3.41 -37.45 -13.75
N TRP D 58 2.75 -36.83 -12.76
CA TRP D 58 2.93 -37.25 -11.38
C TRP D 58 2.45 -38.68 -11.23
N ARG D 59 1.24 -38.90 -11.73
CA ARG D 59 0.57 -40.18 -11.65
C ARG D 59 1.44 -41.25 -12.26
N SER D 60 2.15 -40.90 -13.33
CA SER D 60 3.25 -41.70 -13.89
C SER D 60 4.33 -42.14 -12.89
N MET D 61 4.37 -41.53 -11.71
CA MET D 61 5.48 -41.76 -10.82
C MET D 61 5.09 -42.56 -9.57
N VAL D 62 3.78 -42.82 -9.43
CA VAL D 62 3.20 -43.58 -8.31
C VAL D 62 3.34 -45.07 -8.50
N PRO D 63 4.13 -45.73 -7.69
CA PRO D 63 4.39 -47.15 -7.83
C PRO D 63 3.21 -47.91 -7.36
N GLU D 64 3.29 -49.22 -7.43
CA GLU D 64 2.19 -50.12 -7.18
C GLU D 64 1.88 -50.22 -5.71
N ASP D 65 0.63 -50.27 -5.31
CA ASP D 65 0.33 -50.38 -3.88
C ASP D 65 0.84 -49.22 -3.04
N ALA D 66 0.54 -47.99 -3.46
CA ALA D 66 1.24 -46.80 -2.98
C ALA D 66 0.32 -45.62 -2.84
N THR D 67 -0.96 -45.94 -2.75
CA THR D 67 -2.02 -44.97 -2.70
C THR D 67 -2.93 -45.31 -1.58
N VAL D 68 -3.17 -44.40 -0.66
CA VAL D 68 -4.09 -44.76 0.41
C VAL D 68 -5.21 -43.77 0.42
N VAL D 69 -6.44 -44.27 0.45
CA VAL D 69 -7.62 -43.41 0.43
C VAL D 69 -8.70 -43.82 1.43
N VAL D 70 -9.63 -42.91 1.70
CA VAL D 70 -10.74 -43.19 2.60
C VAL D 70 -12.06 -42.82 1.93
N PRO D 71 -12.90 -43.83 1.64
CA PRO D 71 -14.14 -43.60 0.89
C PRO D 71 -15.23 -42.96 1.76
N ASP D 72 -16.24 -42.32 1.16
CA ASP D 72 -17.37 -41.84 1.95
C ASP D 72 -18.37 -42.98 2.23
N GLU D 73 -19.16 -42.80 3.28
CA GLU D 73 -20.23 -43.72 3.69
C GLU D 73 -20.97 -44.26 2.50
N THR D 74 -21.21 -43.37 1.55
CA THR D 74 -21.69 -43.67 0.23
C THR D 74 -20.67 -44.33 -0.62
N ASP D 75 -19.42 -43.93 -0.43
CA ASP D 75 -18.40 -44.27 -1.40
C ASP D 75 -18.62 -43.72 -2.82
N ASP D 76 -18.85 -42.42 -2.93
CA ASP D 76 -18.86 -41.77 -4.25
C ASP D 76 -17.63 -40.98 -4.71
N ALA D 77 -17.12 -40.06 -3.90
CA ALA D 77 -15.76 -39.52 -4.02
C ALA D 77 -14.96 -39.89 -2.78
N PHE D 78 -13.74 -39.34 -2.66
CA PHE D 78 -12.88 -39.70 -1.54
C PHE D 78 -12.92 -38.60 -0.52
N VAL D 79 -12.83 -38.96 0.73
CA VAL D 79 -12.83 -37.95 1.76
C VAL D 79 -11.45 -37.90 2.40
N GLY D 80 -10.62 -38.89 2.09
CA GLY D 80 -9.26 -38.92 2.55
C GLY D 80 -8.45 -39.51 1.42
N GLN D 81 -7.23 -39.02 1.23
CA GLN D 81 -6.38 -39.55 0.19
C GLN D 81 -4.95 -39.23 0.49
N SER D 82 -4.04 -40.01 -0.06
CA SER D 82 -2.62 -39.82 0.15
C SER D 82 -1.92 -40.78 -0.81
N LEU D 83 -0.69 -40.51 -1.15
CA LEU D 83 0.02 -41.46 -1.96
C LEU D 83 1.48 -41.14 -1.89
N TYR D 84 2.36 -42.07 -2.24
CA TYR D 84 3.74 -41.66 -2.42
C TYR D 84 4.19 -41.87 -3.88
N LEU D 85 5.11 -41.03 -4.37
CA LEU D 85 5.79 -41.28 -5.62
C LEU D 85 7.12 -41.95 -5.39
N ASP D 86 7.45 -42.92 -6.23
CA ASP D 86 8.73 -43.58 -6.07
C ASP D 86 9.80 -42.65 -6.60
N MET D 87 10.76 -42.25 -5.77
CA MET D 87 11.78 -41.33 -6.24
C MET D 87 13.16 -41.80 -5.91
N GLN D 88 14.09 -40.84 -6.00
CA GLN D 88 15.53 -41.05 -6.07
C GLN D 88 16.31 -39.88 -5.47
N LEU D 89 16.70 -39.99 -4.20
CA LEU D 89 17.24 -38.83 -3.50
C LEU D 89 18.73 -38.89 -3.31
N THR D 90 19.45 -37.80 -3.59
CA THR D 90 20.89 -37.79 -3.33
C THR D 90 21.21 -37.34 -1.91
N VAL D 91 22.13 -38.05 -1.26
CA VAL D 91 22.45 -37.76 0.13
C VAL D 91 23.90 -37.26 0.26
N PRO D 92 24.27 -36.68 1.42
CA PRO D 92 25.65 -36.24 1.55
C PRO D 92 26.59 -37.39 1.26
N GLY D 93 27.45 -37.21 0.26
CA GLY D 93 28.41 -38.26 -0.03
C GLY D 93 28.14 -38.88 -1.37
N GLY D 94 27.06 -38.43 -2.00
CA GLY D 94 26.74 -38.86 -3.34
C GLY D 94 25.93 -40.13 -3.53
N GLU D 95 25.82 -40.98 -2.51
CA GLU D 95 24.93 -42.13 -2.60
C GLU D 95 23.50 -41.72 -2.93
N VAL D 96 22.77 -42.56 -3.64
CA VAL D 96 21.41 -42.20 -4.00
C VAL D 96 20.41 -43.22 -3.52
N LEU D 97 19.45 -42.77 -2.74
CA LEU D 97 18.51 -43.69 -2.16
C LEU D 97 17.13 -43.53 -2.74
N PRO D 98 16.38 -44.63 -2.75
CA PRO D 98 15.00 -44.62 -3.20
C PRO D 98 14.13 -44.04 -2.09
N VAL D 99 13.17 -43.20 -2.43
CA VAL D 99 12.48 -42.48 -1.39
C VAL D 99 11.03 -42.29 -1.71
N ALA D 100 10.21 -42.54 -0.71
CA ALA D 100 8.80 -42.37 -0.86
C ALA D 100 8.47 -40.90 -0.82
N GLY D 101 8.05 -40.34 -1.94
CA GLY D 101 7.69 -38.94 -1.96
C GLY D 101 6.23 -38.73 -1.64
N ILE D 102 5.85 -38.68 -0.37
CA ILE D 102 4.45 -38.45 0.06
C ILE D 102 3.73 -37.26 -0.59
N SER D 103 2.69 -37.51 -1.38
CA SER D 103 2.05 -36.41 -2.11
C SER D 103 0.53 -36.43 -2.17
N PHE D 104 -0.07 -35.26 -2.27
CA PHE D 104 -1.52 -35.16 -2.50
C PHE D 104 -2.35 -35.54 -1.30
N VAL D 105 -1.69 -35.70 -0.15
CA VAL D 105 -2.41 -36.04 1.05
C VAL D 105 -3.41 -34.94 1.31
N ALA D 106 -4.65 -35.30 1.57
CA ALA D 106 -5.74 -34.34 1.63
C ALA D 106 -6.94 -34.95 2.31
N VAL D 107 -7.64 -34.17 3.11
CA VAL D 107 -8.88 -34.61 3.73
C VAL D 107 -10.00 -33.65 3.48
N ALA D 108 -11.09 -34.14 2.89
CA ALA D 108 -12.31 -33.34 2.71
C ALA D 108 -12.64 -32.51 3.94
N PRO D 109 -12.85 -31.18 3.76
CA PRO D 109 -13.01 -30.19 4.84
C PRO D 109 -14.31 -30.42 5.59
N THR D 110 -14.99 -31.45 5.11
CA THR D 110 -16.26 -31.92 5.59
C THR D 110 -16.08 -33.02 6.64
N HIS D 111 -15.21 -33.97 6.36
CA HIS D 111 -14.95 -34.95 7.37
C HIS D 111 -13.65 -34.63 8.07
N ARG D 112 -13.41 -33.35 8.35
CA ARG D 112 -12.24 -32.96 9.15
C ARG D 112 -12.46 -33.44 10.57
N ARG D 113 -11.48 -33.18 11.44
CA ARG D 113 -11.67 -33.45 12.88
C ARG D 113 -11.93 -34.96 13.14
N ARG D 114 -12.18 -35.73 12.08
CA ARG D 114 -12.39 -37.16 12.22
C ARG D 114 -11.06 -37.95 12.09
N GLY D 115 -9.92 -37.26 12.20
CA GLY D 115 -8.61 -37.89 12.25
C GLY D 115 -8.47 -39.02 11.24
N VAL D 116 -8.78 -38.70 10.00
CA VAL D 116 -8.62 -39.63 8.90
C VAL D 116 -7.13 -39.72 8.64
N LEU D 117 -6.48 -38.57 8.74
CA LEU D 117 -5.03 -38.44 8.54
C LEU D 117 -4.20 -39.49 9.28
N ARG D 118 -4.42 -39.67 10.59
CA ARG D 118 -3.65 -40.68 11.29
C ARG D 118 -3.99 -42.03 10.64
N ALA D 119 -5.29 -42.28 10.42
CA ALA D 119 -5.73 -43.54 9.81
C ALA D 119 -4.97 -43.83 8.51
N MET D 120 -4.82 -42.79 7.66
CA MET D 120 -4.16 -42.92 6.37
C MET D 120 -2.65 -42.92 6.50
N TYR D 121 -2.11 -41.92 7.23
CA TYR D 121 -0.66 -41.84 7.34
C TYR D 121 -0.14 -43.17 7.84
N THR D 122 -0.93 -43.85 8.70
CA THR D 122 -0.46 -45.07 9.33
C THR D 122 -0.42 -46.24 8.36
N GLU D 123 -1.41 -46.31 7.46
CA GLU D 123 -1.36 -47.34 6.43
C GLU D 123 -0.34 -46.98 5.39
N LEU D 124 -0.31 -45.72 4.95
CA LEU D 124 0.62 -45.32 3.89
C LEU D 124 2.06 -45.58 4.33
N HIS D 125 2.33 -45.49 5.62
CA HIS D 125 3.70 -45.72 6.10
C HIS D 125 4.06 -47.18 6.29
N ASP D 126 3.05 -48.00 6.57
CA ASP D 126 3.30 -49.43 6.59
C ASP D 126 3.68 -49.83 5.18
N ARG D 127 2.96 -49.30 4.20
CA ARG D 127 3.26 -49.55 2.80
C ARG D 127 4.69 -49.17 2.47
N ILE D 128 5.04 -47.94 2.81
CA ILE D 128 6.35 -47.43 2.47
C ILE D 128 7.39 -48.36 3.06
N ALA D 129 7.16 -48.75 4.30
CA ALA D 129 8.08 -49.60 4.99
C ALA D 129 8.19 -50.93 4.27
N ARG D 130 7.06 -51.60 4.00
CA ARG D 130 7.07 -52.90 3.30
C ARG D 130 7.88 -52.81 2.03
N ALA D 131 7.65 -51.76 1.26
CA ALA D 131 8.37 -51.48 0.01
C ALA D 131 9.87 -51.40 0.15
N GLY D 132 10.36 -51.22 1.39
CA GLY D 132 11.78 -51.11 1.68
C GLY D 132 12.47 -49.75 1.53
N TYR D 133 11.73 -48.65 1.52
CA TYR D 133 12.35 -47.34 1.40
C TYR D 133 12.94 -46.94 2.72
N PRO D 134 14.20 -46.49 2.70
CA PRO D 134 14.95 -45.96 3.84
C PRO D 134 14.41 -44.62 4.33
N LEU D 135 14.16 -43.66 3.44
CA LEU D 135 13.59 -42.35 3.80
C LEU D 135 12.25 -42.12 3.17
N ALA D 136 11.50 -41.20 3.74
CA ALA D 136 10.29 -40.71 3.12
C ALA D 136 10.46 -39.21 3.08
N VAL D 137 9.98 -38.58 2.03
CA VAL D 137 10.18 -37.16 1.94
C VAL D 137 8.90 -36.47 1.53
N LEU D 138 8.76 -35.19 1.86
CA LEU D 138 7.60 -34.41 1.40
C LEU D 138 7.93 -32.92 1.32
N THR D 139 7.05 -32.15 0.68
CA THR D 139 7.09 -30.70 0.86
C THR D 139 5.87 -30.29 1.68
N ALA D 140 5.99 -29.26 2.52
CA ALA D 140 4.94 -28.97 3.50
C ALA D 140 3.86 -28.16 2.85
N SER D 141 2.64 -28.30 3.34
CA SER D 141 1.53 -27.47 2.88
C SER D 141 0.74 -27.04 4.13
N GLU D 142 -0.13 -26.04 3.98
CA GLU D 142 -0.83 -25.47 5.12
C GLU D 142 -1.53 -26.50 5.99
N GLY D 143 -1.60 -26.23 7.29
CA GLY D 143 -2.26 -27.16 8.19
C GLY D 143 -1.50 -28.44 8.53
N GLY D 144 -0.46 -28.74 7.77
CA GLY D 144 0.30 -29.97 7.91
C GLY D 144 0.87 -30.08 9.29
N ILE D 145 0.48 -31.13 10.00
CA ILE D 145 1.08 -31.55 11.27
C ILE D 145 2.19 -32.58 10.96
N TYR D 146 3.45 -32.18 11.05
CA TYR D 146 4.52 -32.97 10.42
C TYR D 146 5.60 -33.54 11.38
N GLY D 147 6.10 -32.72 12.29
CA GLY D 147 7.01 -33.18 13.32
C GLY D 147 6.41 -34.33 14.08
N ARG D 148 5.09 -34.27 14.29
CA ARG D 148 4.36 -35.18 15.17
C ARG D 148 4.52 -36.61 14.70
N PHE D 149 4.82 -36.72 13.40
CA PHE D 149 4.96 -37.99 12.70
C PHE D 149 6.38 -38.27 12.36
N GLY D 150 7.30 -37.54 12.96
CA GLY D 150 8.71 -37.83 12.80
C GLY D 150 9.32 -37.25 11.55
N TYR D 151 8.63 -36.28 10.95
CA TYR D 151 9.19 -35.55 9.82
C TYR D 151 10.00 -34.35 10.29
N GLY D 152 11.13 -34.09 9.62
CA GLY D 152 11.91 -32.91 9.96
C GLY D 152 12.31 -32.07 8.78
N VAL D 153 12.42 -30.74 8.96
CA VAL D 153 12.91 -29.88 7.86
C VAL D 153 14.37 -30.16 7.52
N ALA D 154 14.61 -30.57 6.28
CA ALA D 154 15.92 -31.08 5.91
C ALA D 154 16.74 -30.21 4.97
N THR D 155 16.07 -29.43 4.14
CA THR D 155 16.72 -28.40 3.34
C THR D 155 16.03 -27.07 3.54
N ILE D 156 16.83 -25.99 3.46
CA ILE D 156 16.31 -24.62 3.62
C ILE D 156 16.36 -23.88 2.31
N GLU D 157 15.42 -22.95 2.11
CA GLU D 157 15.39 -22.15 0.90
C GLU D 157 15.44 -20.62 1.16
N GLN D 158 16.59 -19.98 0.90
CA GLN D 158 16.76 -18.54 1.01
C GLN D 158 16.25 -17.82 -0.20
N HIS D 159 15.39 -16.81 -0.10
CA HIS D 159 15.12 -16.00 -1.30
C HIS D 159 16.11 -14.84 -1.38
N VAL D 160 16.54 -14.52 -2.59
CA VAL D 160 17.55 -13.49 -2.80
C VAL D 160 17.11 -12.48 -3.85
N SER D 161 17.36 -11.20 -3.62
CA SER D 161 16.97 -10.22 -4.59
C SER D 161 18.14 -9.32 -4.93
N VAL D 162 18.68 -9.47 -6.13
CA VAL D 162 19.66 -8.50 -6.63
C VAL D 162 18.99 -7.39 -7.41
N ASP D 163 19.31 -6.14 -7.10
CA ASP D 163 18.83 -5.01 -7.89
C ASP D 163 19.88 -4.76 -8.94
N ARG D 164 19.59 -5.12 -10.19
CA ARG D 164 20.61 -5.08 -11.24
C ARG D 164 21.30 -3.73 -11.40
N ARG D 165 20.56 -2.63 -11.35
CA ARG D 165 21.15 -1.38 -11.80
C ARG D 165 22.21 -0.85 -10.84
N LEU D 166 22.29 -1.38 -9.62
CA LEU D 166 23.34 -0.96 -8.70
C LEU D 166 24.27 -2.08 -8.37
N ALA D 167 23.91 -3.28 -8.79
CA ALA D 167 24.77 -4.45 -8.58
C ALA D 167 25.92 -4.35 -9.54
N GLN D 168 27.02 -5.00 -9.19
CA GLN D 168 28.22 -5.03 -10.02
C GLN D 168 29.23 -5.99 -9.42
N PHE D 169 29.74 -6.90 -10.24
CA PHE D 169 30.61 -7.94 -9.74
C PHE D 169 31.92 -7.42 -9.15
N HIS D 170 32.58 -8.33 -8.46
CA HIS D 170 33.86 -8.06 -7.88
C HIS D 170 34.91 -8.15 -8.99
N PRO D 171 35.96 -7.34 -8.87
CA PRO D 171 37.15 -7.38 -9.75
C PRO D 171 37.76 -8.77 -9.92
N ALA D 172 37.87 -9.53 -8.84
CA ALA D 172 38.50 -10.85 -8.88
C ALA D 172 37.64 -11.95 -9.50
N ALA D 173 36.39 -11.62 -9.80
CA ALA D 173 35.35 -12.64 -10.03
C ALA D 173 35.24 -13.08 -11.46
N PRO D 174 35.26 -14.39 -11.66
CA PRO D 174 35.19 -15.06 -12.96
C PRO D 174 34.21 -14.42 -13.91
N ASP D 175 34.62 -14.42 -15.17
CA ASP D 175 33.82 -13.92 -16.28
C ASP D 175 33.92 -14.85 -17.50
N PRO D 176 33.64 -16.14 -17.33
CA PRO D 176 33.96 -17.11 -18.38
C PRO D 176 33.13 -16.92 -19.59
N GLY D 177 31.91 -16.40 -19.47
CA GLY D 177 31.02 -16.44 -20.61
C GLY D 177 30.82 -17.85 -21.19
N GLY D 178 29.99 -17.95 -22.22
CA GLY D 178 29.65 -19.25 -22.80
C GLY D 178 28.19 -19.55 -22.60
N VAL D 179 27.44 -18.49 -22.34
CA VAL D 179 26.00 -18.58 -22.12
C VAL D 179 25.24 -18.27 -23.41
N ARG D 180 24.59 -19.26 -23.99
CA ARG D 180 23.73 -18.98 -25.14
C ARG D 180 22.36 -18.59 -24.58
N MET D 181 21.61 -17.74 -25.26
CA MET D 181 20.18 -17.67 -24.94
C MET D 181 19.54 -18.84 -25.64
N LEU D 182 18.65 -19.54 -24.95
CA LEU D 182 18.01 -20.71 -25.52
C LEU D 182 16.51 -20.46 -25.58
N VAL D 183 15.86 -21.24 -26.45
CA VAL D 183 14.43 -21.53 -26.30
C VAL D 183 14.33 -22.86 -25.58
N PRO D 184 13.59 -22.85 -24.47
CA PRO D 184 13.73 -23.90 -23.46
C PRO D 184 13.39 -25.26 -24.04
N ALA D 185 12.17 -25.36 -24.56
CA ALA D 185 11.63 -26.57 -25.17
C ALA D 185 12.65 -27.31 -26.05
N ASP D 186 13.27 -26.57 -26.98
CA ASP D 186 14.14 -27.19 -27.98
C ASP D 186 15.37 -27.91 -27.46
N HIS D 187 15.83 -27.58 -26.25
CA HIS D 187 16.99 -28.28 -25.69
C HIS D 187 16.58 -29.04 -24.46
N ARG D 188 15.47 -29.76 -24.54
CA ARG D 188 15.01 -30.55 -23.40
C ARG D 188 16.06 -31.55 -22.89
N ASP D 189 16.67 -32.30 -23.82
CA ASP D 189 17.66 -33.28 -23.43
C ASP D 189 18.91 -32.62 -22.84
N GLY D 190 19.35 -31.56 -23.51
CA GLY D 190 20.56 -30.85 -23.14
C GLY D 190 20.46 -30.35 -21.72
N LEU D 191 19.30 -29.75 -21.40
CA LEU D 191 18.96 -29.30 -20.06
C LEU D 191 19.02 -30.44 -19.10
N ALA D 192 18.29 -31.51 -19.45
CA ALA D 192 18.17 -32.68 -18.60
C ALA D 192 19.53 -33.22 -18.23
N ASP D 193 20.46 -33.27 -19.17
CA ASP D 193 21.78 -33.83 -18.86
C ASP D 193 22.54 -32.97 -17.84
N ILE D 194 22.35 -31.66 -17.96
CA ILE D 194 23.06 -30.70 -17.11
C ILE D 194 22.57 -30.86 -15.68
N TYR D 195 21.27 -30.69 -15.50
CA TYR D 195 20.58 -31.06 -14.29
C TYR D 195 21.15 -32.35 -13.68
N ASP D 196 21.07 -33.46 -14.41
CA ASP D 196 21.51 -34.75 -13.89
C ASP D 196 22.92 -34.65 -13.33
N ARG D 197 23.78 -33.90 -14.02
CA ARG D 197 25.14 -33.73 -13.54
C ARG D 197 25.18 -33.08 -12.17
N TRP D 198 24.39 -32.01 -12.01
CA TRP D 198 24.22 -31.38 -10.71
C TRP D 198 23.71 -32.36 -9.63
N ARG D 199 22.52 -32.90 -9.87
CA ARG D 199 21.91 -33.92 -9.02
C ARG D 199 22.86 -34.89 -8.29
N ARG D 200 23.79 -35.51 -9.02
CA ARG D 200 24.60 -36.55 -8.39
C ARG D 200 25.65 -35.97 -7.50
N ARG D 201 25.89 -34.66 -7.66
CA ARG D 201 26.91 -33.98 -6.88
C ARG D 201 26.32 -33.30 -5.63
N THR D 202 25.02 -33.00 -5.65
CA THR D 202 24.34 -32.15 -4.67
C THR D 202 23.31 -32.82 -3.75
N PRO D 203 23.63 -33.03 -2.46
CA PRO D 203 22.60 -33.63 -1.57
C PRO D 203 21.30 -32.83 -1.55
N GLY D 204 20.19 -33.51 -1.74
CA GLY D 204 18.93 -32.84 -2.02
C GLY D 204 18.42 -33.25 -3.40
N GLY D 205 19.34 -33.78 -4.19
CA GLY D 205 19.08 -34.00 -5.60
C GLY D 205 18.06 -35.08 -5.89
N LEU D 206 16.96 -34.66 -6.49
CA LEU D 206 15.96 -35.60 -6.97
C LEU D 206 16.19 -35.89 -8.44
N VAL D 207 16.13 -37.17 -8.81
CA VAL D 207 15.94 -37.54 -10.21
C VAL D 207 14.66 -36.92 -10.82
N ARG D 208 14.78 -36.38 -12.03
CA ARG D 208 13.61 -35.82 -12.69
C ARG D 208 13.31 -36.64 -13.94
N PRO D 209 12.26 -37.46 -13.85
CA PRO D 209 11.65 -38.22 -14.94
C PRO D 209 11.40 -37.36 -16.16
N ASP D 210 11.58 -37.92 -17.34
CA ASP D 210 11.36 -37.21 -18.59
C ASP D 210 9.98 -36.60 -18.65
N ALA D 211 8.98 -37.35 -18.19
CA ALA D 211 7.60 -36.89 -18.10
C ALA D 211 7.51 -35.47 -17.56
N LEU D 212 8.33 -35.19 -16.54
CA LEU D 212 8.28 -33.96 -15.77
C LEU D 212 8.97 -32.81 -16.45
N TRP D 213 10.08 -33.08 -17.13
CA TRP D 213 10.78 -32.08 -17.93
C TRP D 213 9.85 -31.53 -18.99
N ASP D 214 9.27 -32.47 -19.74
CA ASP D 214 8.30 -32.19 -20.78
C ASP D 214 7.27 -31.22 -20.30
N ASP D 215 6.69 -31.54 -19.15
CA ASP D 215 5.66 -30.70 -18.57
C ASP D 215 6.22 -29.34 -18.14
N LEU D 216 7.51 -29.32 -17.84
CA LEU D 216 8.19 -28.12 -17.34
C LEU D 216 8.41 -27.15 -18.48
N LEU D 217 9.15 -27.59 -19.49
CA LEU D 217 9.44 -26.75 -20.65
C LEU D 217 8.18 -26.42 -21.47
N ALA D 218 7.14 -27.23 -21.27
CA ALA D 218 5.85 -27.03 -21.92
C ALA D 218 5.28 -25.65 -21.66
N ASP D 219 5.43 -25.15 -20.43
CA ASP D 219 5.06 -23.79 -20.09
C ASP D 219 3.58 -23.50 -20.39
N ARG D 220 2.68 -24.17 -19.67
CA ARG D 220 1.27 -23.83 -19.83
C ARG D 220 0.90 -22.71 -18.84
N PRO D 221 0.13 -21.69 -19.30
CA PRO D 221 -0.16 -20.45 -18.55
C PRO D 221 -0.65 -20.64 -17.09
N GLU D 222 -1.08 -21.86 -16.78
CA GLU D 222 -1.92 -22.21 -15.61
C GLU D 222 -1.16 -22.56 -14.34
N SER D 223 0.13 -22.89 -14.47
CA SER D 223 1.00 -23.06 -13.31
C SER D 223 2.28 -22.22 -13.51
N ARG D 224 2.06 -21.05 -14.12
CA ARG D 224 3.04 -19.98 -14.29
C ARG D 224 2.69 -18.80 -13.35
N ARG D 225 3.44 -18.59 -12.28
CA ARG D 225 3.30 -17.31 -11.55
C ARG D 225 4.49 -16.99 -10.63
N GLY D 226 5.06 -15.80 -10.78
CA GLY D 226 4.55 -14.84 -11.75
C GLY D 226 5.41 -14.59 -12.98
N GLY D 227 4.75 -14.43 -14.13
CA GLY D 227 5.41 -13.96 -15.32
C GLY D 227 4.86 -14.42 -16.66
N GLY D 228 5.73 -14.38 -17.66
CA GLY D 228 5.42 -14.72 -19.05
C GLY D 228 6.20 -15.96 -19.44
N GLU D 229 6.40 -16.07 -20.73
CA GLU D 229 6.76 -17.29 -21.36
C GLU D 229 8.04 -17.40 -20.69
N LEU D 230 8.72 -18.51 -20.87
CA LEU D 230 9.84 -18.85 -20.06
C LEU D 230 11.09 -18.64 -20.85
N PHE D 231 11.91 -17.70 -20.41
CA PHE D 231 13.17 -17.43 -21.05
C PHE D 231 14.16 -18.39 -20.49
N ALA D 232 15.37 -18.49 -21.04
CA ALA D 232 16.37 -19.40 -20.51
C ALA D 232 17.78 -19.02 -20.90
N PHE D 233 18.77 -19.65 -20.28
CA PHE D 233 20.19 -19.40 -20.56
C PHE D 233 20.86 -20.75 -20.52
N GLY D 234 21.87 -20.98 -21.34
CA GLY D 234 22.52 -22.28 -21.37
C GLY D 234 24.02 -22.17 -21.39
N HIS D 235 24.66 -22.69 -20.36
CA HIS D 235 26.09 -22.89 -20.36
C HIS D 235 26.39 -24.34 -20.57
N GLN D 236 27.63 -24.66 -20.89
CA GLN D 236 27.97 -26.05 -21.11
C GLN D 236 27.71 -26.77 -19.81
N ASP D 237 27.91 -26.05 -18.71
CA ASP D 237 27.76 -26.60 -17.38
C ASP D 237 26.62 -26.03 -16.53
N GLY D 238 25.72 -25.27 -17.12
CA GLY D 238 24.71 -24.63 -16.31
C GLY D 238 23.57 -24.10 -17.12
N TYR D 239 22.49 -23.74 -16.44
CA TYR D 239 21.42 -23.10 -17.14
C TYR D 239 20.60 -22.32 -16.13
N ALA D 240 19.68 -21.52 -16.64
CA ALA D 240 18.87 -20.65 -15.81
C ALA D 240 17.53 -20.41 -16.47
N LEU D 241 16.48 -20.91 -15.84
CA LEU D 241 15.14 -20.64 -16.32
C LEU D 241 14.64 -19.43 -15.58
N TYR D 242 13.91 -18.54 -16.25
CA TYR D 242 13.27 -17.46 -15.54
C TYR D 242 12.02 -16.91 -16.22
N ARG D 243 11.25 -16.12 -15.51
CA ARG D 243 10.06 -15.50 -16.07
C ARG D 243 10.25 -14.05 -15.77
N VAL D 244 9.62 -13.18 -16.54
CA VAL D 244 9.68 -11.75 -16.29
C VAL D 244 8.28 -11.29 -15.98
N ASP D 245 8.12 -10.20 -15.23
CA ASP D 245 6.78 -9.62 -15.11
C ASP D 245 6.76 -8.15 -14.71
N ARG D 246 5.76 -7.48 -15.28
CA ARG D 246 5.38 -6.14 -14.87
C ARG D 246 4.65 -6.26 -13.54
N GLY D 247 5.09 -5.48 -12.57
CA GLY D 247 4.35 -5.40 -11.33
C GLY D 247 3.49 -4.15 -11.38
N PRO D 248 3.10 -3.64 -10.19
CA PRO D 248 2.33 -2.42 -10.00
C PRO D 248 2.89 -1.18 -10.73
N ASP D 249 4.22 -1.08 -10.81
CA ASP D 249 4.92 0.15 -11.17
C ASP D 249 4.53 0.84 -12.51
N GLY D 250 4.37 0.12 -13.62
CA GLY D 250 4.67 -1.30 -13.79
C GLY D 250 6.03 -1.51 -14.42
N ARG D 251 7.04 -1.70 -13.58
CA ARG D 251 8.41 -1.93 -13.99
C ARG D 251 8.67 -3.41 -13.85
N ARG D 252 9.68 -3.90 -14.55
CA ARG D 252 9.79 -5.31 -14.78
C ARG D 252 10.92 -5.91 -13.97
N SER D 253 10.74 -7.15 -13.54
CA SER D 253 11.78 -7.89 -12.85
C SER D 253 11.75 -9.39 -13.18
N ALA D 254 12.85 -10.07 -12.95
CA ALA D 254 12.91 -11.45 -13.39
C ALA D 254 12.93 -12.39 -12.23
N HIS D 255 11.92 -13.24 -12.13
CA HIS D 255 11.94 -14.35 -11.19
C HIS D 255 12.76 -15.46 -11.84
N VAL D 256 13.91 -15.84 -11.27
CA VAL D 256 14.59 -17.03 -11.75
C VAL D 256 13.81 -18.18 -11.22
N VAL D 257 13.42 -19.09 -12.09
CA VAL D 257 12.59 -20.19 -11.68
C VAL D 257 13.48 -21.36 -11.26
N GLU D 258 14.57 -21.55 -11.99
CA GLU D 258 15.51 -22.60 -11.65
C GLU D 258 16.85 -22.34 -12.31
N LEU D 259 17.91 -22.41 -11.52
CA LEU D 259 19.26 -22.24 -12.02
C LEU D 259 20.11 -23.40 -11.48
N THR D 260 20.64 -24.20 -12.39
CA THR D 260 21.45 -25.36 -12.07
C THR D 260 22.82 -25.20 -12.65
N ALA D 261 23.86 -25.23 -11.81
CA ALA D 261 25.24 -25.18 -12.31
C ALA D 261 26.08 -26.28 -11.73
N VAL D 262 26.95 -26.85 -12.54
CA VAL D 262 27.82 -27.89 -12.07
C VAL D 262 29.16 -27.30 -11.65
N THR D 263 29.55 -26.20 -12.28
CA THR D 263 30.85 -25.58 -12.01
C THR D 263 30.67 -24.16 -11.59
N ALA D 264 31.67 -23.57 -10.92
CA ALA D 264 31.53 -22.20 -10.39
C ALA D 264 31.32 -21.21 -11.51
N ASP D 265 31.90 -21.55 -12.66
CA ASP D 265 31.92 -20.68 -13.83
C ASP D 265 30.60 -20.59 -14.54
N ALA D 266 29.88 -21.70 -14.61
CA ALA D 266 28.51 -21.67 -15.08
C ALA D 266 27.69 -20.79 -14.15
N HIS D 267 27.95 -20.91 -12.85
CA HIS D 267 27.24 -20.09 -11.87
C HIS D 267 27.53 -18.63 -12.20
N ALA D 268 28.80 -18.25 -12.08
CA ALA D 268 29.27 -16.91 -12.45
C ALA D 268 28.65 -16.44 -13.75
N ALA D 269 28.92 -17.18 -14.83
CA ALA D 269 28.54 -16.75 -16.18
C ALA D 269 27.04 -16.52 -16.33
N LEU D 270 26.23 -17.41 -15.76
CA LEU D 270 24.78 -17.28 -15.76
C LEU D 270 24.24 -16.08 -14.99
N TRP D 271 24.90 -15.75 -13.88
CA TRP D 271 24.49 -14.63 -13.05
C TRP D 271 24.82 -13.38 -13.79
N ARG D 272 25.93 -13.45 -14.51
CA ARG D 272 26.38 -12.38 -15.34
C ARG D 272 25.33 -12.05 -16.39
N ALA D 273 24.94 -13.10 -17.09
CA ALA D 273 23.82 -13.01 -17.99
C ALA D 273 22.65 -12.30 -17.31
N LEU D 274 22.16 -12.88 -16.22
CA LEU D 274 20.88 -12.49 -15.64
C LEU D 274 20.88 -11.01 -15.33
N LEU D 275 22.02 -10.54 -14.82
CA LEU D 275 22.16 -9.15 -14.40
C LEU D 275 22.37 -8.14 -15.52
N GLY D 276 22.53 -8.67 -16.74
CA GLY D 276 22.69 -7.84 -17.91
C GLY D 276 21.41 -7.62 -18.68
N LEU D 277 20.31 -8.17 -18.19
CA LEU D 277 19.00 -7.89 -18.81
C LEU D 277 18.62 -6.46 -18.43
N ASP D 278 17.78 -5.81 -19.22
CA ASP D 278 17.62 -4.36 -19.08
C ASP D 278 16.25 -3.91 -18.60
N LEU D 279 15.19 -4.43 -19.20
CA LEU D 279 13.87 -4.38 -18.62
C LEU D 279 13.94 -4.42 -17.10
N ILE D 280 14.68 -5.41 -16.64
CA ILE D 280 14.80 -5.80 -15.26
C ILE D 280 15.32 -4.73 -14.31
N ASP D 281 14.52 -4.46 -13.28
CA ASP D 281 14.97 -3.68 -12.13
C ASP D 281 15.73 -4.59 -11.17
N ARG D 282 15.13 -5.72 -10.81
CA ARG D 282 15.80 -6.66 -9.95
C ARG D 282 15.60 -8.13 -10.32
N VAL D 283 16.56 -8.97 -9.96
CA VAL D 283 16.51 -10.39 -10.24
C VAL D 283 16.33 -11.14 -8.95
N SER D 284 15.30 -12.00 -8.85
CA SER D 284 15.11 -12.78 -7.62
C SER D 284 15.16 -14.28 -7.87
N ILE D 285 15.64 -15.03 -6.88
CA ILE D 285 15.77 -16.49 -6.99
C ILE D 285 15.53 -17.10 -5.62
N GLY D 286 15.00 -18.31 -5.59
CA GLY D 286 14.94 -19.07 -4.34
C GLY D 286 16.09 -20.02 -4.43
N THR D 287 16.87 -20.07 -3.38
CA THR D 287 18.06 -20.84 -3.41
C THR D 287 18.57 -21.18 -2.04
N HIS D 288 19.66 -21.91 -2.01
CA HIS D 288 20.18 -22.43 -0.79
C HIS D 288 21.08 -21.52 0.01
N PRO D 289 21.33 -21.95 1.28
CA PRO D 289 21.95 -20.99 2.17
C PRO D 289 23.30 -20.40 1.84
N HIS D 290 24.24 -21.10 1.25
CA HIS D 290 25.55 -20.52 1.06
C HIS D 290 25.92 -20.21 -0.35
N ASP D 291 24.94 -19.79 -1.10
CA ASP D 291 25.04 -19.46 -2.50
C ASP D 291 26.08 -18.41 -2.67
N PRO D 292 26.99 -18.57 -3.64
CA PRO D 292 28.06 -17.60 -3.80
C PRO D 292 27.64 -16.37 -4.57
N LEU D 293 26.37 -16.21 -4.90
CA LEU D 293 26.00 -15.01 -5.62
C LEU D 293 26.48 -13.72 -4.93
N PRO D 294 26.29 -13.59 -3.60
CA PRO D 294 26.66 -12.30 -2.99
C PRO D 294 28.14 -12.09 -2.81
N TYR D 295 28.89 -13.19 -2.85
CA TYR D 295 30.32 -13.16 -2.66
C TYR D 295 30.92 -12.78 -3.97
N LEU D 296 30.11 -12.84 -5.01
CA LEU D 296 30.54 -12.57 -6.38
C LEU D 296 30.49 -11.07 -6.70
N LEU D 297 29.89 -10.29 -5.82
CA LEU D 297 29.71 -8.85 -6.04
C LEU D 297 30.69 -8.02 -5.22
N THR D 298 30.91 -6.78 -5.66
CA THR D 298 31.84 -5.92 -4.95
C THR D 298 31.36 -5.65 -3.52
N ASP D 299 30.05 -5.79 -3.28
CA ASP D 299 29.46 -5.51 -1.96
C ASP D 299 28.22 -6.36 -1.75
N PRO D 300 28.22 -7.22 -0.70
CA PRO D 300 27.16 -8.22 -0.57
C PRO D 300 25.83 -7.54 -0.35
N ARG D 301 25.89 -6.28 0.06
CA ARG D 301 24.70 -5.47 0.26
C ARG D 301 23.87 -5.34 -1.02
N GLN D 302 24.48 -5.57 -2.18
CA GLN D 302 23.73 -5.49 -3.44
C GLN D 302 22.71 -6.64 -3.49
N ALA D 303 23.04 -7.73 -2.81
CA ALA D 303 22.24 -8.93 -2.91
C ALA D 303 21.38 -9.19 -1.67
N GLN D 304 20.28 -8.42 -1.60
CA GLN D 304 19.28 -8.52 -0.54
C GLN D 304 18.80 -9.93 -0.30
N VAL D 305 19.12 -10.52 0.87
CA VAL D 305 18.50 -11.80 1.25
C VAL D 305 17.16 -11.61 2.00
N THR D 306 16.10 -12.10 1.37
CA THR D 306 14.72 -11.82 1.74
C THR D 306 14.09 -12.76 2.73
N ALA D 307 14.18 -14.05 2.48
CA ALA D 307 13.54 -14.98 3.38
C ALA D 307 14.33 -16.24 3.47
N SER D 308 13.92 -17.06 4.41
CA SER D 308 14.51 -18.35 4.62
C SER D 308 13.34 -19.18 5.09
N ALA D 309 12.90 -20.08 4.20
CA ALA D 309 11.75 -20.91 4.49
C ALA D 309 12.09 -22.39 4.28
N ASP D 310 11.17 -23.24 4.73
CA ASP D 310 11.36 -24.67 4.74
C ASP D 310 11.28 -25.12 3.29
N ASP D 311 11.98 -26.20 2.92
CA ASP D 311 11.75 -26.77 1.60
C ASP D 311 11.35 -28.26 1.69
N LEU D 312 12.38 -29.12 1.80
CA LEU D 312 12.21 -30.57 1.86
C LEU D 312 12.18 -31.08 3.27
N TRP D 313 11.22 -31.92 3.60
CA TRP D 313 11.20 -32.57 4.90
C TRP D 313 11.46 -34.06 4.76
N ILE D 314 12.03 -34.67 5.80
CA ILE D 314 12.46 -36.05 5.75
C ILE D 314 12.01 -36.81 6.96
N ARG D 315 11.49 -38.00 6.75
CA ARG D 315 11.31 -38.92 7.87
C ARG D 315 12.18 -40.14 7.68
N ILE D 316 13.13 -40.35 8.59
CA ILE D 316 13.94 -41.55 8.50
C ILE D 316 13.07 -42.77 8.83
N MET D 317 12.96 -43.69 7.88
CA MET D 317 12.15 -44.90 7.99
C MET D 317 12.94 -46.12 8.50
N ASN D 318 14.20 -46.22 8.07
CA ASN D 318 15.14 -47.27 8.48
C ASN D 318 16.43 -46.60 8.96
N VAL D 319 16.58 -46.48 10.28
CA VAL D 319 17.66 -45.64 10.81
C VAL D 319 19.03 -46.14 10.34
N PRO D 320 19.35 -47.44 10.56
CA PRO D 320 20.62 -47.97 10.06
C PRO D 320 20.82 -47.81 8.55
N ALA D 321 19.82 -48.23 7.78
CA ALA D 321 19.86 -48.10 6.35
C ALA D 321 20.30 -46.71 5.97
N ALA D 322 19.60 -45.71 6.52
CA ALA D 322 19.78 -44.34 6.07
C ALA D 322 21.07 -43.71 6.57
N LEU D 323 21.37 -43.95 7.84
CA LEU D 323 22.60 -43.45 8.42
C LEU D 323 23.83 -43.98 7.68
N GLU D 324 23.86 -45.27 7.47
CA GLU D 324 24.96 -45.92 6.77
C GLU D 324 25.15 -45.38 5.36
N ALA D 325 24.05 -45.12 4.67
CA ALA D 325 24.09 -44.74 3.26
C ALA D 325 24.95 -43.50 3.02
N ARG D 326 24.60 -42.39 3.67
CA ARG D 326 25.40 -41.18 3.57
C ARG D 326 26.75 -41.33 4.25
N ARG D 327 27.54 -40.28 4.12
CA ARG D 327 28.84 -40.27 4.76
C ARG D 327 29.02 -38.93 5.44
N TYR D 328 30.12 -38.81 6.20
CA TYR D 328 30.20 -37.85 7.29
C TYR D 328 31.49 -37.01 7.38
N GLN D 329 31.48 -36.08 8.33
CA GLN D 329 32.48 -35.05 8.44
C GLN D 329 33.36 -35.10 9.68
N ALA D 330 32.87 -35.70 10.76
CA ALA D 330 33.72 -35.94 11.90
C ALA D 330 33.79 -37.43 12.17
N ASP D 331 34.51 -37.82 13.23
CA ASP D 331 34.41 -39.19 13.69
C ASP D 331 33.59 -39.17 14.96
N LEU D 332 33.10 -40.35 15.33
CA LEU D 332 32.03 -40.47 16.31
C LEU D 332 31.94 -41.90 16.81
N ASP D 333 31.96 -42.12 18.12
CA ASP D 333 31.69 -43.45 18.64
C ASP D 333 30.68 -43.29 19.75
N VAL D 334 29.41 -43.46 19.39
CA VAL D 334 28.37 -43.01 20.28
C VAL D 334 27.21 -44.00 20.24
N VAL D 335 26.38 -44.06 21.29
CA VAL D 335 25.17 -44.92 21.26
C VAL D 335 23.88 -44.11 21.25
N LEU D 336 23.15 -44.21 20.14
CA LEU D 336 22.02 -43.36 19.79
C LEU D 336 20.68 -43.93 20.20
N ASP D 337 19.84 -43.10 20.80
CA ASP D 337 18.51 -43.57 21.21
C ASP D 337 17.46 -42.77 20.47
N VAL D 338 17.12 -43.28 19.29
CA VAL D 338 16.16 -42.62 18.44
C VAL D 338 14.79 -42.87 18.97
N ALA D 339 14.05 -41.79 19.18
CA ALA D 339 12.72 -41.85 19.77
C ALA D 339 11.63 -41.54 18.75
N ASP D 340 10.65 -42.45 18.65
CA ASP D 340 9.65 -42.35 17.60
C ASP D 340 8.26 -42.54 18.18
N GLY D 341 7.48 -41.48 18.26
CA GLY D 341 6.18 -41.60 18.87
C GLY D 341 5.07 -41.81 17.87
N PHE D 342 5.43 -42.16 16.63
CA PHE D 342 4.40 -42.44 15.63
C PHE D 342 4.37 -43.93 15.28
N ARG D 343 5.48 -44.42 14.74
CA ARG D 343 5.62 -45.83 14.45
C ARG D 343 6.57 -46.47 15.45
N SER D 344 7.40 -47.43 15.02
CA SER D 344 8.37 -48.07 15.92
C SER D 344 9.72 -48.29 15.25
N ASP D 345 10.23 -47.27 14.57
CA ASP D 345 11.54 -47.34 13.96
C ASP D 345 12.55 -46.66 14.84
N GLY D 346 12.47 -46.95 16.12
CA GLY D 346 13.29 -46.25 17.09
C GLY D 346 14.36 -47.17 17.54
N GLY D 347 14.73 -47.08 18.82
CA GLY D 347 15.60 -48.08 19.40
C GLY D 347 16.98 -47.54 19.63
N ARG D 348 17.86 -48.39 20.12
CA ARG D 348 19.21 -47.94 20.38
C ARG D 348 20.16 -48.50 19.34
N PHE D 349 21.11 -47.66 18.92
CA PHE D 349 21.98 -47.98 17.81
C PHE D 349 23.44 -47.63 18.15
N ALA D 350 24.36 -48.56 17.89
CA ALA D 350 25.78 -48.22 17.93
C ALA D 350 26.10 -47.53 16.63
N LEU D 351 26.21 -46.23 16.69
CA LEU D 351 26.63 -45.47 15.54
C LEU D 351 28.12 -45.21 15.69
N GLN D 352 28.92 -45.84 14.82
CA GLN D 352 30.34 -45.58 14.79
C GLN D 352 30.69 -45.04 13.42
N ILE D 353 31.28 -43.85 13.39
CA ILE D 353 31.63 -43.20 12.15
C ILE D 353 33.14 -43.04 12.09
N SER D 354 33.75 -43.68 11.11
CA SER D 354 35.18 -43.59 10.98
C SER D 354 35.58 -43.15 9.58
N GLY D 355 36.12 -41.94 9.50
CA GLY D 355 36.69 -41.42 8.28
C GLY D 355 35.72 -41.52 7.13
N GLY D 356 34.65 -40.71 7.20
CA GLY D 356 33.59 -40.72 6.21
C GLY D 356 32.43 -41.62 6.58
N ARG D 357 32.58 -42.93 6.32
CA ARG D 357 31.51 -43.93 6.35
C ARG D 357 30.98 -44.22 7.77
N ALA D 358 29.73 -44.67 7.88
CA ALA D 358 29.17 -45.05 9.17
C ALA D 358 28.59 -46.45 9.17
N ARG D 359 28.98 -47.27 10.14
CA ARG D 359 28.26 -48.51 10.38
C ARG D 359 27.46 -48.30 11.65
N CYS D 360 26.14 -48.27 11.44
CA CYS D 360 25.16 -48.11 12.50
C CYS D 360 24.46 -49.44 12.71
N THR D 361 24.56 -50.00 13.92
CA THR D 361 24.03 -51.34 14.13
C THR D 361 23.24 -51.44 15.39
N THR D 362 22.11 -52.12 15.33
CA THR D 362 21.23 -52.12 16.48
C THR D 362 21.84 -52.75 17.72
N THR D 363 21.62 -52.10 18.88
CA THR D 363 22.23 -52.55 20.14
C THR D 363 21.43 -52.31 21.44
N ASP D 364 22.02 -52.77 22.54
CA ASP D 364 21.31 -52.79 23.82
C ASP D 364 21.91 -51.87 24.84
N ALA D 365 23.17 -51.48 24.61
CA ALA D 365 23.85 -50.52 25.46
C ALA D 365 22.95 -49.36 25.84
N PRO D 366 23.19 -48.75 27.00
CA PRO D 366 22.41 -47.53 27.21
C PRO D 366 22.83 -46.46 26.20
N ALA D 367 22.10 -45.36 26.21
CA ALA D 367 22.38 -44.27 25.30
C ALA D 367 23.48 -43.32 25.79
N ASP D 368 24.06 -42.59 24.85
CA ASP D 368 24.88 -41.43 25.15
C ASP D 368 24.07 -40.19 24.78
N ILE D 369 23.61 -40.20 23.54
CA ILE D 369 22.75 -39.20 22.93
C ILE D 369 21.35 -39.73 22.76
N GLU D 370 20.33 -39.09 23.31
CA GLU D 370 18.97 -39.36 22.83
C GLU D 370 18.50 -38.34 21.77
N ILE D 371 17.57 -38.74 20.91
CA ILE D 371 17.24 -37.88 19.78
C ILE D 371 15.89 -38.21 19.16
N ASP D 372 14.98 -37.24 19.14
CA ASP D 372 13.73 -37.43 18.45
C ASP D 372 13.95 -37.74 16.97
N LEU D 373 13.12 -38.63 16.44
CA LEU D 373 13.28 -39.07 15.05
C LEU D 373 13.15 -37.88 14.10
N ASP D 374 12.22 -36.94 14.34
CA ASP D 374 12.09 -35.83 13.39
C ASP D 374 13.39 -35.04 13.34
N VAL D 375 14.11 -34.99 14.45
CA VAL D 375 15.39 -34.31 14.46
C VAL D 375 16.40 -35.07 13.61
N LEU D 376 16.44 -36.39 13.75
CA LEU D 376 17.41 -37.14 12.96
C LEU D 376 17.16 -36.85 11.53
N GLY D 377 15.88 -36.80 11.17
CA GLY D 377 15.47 -36.49 9.82
C GLY D 377 16.07 -35.17 9.36
N GLY D 378 15.79 -34.08 10.07
CA GLY D 378 16.18 -32.76 9.58
C GLY D 378 17.67 -32.53 9.51
N LEU D 379 18.37 -33.25 10.39
CA LEU D 379 19.83 -33.20 10.48
C LEU D 379 20.50 -33.97 9.36
N TYR D 380 19.70 -34.68 8.59
CA TYR D 380 20.24 -35.73 7.77
C TYR D 380 21.00 -35.17 6.59
N LEU D 381 20.47 -34.11 5.98
CA LEU D 381 21.08 -33.57 4.76
C LEU D 381 22.08 -32.49 5.17
N GLY D 382 22.22 -32.31 6.47
CA GLY D 382 23.32 -31.53 7.01
C GLY D 382 22.98 -30.11 7.40
N ALA D 383 21.87 -29.59 6.88
CA ALA D 383 21.65 -28.16 6.95
C ALA D 383 21.16 -27.62 8.30
N HIS D 384 21.55 -28.24 9.40
CA HIS D 384 21.20 -27.65 10.70
C HIS D 384 22.35 -27.72 11.63
N ARG D 385 22.30 -26.89 12.67
CA ARG D 385 23.22 -27.05 13.78
C ARG D 385 22.46 -27.72 14.92
N VAL D 386 23.16 -28.46 15.77
CA VAL D 386 22.50 -29.20 16.84
C VAL D 386 22.06 -28.28 17.99
N ASP D 387 22.59 -27.05 17.99
CA ASP D 387 22.33 -26.09 19.06
C ASP D 387 20.83 -25.89 19.37
N GLY D 388 20.11 -25.38 18.38
CA GLY D 388 18.67 -25.28 18.47
C GLY D 388 18.00 -26.54 19.00
N PHE D 389 18.15 -27.66 18.30
CA PHE D 389 17.53 -28.91 18.74
C PHE D 389 17.78 -29.24 20.21
N ALA D 390 19.06 -29.17 20.61
CA ALA D 390 19.47 -29.45 21.98
C ALA D 390 18.75 -28.56 22.97
N ALA D 391 18.66 -27.28 22.63
CA ALA D 391 18.03 -26.26 23.46
C ALA D 391 16.58 -26.64 23.72
N ALA D 392 15.95 -27.25 22.73
CA ALA D 392 14.55 -27.59 22.83
C ALA D 392 14.35 -28.89 23.60
N ASN D 393 15.45 -29.59 23.87
CA ASN D 393 15.39 -30.89 24.53
C ASN D 393 14.81 -31.92 23.58
N ARG D 394 14.89 -31.60 22.29
CA ARG D 394 14.63 -32.54 21.22
C ARG D 394 15.89 -33.34 20.93
N LEU D 395 16.99 -32.85 21.48
CA LEU D 395 18.28 -33.51 21.41
C LEU D 395 18.90 -33.49 22.80
N ARG D 396 18.89 -34.63 23.48
CA ARG D 396 19.36 -34.73 24.85
C ARG D 396 20.61 -35.60 24.91
N SER D 397 21.61 -35.12 25.64
CA SER D 397 22.75 -35.93 26.06
C SER D 397 23.19 -35.40 27.41
N LYS D 398 23.74 -36.23 28.28
CA LYS D 398 24.32 -35.66 29.51
C LYS D 398 25.72 -35.06 29.19
N ASP D 399 26.44 -35.71 28.29
CA ASP D 399 27.76 -35.28 27.82
C ASP D 399 27.69 -34.08 26.85
N SER D 400 28.19 -32.93 27.28
CA SER D 400 28.13 -31.67 26.52
C SER D 400 28.88 -31.64 25.19
N GLU D 401 30.06 -32.26 25.12
CA GLU D 401 30.86 -32.16 23.91
C GLU D 401 30.41 -33.22 22.90
N LEU D 402 29.93 -34.34 23.45
CA LEU D 402 29.40 -35.45 22.67
C LEU D 402 28.40 -34.89 21.67
N LEU D 403 27.47 -34.10 22.18
CA LEU D 403 26.51 -33.41 21.36
C LEU D 403 27.16 -32.59 20.27
N GLN D 404 28.10 -31.73 20.65
CA GLN D 404 28.67 -30.85 19.66
C GLN D 404 29.41 -31.68 18.61
N GLN D 405 29.89 -32.85 19.03
CA GLN D 405 30.59 -33.76 18.11
C GLN D 405 29.64 -34.40 17.09
N PHE D 406 28.44 -34.73 17.58
CA PHE D 406 27.39 -35.31 16.74
C PHE D 406 27.14 -34.34 15.61
N GLY D 407 27.02 -33.06 15.97
CA GLY D 407 26.85 -31.99 14.99
C GLY D 407 27.98 -32.01 13.99
N ALA D 408 29.19 -31.99 14.50
CA ALA D 408 30.38 -32.08 13.68
C ALA D 408 30.25 -33.15 12.59
N ALA D 409 29.84 -34.33 13.03
CA ALA D 409 29.73 -35.49 12.17
C ALA D 409 28.72 -35.24 11.10
N PHE D 410 27.53 -34.79 11.49
CA PHE D 410 26.41 -34.81 10.57
C PHE D 410 26.34 -33.64 9.61
N ALA D 411 27.33 -32.76 9.68
CA ALA D 411 27.40 -31.59 8.81
C ALA D 411 27.65 -32.05 7.38
N GLY D 412 27.74 -31.15 6.41
CA GLY D 412 28.08 -31.63 5.08
C GLY D 412 28.81 -30.67 4.18
N ASP D 413 29.60 -31.20 3.25
CA ASP D 413 30.39 -30.36 2.36
C ASP D 413 29.53 -29.57 1.40
N MET D 414 28.75 -30.23 0.55
CA MET D 414 27.83 -29.49 -0.32
C MET D 414 26.59 -29.12 0.45
N PRO D 415 26.29 -27.80 0.48
CA PRO D 415 25.00 -27.27 0.90
C PRO D 415 23.88 -28.09 0.26
N ALA D 416 22.97 -28.56 1.09
CA ALA D 416 21.87 -29.33 0.59
C ALA D 416 20.88 -28.46 -0.20
N GLU D 417 20.22 -29.05 -1.18
CA GLU D 417 19.24 -28.30 -1.94
C GLU D 417 18.27 -29.22 -2.70
N LEU D 418 16.98 -29.14 -2.40
CA LEU D 418 16.02 -29.97 -3.12
C LEU D 418 15.99 -29.66 -4.60
N GLY D 419 15.85 -30.71 -5.42
CA GLY D 419 15.85 -30.60 -6.86
C GLY D 419 14.62 -29.89 -7.38
N TYR D 420 13.47 -30.22 -6.83
CA TYR D 420 12.17 -29.70 -7.30
C TYR D 420 11.08 -30.17 -6.33
N GLY D 421 9.93 -29.50 -6.29
CA GLY D 421 8.93 -29.83 -5.28
C GLY D 421 7.71 -30.59 -5.74
N PHE D 422 7.06 -31.30 -4.82
CA PHE D 422 6.01 -32.25 -5.18
C PHE D 422 4.81 -32.34 -4.22
N MET E 21 -29.05 40.27 7.98
CA MET E 21 -28.16 39.41 8.77
C MET E 21 -26.71 39.44 8.24
N ILE E 22 -26.60 39.70 6.95
CA ILE E 22 -25.30 39.83 6.36
C ILE E 22 -24.93 41.30 6.18
N THR E 23 -24.07 41.75 7.07
CA THR E 23 -23.53 43.06 7.02
C THR E 23 -22.15 42.92 7.52
N PRO E 24 -21.16 43.10 6.68
CA PRO E 24 -19.78 43.03 7.17
C PRO E 24 -19.26 44.35 7.71
N ARG E 25 -18.50 44.24 8.80
CA ARG E 25 -17.81 45.34 9.47
C ARG E 25 -16.32 45.30 9.07
N THR E 26 -15.67 46.43 8.91
CA THR E 26 -14.27 46.43 8.58
C THR E 26 -13.49 46.93 9.73
N LEU E 27 -12.62 46.13 10.31
CA LEU E 27 -11.98 46.52 11.53
C LEU E 27 -10.96 47.53 11.19
N HIS E 28 -11.06 48.69 11.80
CA HIS E 28 -10.08 49.73 11.57
C HIS E 28 -8.80 49.17 12.05
N THR E 29 -8.89 48.44 13.15
CA THR E 29 -7.66 47.81 13.58
C THR E 29 -7.92 46.55 14.41
N ILE E 30 -6.97 45.62 14.34
CA ILE E 30 -7.19 44.30 14.91
C ILE E 30 -6.76 44.28 16.37
N THR E 31 -7.74 44.62 17.23
CA THR E 31 -7.54 44.68 18.67
C THR E 31 -7.17 43.27 19.11
N ASP E 32 -6.53 43.09 20.26
CA ASP E 32 -6.01 41.76 20.55
C ASP E 32 -7.10 40.70 20.75
N ASP E 33 -8.28 41.07 21.28
CA ASP E 33 -9.30 40.02 21.47
C ASP E 33 -10.21 39.95 20.22
N ASP E 34 -9.85 40.71 19.21
CA ASP E 34 -10.43 40.50 17.90
C ASP E 34 -9.63 39.40 17.22
N TRP E 35 -8.32 39.44 17.39
CA TRP E 35 -7.43 38.42 16.82
C TRP E 35 -7.58 37.15 17.66
N THR E 36 -8.14 37.28 18.86
CA THR E 36 -8.66 36.12 19.56
C THR E 36 -9.65 35.41 18.62
N ARG E 37 -10.78 36.06 18.35
CA ARG E 37 -11.83 35.40 17.58
C ARG E 37 -11.33 34.93 16.23
N ILE E 38 -10.42 35.69 15.64
CA ILE E 38 -9.93 35.40 14.29
C ILE E 38 -9.13 34.10 14.23
N ALA E 39 -8.41 33.79 15.30
CA ALA E 39 -7.57 32.58 15.31
C ALA E 39 -8.43 31.34 15.48
N LEU E 40 -9.35 31.42 16.43
CA LEU E 40 -10.35 30.40 16.70
C LEU E 40 -11.09 29.95 15.46
N LEU E 41 -11.54 30.92 14.67
CA LEU E 41 -12.17 30.66 13.39
C LEU E 41 -11.16 30.16 12.39
N ALA E 42 -9.91 30.57 12.55
CA ALA E 42 -8.85 30.10 11.64
C ALA E 42 -8.34 28.72 12.04
N ARG E 43 -8.55 28.36 13.31
CA ARG E 43 -8.27 26.98 13.73
C ARG E 43 -9.17 26.09 12.92
N PHE E 44 -10.47 26.33 13.04
CA PHE E 44 -11.45 25.48 12.42
C PHE E 44 -11.30 25.42 10.88
N ALA E 45 -10.69 26.44 10.27
CA ALA E 45 -10.67 26.49 8.81
C ALA E 45 -9.39 25.96 8.15
N PHE E 46 -8.27 25.99 8.88
CA PHE E 46 -6.93 25.64 8.33
C PHE E 46 -6.24 24.54 9.14
N GLY E 47 -6.88 24.17 10.25
CA GLY E 47 -6.40 23.11 11.10
C GLY E 47 -5.29 23.65 11.96
N ASP E 48 -4.06 23.49 11.50
CA ASP E 48 -3.00 23.70 12.42
C ASP E 48 -3.06 25.07 13.00
N ILE E 49 -2.89 25.04 14.31
CA ILE E 49 -2.59 26.17 15.20
C ILE E 49 -1.14 26.60 14.88
N GLU E 50 -0.98 27.53 13.92
CA GLU E 50 0.33 28.08 13.59
C GLU E 50 0.89 28.78 14.83
N PRO E 51 2.22 28.76 15.00
CA PRO E 51 2.84 29.29 16.23
C PRO E 51 2.35 30.70 16.57
N GLU E 52 2.57 31.18 17.79
CA GLU E 52 2.06 32.51 18.12
C GLU E 52 2.80 33.67 17.44
N GLN E 53 4.11 33.63 17.32
CA GLN E 53 4.75 34.70 16.58
C GLN E 53 4.36 34.63 15.13
N THR E 54 4.41 33.43 14.58
CA THR E 54 4.01 33.30 13.18
C THR E 54 2.79 34.17 12.99
N GLN E 55 1.88 34.10 13.97
CA GLN E 55 0.68 34.90 13.96
C GLN E 55 1.04 36.36 14.06
N ALA E 56 2.07 36.66 14.86
CA ALA E 56 2.50 38.03 15.07
C ALA E 56 3.06 38.58 13.77
N ALA E 57 3.89 37.76 13.11
CA ALA E 57 4.57 38.17 11.88
C ALA E 57 3.61 38.39 10.71
N TRP E 58 2.49 37.67 10.66
CA TRP E 58 1.52 37.95 9.61
C TRP E 58 0.82 39.24 9.95
N ARG E 59 0.19 39.24 11.13
CA ARG E 59 -0.50 40.40 11.71
C ARG E 59 0.33 41.68 11.53
N SER E 60 1.62 41.55 11.80
CA SER E 60 2.61 42.52 11.39
C SER E 60 2.32 43.19 10.08
N MET E 61 2.06 42.38 9.04
CA MET E 61 1.98 42.84 7.65
C MET E 61 0.61 43.31 7.15
N VAL E 62 -0.40 43.40 7.99
CA VAL E 62 -1.72 43.77 7.51
C VAL E 62 -2.02 45.19 7.80
N PRO E 63 -2.33 45.97 6.79
CA PRO E 63 -2.56 47.37 7.07
C PRO E 63 -3.95 47.53 7.51
N GLU E 64 -4.41 48.73 7.72
CA GLU E 64 -5.55 49.11 8.46
C GLU E 64 -6.74 49.47 7.61
N ASP E 65 -7.92 49.08 8.07
CA ASP E 65 -9.13 48.87 7.26
C ASP E 65 -8.89 47.81 6.19
N ALA E 66 -8.08 46.81 6.54
CA ALA E 66 -7.78 45.67 5.67
C ALA E 66 -8.26 44.37 6.28
N THR E 67 -9.32 44.43 7.06
CA THR E 67 -9.82 43.28 7.79
C THR E 67 -11.33 43.31 7.81
N VAL E 68 -11.94 42.45 7.01
CA VAL E 68 -13.39 42.40 6.92
C VAL E 68 -13.87 41.13 7.62
N VAL E 69 -14.81 41.27 8.55
CA VAL E 69 -15.40 40.13 9.24
C VAL E 69 -16.93 40.18 9.16
N VAL E 70 -17.59 39.14 9.65
CA VAL E 70 -19.04 39.16 9.83
C VAL E 70 -19.37 38.65 11.21
N PRO E 71 -20.09 39.46 11.98
CA PRO E 71 -20.48 39.12 13.34
C PRO E 71 -21.58 38.08 13.35
N ASP E 72 -21.56 37.16 14.32
CA ASP E 72 -22.63 36.18 14.41
C ASP E 72 -23.88 36.97 14.77
N GLU E 73 -24.73 36.41 15.63
CA GLU E 73 -25.92 37.11 16.05
C GLU E 73 -25.62 37.65 17.39
N THR E 74 -24.97 36.85 18.18
CA THR E 74 -24.59 37.28 19.49
C THR E 74 -23.60 38.42 19.42
N ASP E 75 -22.94 38.59 18.28
CA ASP E 75 -21.76 39.49 18.29
C ASP E 75 -20.62 39.17 19.30
N ASP E 76 -20.26 37.90 19.50
CA ASP E 76 -19.10 37.60 20.34
C ASP E 76 -17.92 36.98 19.56
N ALA E 77 -18.20 36.09 18.59
CA ALA E 77 -17.15 35.57 17.69
C ALA E 77 -17.56 35.72 16.23
N PHE E 78 -16.59 35.56 15.35
CA PHE E 78 -16.79 35.86 13.93
C PHE E 78 -17.20 34.62 13.16
N VAL E 79 -18.09 34.79 12.20
CA VAL E 79 -18.51 33.69 11.36
C VAL E 79 -17.85 33.78 9.97
N GLY E 80 -17.57 35.00 9.55
CA GLY E 80 -16.79 35.20 8.36
C GLY E 80 -15.62 36.08 8.76
N GLN E 81 -14.55 35.98 8.00
CA GLN E 81 -13.43 36.84 8.25
C GLN E 81 -12.58 36.86 6.99
N SER E 82 -11.73 37.89 6.86
CA SER E 82 -10.79 38.03 5.76
C SER E 82 -9.97 39.31 5.96
N LEU E 83 -8.66 39.20 5.85
CA LEU E 83 -7.83 40.38 5.84
C LEU E 83 -6.98 40.38 4.59
N TYR E 84 -6.33 41.47 4.25
CA TYR E 84 -5.34 41.41 3.17
C TYR E 84 -4.00 41.87 3.67
N LEU E 85 -2.93 41.23 3.21
CA LEU E 85 -1.60 41.66 3.57
C LEU E 85 -1.12 42.69 2.56
N ASP E 86 -0.41 43.68 3.09
CA ASP E 86 0.35 44.63 2.30
C ASP E 86 1.57 43.93 1.73
N MET E 87 1.72 43.84 0.42
CA MET E 87 2.95 43.26 -0.11
C MET E 87 3.44 43.96 -1.38
N GLN E 88 4.59 43.49 -1.88
CA GLN E 88 5.23 44.09 -3.06
C GLN E 88 5.66 43.03 -4.07
N LEU E 89 4.86 42.86 -5.13
CA LEU E 89 5.15 41.82 -6.10
C LEU E 89 6.01 42.36 -7.24
N THR E 90 7.00 41.58 -7.62
CA THR E 90 7.80 41.82 -8.82
C THR E 90 7.12 41.24 -10.11
N VAL E 91 6.74 42.09 -11.06
CA VAL E 91 6.03 41.67 -12.30
C VAL E 91 7.04 41.72 -13.44
N PRO E 92 6.74 41.10 -14.61
CA PRO E 92 7.85 41.02 -15.59
C PRO E 92 8.40 42.38 -16.10
N GLY E 93 9.66 42.35 -16.48
CA GLY E 93 10.29 43.60 -16.83
C GLY E 93 10.87 44.24 -15.59
N GLY E 94 10.52 43.71 -14.44
CA GLY E 94 11.24 44.03 -13.23
C GLY E 94 10.61 45.03 -12.30
N GLU E 95 9.64 45.82 -12.74
CA GLU E 95 9.03 46.79 -11.82
C GLU E 95 8.42 46.10 -10.56
N VAL E 96 8.22 46.86 -9.50
CA VAL E 96 7.62 46.26 -8.34
C VAL E 96 6.32 46.99 -8.07
N LEU E 97 5.27 46.22 -7.81
CA LEU E 97 3.96 46.77 -7.54
C LEU E 97 3.53 46.53 -6.11
N PRO E 98 2.80 47.49 -5.57
CA PRO E 98 2.16 47.20 -4.29
C PRO E 98 0.95 46.30 -4.55
N VAL E 99 0.91 45.12 -3.94
CA VAL E 99 -0.23 44.23 -4.10
C VAL E 99 -0.94 43.96 -2.79
N ALA E 100 -2.23 43.65 -2.87
CA ALA E 100 -2.96 43.25 -1.68
C ALA E 100 -3.11 41.75 -1.72
N GLY E 101 -2.53 41.07 -0.73
CA GLY E 101 -2.62 39.62 -0.61
C GLY E 101 -3.77 39.13 0.27
N ILE E 102 -4.84 38.61 -0.32
CA ILE E 102 -5.95 38.14 0.49
C ILE E 102 -5.57 36.91 1.27
N SER E 103 -5.75 36.99 2.58
CA SER E 103 -5.35 35.90 3.44
C SER E 103 -6.31 35.71 4.64
N PHE E 104 -6.19 34.56 5.29
CA PHE E 104 -7.05 34.17 6.40
C PHE E 104 -8.54 34.29 6.06
N VAL E 105 -8.89 34.13 4.78
CA VAL E 105 -10.31 34.10 4.42
C VAL E 105 -10.92 32.80 4.97
N ALA E 106 -12.13 32.87 5.49
CA ALA E 106 -12.76 31.73 6.16
C ALA E 106 -14.19 32.03 6.51
N VAL E 107 -15.10 31.12 6.19
CA VAL E 107 -16.44 31.21 6.77
C VAL E 107 -16.70 30.03 7.67
N ALA E 108 -17.10 30.29 8.92
CA ALA E 108 -17.33 29.21 9.89
C ALA E 108 -18.27 28.15 9.33
N PRO E 109 -17.92 26.86 9.52
CA PRO E 109 -18.63 25.72 8.93
C PRO E 109 -20.10 25.70 9.35
N THR E 110 -20.35 26.35 10.48
CA THR E 110 -21.69 26.55 10.96
C THR E 110 -22.44 27.68 10.27
N HIS E 111 -21.79 28.48 9.42
CA HIS E 111 -22.52 29.52 8.71
C HIS E 111 -22.24 29.60 7.21
N ARG E 112 -21.83 28.49 6.60
CA ARG E 112 -21.83 28.37 5.13
C ARG E 112 -23.28 28.32 4.68
N ARG E 113 -23.55 28.15 3.37
CA ARG E 113 -24.93 28.20 2.82
C ARG E 113 -25.41 29.64 2.57
N ARG E 114 -24.72 30.63 3.16
CA ARG E 114 -25.27 31.99 3.18
C ARG E 114 -24.46 33.11 2.50
N GLY E 115 -23.64 32.77 1.51
CA GLY E 115 -22.88 33.76 0.74
C GLY E 115 -22.28 34.82 1.64
N VAL E 116 -21.88 34.40 2.83
CA VAL E 116 -21.16 35.26 3.72
C VAL E 116 -19.87 35.64 2.98
N LEU E 117 -19.22 34.65 2.38
CA LEU E 117 -18.02 34.89 1.58
C LEU E 117 -18.24 35.91 0.48
N ARG E 118 -19.36 35.87 -0.22
CA ARG E 118 -19.57 36.91 -1.23
C ARG E 118 -19.55 38.28 -0.53
N ALA E 119 -20.45 38.46 0.44
CA ALA E 119 -20.65 39.76 1.07
C ALA E 119 -19.41 40.26 1.83
N MET E 120 -18.48 39.37 2.16
CA MET E 120 -17.19 39.82 2.67
C MET E 120 -16.29 40.33 1.55
N TYR E 121 -15.97 39.45 0.60
CA TYR E 121 -15.12 39.78 -0.56
C TYR E 121 -15.50 41.09 -1.21
N THR E 122 -16.82 41.32 -1.27
CA THR E 122 -17.32 42.55 -1.84
C THR E 122 -16.83 43.77 -1.05
N GLU E 123 -16.84 43.71 0.27
CA GLU E 123 -16.31 44.79 1.13
C GLU E 123 -14.78 44.90 1.17
N LEU E 124 -14.12 43.78 1.47
CA LEU E 124 -12.67 43.67 1.45
C LEU E 124 -12.07 44.18 0.17
N HIS E 125 -12.71 43.84 -0.94
CA HIS E 125 -12.25 44.31 -2.22
C HIS E 125 -12.50 45.77 -2.48
N ASP E 126 -13.45 46.39 -1.79
CA ASP E 126 -13.68 47.83 -1.95
C ASP E 126 -12.56 48.54 -1.24
N ARG E 127 -12.22 48.01 -0.07
CA ARG E 127 -11.10 48.52 0.72
C ARG E 127 -9.79 48.50 -0.07
N ILE E 128 -9.64 47.48 -0.91
CA ILE E 128 -8.45 47.29 -1.74
C ILE E 128 -8.44 48.30 -2.87
N ALA E 129 -9.59 48.48 -3.48
CA ALA E 129 -9.73 49.43 -4.58
C ALA E 129 -9.52 50.82 -4.03
N ARG E 130 -10.16 51.08 -2.89
CA ARG E 130 -9.92 52.32 -2.19
C ARG E 130 -8.42 52.55 -1.97
N ALA E 131 -7.69 51.57 -1.45
CA ALA E 131 -6.32 51.81 -1.01
C ALA E 131 -5.34 52.10 -2.16
N GLY E 132 -5.67 51.66 -3.36
CA GLY E 132 -4.84 51.94 -4.51
C GLY E 132 -4.20 50.76 -5.22
N TYR E 133 -4.21 49.58 -4.58
CA TYR E 133 -3.54 48.41 -5.15
C TYR E 133 -4.05 48.10 -6.55
N PRO E 134 -3.11 47.96 -7.51
CA PRO E 134 -3.47 47.55 -8.88
C PRO E 134 -3.67 46.02 -9.03
N LEU E 135 -3.18 45.25 -8.06
CA LEU E 135 -3.32 43.79 -8.06
C LEU E 135 -3.72 43.26 -6.68
N ALA E 136 -4.71 42.37 -6.67
CA ALA E 136 -4.98 41.50 -5.53
C ALA E 136 -4.36 40.13 -5.82
N VAL E 137 -3.88 39.46 -4.78
CA VAL E 137 -3.26 38.16 -4.96
C VAL E 137 -3.62 37.19 -3.83
N LEU E 138 -3.67 35.92 -4.18
CA LEU E 138 -3.85 34.89 -3.18
C LEU E 138 -3.17 33.58 -3.61
N THR E 139 -3.06 32.63 -2.67
CA THR E 139 -2.80 31.22 -3.00
C THR E 139 -4.11 30.45 -2.79
N ALA E 140 -4.28 29.33 -3.51
CA ALA E 140 -5.57 28.64 -3.58
C ALA E 140 -5.91 27.86 -2.30
N SER E 141 -7.19 27.83 -1.96
CA SER E 141 -7.66 27.07 -0.80
C SER E 141 -8.38 25.79 -1.22
N GLU E 142 -8.95 25.10 -0.23
CA GLU E 142 -9.98 24.09 -0.50
C GLU E 142 -11.28 24.85 -0.41
N GLY E 143 -12.19 24.55 -1.32
CA GLY E 143 -13.52 25.15 -1.28
C GLY E 143 -13.49 26.62 -1.58
N GLY E 144 -12.39 27.06 -2.20
CA GLY E 144 -12.28 28.42 -2.67
C GLY E 144 -12.83 28.42 -4.08
N ILE E 145 -13.68 29.40 -4.40
CA ILE E 145 -14.25 29.46 -5.73
C ILE E 145 -13.83 30.74 -6.45
N TYR E 146 -12.65 30.69 -7.07
CA TYR E 146 -11.87 31.89 -7.40
C TYR E 146 -12.17 32.62 -8.73
N GLY E 147 -12.13 31.90 -9.84
CA GLY E 147 -12.25 32.53 -11.13
C GLY E 147 -13.49 33.39 -11.27
N ARG E 148 -14.58 33.01 -10.61
CA ARG E 148 -15.82 33.80 -10.63
C ARG E 148 -15.41 35.21 -10.27
N PHE E 149 -14.56 35.31 -9.26
CA PHE E 149 -14.16 36.58 -8.70
C PHE E 149 -13.01 37.30 -9.43
N GLY E 150 -12.44 36.69 -10.46
CA GLY E 150 -11.59 37.48 -11.33
C GLY E 150 -10.16 37.08 -11.11
N TYR E 151 -10.01 36.11 -10.22
CA TYR E 151 -8.72 35.55 -9.96
C TYR E 151 -8.39 34.47 -10.97
N GLY E 152 -7.12 34.44 -11.36
CA GLY E 152 -6.62 33.44 -12.29
C GLY E 152 -5.21 33.04 -11.94
N VAL E 153 -4.92 31.76 -12.04
CA VAL E 153 -3.58 31.22 -11.79
C VAL E 153 -2.52 31.88 -12.64
N ALA E 154 -1.39 32.22 -12.04
CA ALA E 154 -0.33 32.89 -12.77
C ALA E 154 1.08 32.37 -12.42
N THR E 155 1.17 31.36 -11.56
CA THR E 155 2.45 30.82 -11.14
C THR E 155 2.21 29.38 -10.98
N ILE E 156 3.04 28.55 -11.61
CA ILE E 156 2.87 27.10 -11.49
C ILE E 156 4.01 26.48 -10.68
N GLU E 157 3.69 25.56 -9.76
CA GLU E 157 4.74 24.86 -9.01
C GLU E 157 4.91 23.49 -9.63
N GLN E 158 6.16 23.03 -9.68
CA GLN E 158 6.45 21.81 -10.39
C GLN E 158 7.34 20.92 -9.56
N HIS E 159 6.76 19.92 -8.92
CA HIS E 159 7.54 19.05 -8.06
CA HIS E 159 7.52 19.02 -8.05
C HIS E 159 8.43 18.12 -8.91
N VAL E 160 9.73 18.20 -8.65
CA VAL E 160 10.72 17.41 -9.32
C VAL E 160 11.38 16.45 -8.32
N SER E 161 11.65 15.23 -8.73
CA SER E 161 12.22 14.27 -7.81
C SER E 161 13.45 13.70 -8.47
N VAL E 162 14.62 14.12 -8.02
CA VAL E 162 15.87 13.51 -8.45
C VAL E 162 16.23 12.30 -7.58
N ASP E 163 16.51 11.17 -8.23
CA ASP E 163 17.01 10.00 -7.51
C ASP E 163 18.51 10.00 -7.52
N ARG E 164 19.08 10.24 -6.34
CA ARG E 164 20.48 10.62 -6.15
C ARG E 164 21.54 9.60 -6.57
N ARG E 165 21.28 8.31 -6.33
CA ARG E 165 22.30 7.29 -6.59
C ARG E 165 22.44 6.94 -8.08
N LEU E 166 21.59 7.52 -8.92
CA LEU E 166 21.65 7.26 -10.35
C LEU E 166 21.89 8.56 -11.14
N ALA E 167 21.62 9.68 -10.48
CA ALA E 167 21.79 11.00 -11.06
C ALA E 167 23.24 11.25 -11.24
N GLN E 168 23.70 11.44 -12.46
CA GLN E 168 25.06 11.92 -12.58
C GLN E 168 25.08 13.19 -13.39
N PHE E 169 25.97 14.12 -12.97
CA PHE E 169 26.10 15.42 -13.60
C PHE E 169 26.80 15.37 -14.93
N HIS E 170 26.33 16.21 -15.84
CA HIS E 170 26.86 16.30 -17.20
C HIS E 170 28.30 16.80 -17.18
N PRO E 171 29.05 16.40 -18.22
CA PRO E 171 30.43 16.84 -18.46
C PRO E 171 30.58 18.36 -18.51
N ALA E 172 29.74 19.02 -19.27
CA ALA E 172 29.91 20.45 -19.53
C ALA E 172 29.45 21.29 -18.33
N ALA E 173 28.61 20.70 -17.49
CA ALA E 173 27.92 21.44 -16.44
C ALA E 173 28.90 22.02 -15.46
N PRO E 174 28.69 23.27 -15.05
CA PRO E 174 29.61 23.97 -14.16
C PRO E 174 29.72 23.32 -12.77
N ASP E 175 30.92 23.39 -12.18
CA ASP E 175 31.13 22.85 -10.85
C ASP E 175 31.87 23.90 -10.01
N PRO E 176 31.24 25.06 -9.78
CA PRO E 176 31.96 26.13 -9.09
C PRO E 176 32.41 25.67 -7.73
N GLY E 177 31.46 25.25 -6.90
CA GLY E 177 31.74 25.01 -5.50
C GLY E 177 31.71 26.30 -4.70
N GLY E 178 32.28 26.28 -3.52
CA GLY E 178 32.17 27.42 -2.65
C GLY E 178 30.75 27.42 -2.10
N VAL E 179 30.25 26.22 -1.83
CA VAL E 179 29.01 26.07 -1.10
C VAL E 179 29.37 25.75 0.34
N ARG E 180 28.91 26.58 1.28
CA ARG E 180 29.18 26.37 2.70
C ARG E 180 27.99 25.71 3.38
N MET E 181 28.22 24.85 4.35
CA MET E 181 27.13 24.31 5.16
C MET E 181 26.69 25.30 6.24
N LEU E 182 25.66 26.10 5.97
CA LEU E 182 25.16 27.12 6.91
C LEU E 182 24.31 26.60 8.07
N VAL E 183 24.27 27.34 9.17
CA VAL E 183 23.21 27.18 10.15
C VAL E 183 22.35 28.40 10.03
N PRO E 184 21.08 28.17 9.74
CA PRO E 184 20.18 29.17 9.19
C PRO E 184 20.09 30.41 10.07
N ALA E 185 19.55 30.31 11.28
CA ALA E 185 19.32 31.51 12.07
C ALA E 185 20.54 32.47 12.07
N ASP E 186 21.73 31.88 12.19
CA ASP E 186 22.98 32.63 12.24
C ASP E 186 23.26 33.56 11.04
N HIS E 187 22.72 33.29 9.86
CA HIS E 187 23.03 34.14 8.72
C HIS E 187 21.79 34.80 8.15
N ARG E 188 20.85 35.09 9.04
CA ARG E 188 19.56 35.67 8.66
C ARG E 188 19.77 36.78 7.65
N ASP E 189 20.50 37.80 8.03
CA ASP E 189 20.57 38.96 7.18
C ASP E 189 21.28 38.63 5.87
N GLY E 190 22.21 37.69 5.90
CA GLY E 190 22.97 37.35 4.70
C GLY E 190 22.11 36.75 3.60
N LEU E 191 21.19 35.87 4.02
CA LEU E 191 20.22 35.17 3.14
C LEU E 191 19.17 36.12 2.60
N ALA E 192 18.53 36.84 3.53
CA ALA E 192 17.50 37.83 3.19
C ALA E 192 18.01 38.74 2.10
N ASP E 193 19.32 38.92 2.06
CA ASP E 193 19.91 39.76 1.05
C ASP E 193 20.10 39.08 -0.28
N ILE E 194 20.45 37.79 -0.28
CA ILE E 194 20.46 37.01 -1.51
C ILE E 194 19.06 36.96 -2.07
N TYR E 195 18.12 36.72 -1.18
CA TYR E 195 16.72 36.65 -1.56
C TYR E 195 16.25 37.92 -2.26
N ASP E 196 16.67 39.07 -1.73
CA ASP E 196 16.27 40.33 -2.30
C ASP E 196 16.89 40.49 -3.66
N ARG E 197 18.08 39.90 -3.81
CA ARG E 197 18.81 39.97 -5.07
C ARG E 197 18.08 39.10 -6.07
N TRP E 198 17.56 37.96 -5.60
CA TRP E 198 16.70 37.10 -6.41
C TRP E 198 15.30 37.68 -6.66
N ARG E 199 14.72 38.25 -5.62
CA ARG E 199 13.39 38.84 -5.68
C ARG E 199 13.20 39.91 -6.80
N ARG E 200 14.25 40.70 -7.04
CA ARG E 200 14.09 41.82 -7.94
C ARG E 200 14.18 41.36 -9.38
N ARG E 201 14.87 40.25 -9.55
CA ARG E 201 15.18 39.72 -10.87
C ARG E 201 14.10 38.81 -11.41
N THR E 202 13.22 38.38 -10.51
CA THR E 202 12.36 37.24 -10.79
C THR E 202 10.88 37.53 -10.54
N PRO E 203 10.09 37.51 -11.63
CA PRO E 203 8.65 37.77 -11.58
C PRO E 203 7.95 36.74 -10.74
N GLY E 204 7.09 37.21 -9.84
CA GLY E 204 6.51 36.36 -8.83
C GLY E 204 7.17 36.69 -7.53
N GLY E 205 8.21 37.52 -7.58
CA GLY E 205 8.99 37.83 -6.41
C GLY E 205 8.25 38.67 -5.37
N LEU E 206 8.15 38.12 -4.16
CA LEU E 206 7.49 38.79 -3.05
C LEU E 206 8.49 39.31 -2.04
N VAL E 207 8.26 40.51 -1.50
CA VAL E 207 9.14 41.07 -0.47
C VAL E 207 8.95 40.32 0.84
N ARG E 208 10.05 39.99 1.53
CA ARG E 208 9.89 39.27 2.78
C ARG E 208 10.32 40.07 4.00
N PRO E 209 9.32 40.61 4.73
CA PRO E 209 9.51 41.26 6.03
C PRO E 209 10.36 40.42 6.99
N ASP E 210 11.25 41.10 7.71
CA ASP E 210 12.21 40.45 8.60
C ASP E 210 11.53 39.54 9.61
N ALA E 211 10.34 39.92 10.06
CA ALA E 211 9.56 39.11 11.02
C ALA E 211 9.29 37.72 10.46
N LEU E 212 9.14 37.68 9.14
CA LEU E 212 8.89 36.45 8.38
C LEU E 212 10.13 35.62 8.21
N TRP E 213 11.25 36.27 7.86
CA TRP E 213 12.56 35.62 7.86
C TRP E 213 12.92 35.08 9.25
N ASP E 214 12.83 35.96 10.25
CA ASP E 214 13.19 35.62 11.63
C ASP E 214 12.28 34.51 12.15
N ASP E 215 11.21 34.22 11.41
CA ASP E 215 10.28 33.17 11.80
C ASP E 215 10.60 31.88 11.07
N LEU E 216 10.95 32.01 9.80
CA LEU E 216 11.29 30.86 8.97
C LEU E 216 12.48 30.12 9.56
N LEU E 217 13.47 30.92 9.99
CA LEU E 217 14.72 30.42 10.52
C LEU E 217 14.67 30.12 12.02
N ALA E 218 13.66 30.62 12.69
CA ALA E 218 13.39 30.25 14.07
C ALA E 218 13.11 28.77 14.04
N ASP E 219 12.51 28.31 12.97
CA ASP E 219 12.38 26.89 12.78
C ASP E 219 11.70 26.25 13.95
N ARG E 220 10.58 26.79 14.37
CA ARG E 220 9.83 26.16 15.43
C ARG E 220 9.38 24.84 14.84
N PRO E 221 9.19 23.82 15.64
CA PRO E 221 8.77 22.54 15.11
C PRO E 221 7.42 22.53 14.46
N GLU E 222 6.44 23.22 15.01
CA GLU E 222 5.06 23.00 14.56
C GLU E 222 4.92 23.25 13.06
N SER E 223 5.66 24.23 12.55
CA SER E 223 5.64 24.54 11.14
C SER E 223 6.07 23.39 10.23
N ARG E 224 6.71 22.40 10.82
CA ARG E 224 7.54 21.48 10.08
C ARG E 224 6.88 20.67 9.00
N ARG E 225 5.67 20.19 9.20
CA ARG E 225 5.36 18.80 9.00
C ARG E 225 5.87 18.36 7.67
N GLY E 226 6.54 17.22 7.70
CA GLY E 226 6.94 16.57 8.96
C GLY E 226 8.38 16.14 8.97
N GLY E 227 9.36 17.05 9.09
CA GLY E 227 10.70 16.58 8.73
C GLY E 227 11.83 16.61 9.77
N GLY E 228 13.07 16.78 9.33
CA GLY E 228 14.22 16.81 10.23
C GLY E 228 14.77 18.22 10.23
N GLU E 229 15.64 18.62 11.16
CA GLU E 229 15.78 20.07 11.32
C GLU E 229 16.51 20.73 10.13
N LEU E 230 16.06 21.92 9.75
CA LEU E 230 16.38 22.36 8.41
C LEU E 230 17.84 22.75 8.32
N PHE E 231 18.49 22.00 7.46
CA PHE E 231 19.84 22.20 7.06
C PHE E 231 19.78 23.32 6.03
N ALA E 232 20.93 23.87 5.67
CA ALA E 232 20.98 25.01 4.76
C ALA E 232 22.27 24.86 4.00
N PHE E 233 22.31 25.39 2.79
CA PHE E 233 23.54 25.46 2.03
C PHE E 233 23.59 26.91 1.61
N GLY E 234 24.78 27.51 1.59
CA GLY E 234 24.90 28.91 1.25
C GLY E 234 26.02 29.10 0.26
N HIS E 235 25.71 29.79 -0.82
CA HIS E 235 26.69 30.21 -1.81
C HIS E 235 26.67 31.69 -1.73
N GLN E 236 27.61 32.34 -2.38
CA GLN E 236 27.69 33.78 -2.31
C GLN E 236 26.44 34.35 -2.97
N ASP E 237 25.95 33.65 -4.00
CA ASP E 237 24.78 34.09 -4.78
C ASP E 237 23.59 33.13 -4.78
N GLY E 238 23.29 32.52 -3.64
CA GLY E 238 22.19 31.60 -3.58
C GLY E 238 22.29 30.71 -2.37
N TYR E 239 21.21 30.04 -2.05
CA TYR E 239 21.23 29.16 -0.90
C TYR E 239 20.20 28.09 -1.12
N ALA E 240 20.15 27.10 -0.25
CA ALA E 240 19.06 26.13 -0.28
C ALA E 240 18.74 25.65 1.11
N LEU E 241 17.56 25.97 1.64
CA LEU E 241 17.13 25.33 2.87
C LEU E 241 16.52 23.98 2.57
N TYR E 242 16.69 23.02 3.46
CA TYR E 242 15.99 21.75 3.30
C TYR E 242 15.83 20.96 4.58
N ARG E 243 14.81 20.13 4.61
CA ARG E 243 14.59 19.22 5.70
C ARG E 243 14.91 17.76 5.25
N VAL E 244 15.54 16.96 6.11
CA VAL E 244 15.63 15.55 5.79
C VAL E 244 14.39 14.88 6.35
N ASP E 245 13.99 13.77 5.75
CA ASP E 245 12.82 13.08 6.22
C ASP E 245 13.11 11.59 6.15
N ARG E 246 12.44 10.82 7.00
CA ARG E 246 12.48 9.36 6.94
C ARG E 246 11.02 8.93 6.84
N GLY E 247 10.72 7.93 6.01
CA GLY E 247 9.34 7.44 5.86
C GLY E 247 9.05 6.24 6.75
N PRO E 248 8.30 5.26 6.25
CA PRO E 248 8.25 3.99 6.96
C PRO E 248 9.24 2.96 6.46
N ASP E 249 9.74 3.19 5.25
CA ASP E 249 10.64 2.23 4.65
C ASP E 249 11.90 2.13 5.47
N GLY E 250 12.30 3.28 6.01
CA GLY E 250 13.58 3.37 6.67
C GLY E 250 14.63 4.03 5.81
N ARG E 251 14.33 4.20 4.52
CA ARG E 251 15.03 5.18 3.67
C ARG E 251 14.79 6.70 3.92
N ARG E 252 15.84 7.50 3.90
CA ARG E 252 15.70 8.96 4.03
C ARG E 252 15.55 9.66 2.69
N SER E 253 14.66 10.65 2.66
CA SER E 253 14.51 11.54 1.51
C SER E 253 14.80 12.95 1.95
N ALA E 254 15.22 13.79 1.02
CA ALA E 254 15.52 15.17 1.37
C ALA E 254 14.63 16.10 0.59
N HIS E 255 13.90 16.98 1.30
CA HIS E 255 12.91 17.87 0.70
C HIS E 255 13.38 19.32 0.68
N VAL E 256 13.87 19.79 -0.46
CA VAL E 256 14.32 21.17 -0.52
C VAL E 256 13.20 22.14 -0.21
N VAL E 257 13.39 22.95 0.83
CA VAL E 257 12.31 23.82 1.26
C VAL E 257 12.25 25.08 0.41
N GLU E 258 13.40 25.65 0.15
CA GLU E 258 13.46 26.82 -0.69
C GLU E 258 14.84 26.83 -1.30
N LEU E 259 14.92 27.09 -2.60
CA LEU E 259 16.22 27.25 -3.22
C LEU E 259 16.14 28.53 -3.94
N THR E 260 16.91 29.47 -3.46
CA THR E 260 16.97 30.74 -4.12
C THR E 260 18.35 30.89 -4.69
N ALA E 261 18.46 31.17 -5.98
CA ALA E 261 19.78 31.42 -6.58
C ALA E 261 19.73 32.55 -7.62
N VAL E 262 20.79 33.34 -7.60
CA VAL E 262 20.83 34.58 -8.37
C VAL E 262 21.68 34.38 -9.63
N THR E 263 22.63 33.45 -9.57
CA THR E 263 23.47 33.16 -10.71
C THR E 263 23.26 31.77 -11.23
N ALA E 264 23.62 31.59 -12.49
CA ALA E 264 23.56 30.30 -13.10
C ALA E 264 24.48 29.33 -12.34
N ASP E 265 25.54 29.86 -11.74
CA ASP E 265 26.51 28.97 -11.12
C ASP E 265 26.12 28.54 -9.72
N ALA E 266 25.75 29.52 -8.90
CA ALA E 266 25.24 29.23 -7.57
C ALA E 266 24.09 28.23 -7.66
N HIS E 267 23.25 28.37 -8.67
CA HIS E 267 22.24 27.35 -8.86
C HIS E 267 22.92 25.98 -8.91
N ALA E 268 23.85 25.82 -9.86
CA ALA E 268 24.55 24.53 -10.05
C ALA E 268 25.30 24.09 -8.79
N ALA E 269 26.16 24.96 -8.29
CA ALA E 269 26.96 24.67 -7.12
C ALA E 269 26.11 24.04 -6.01
N LEU E 270 24.92 24.62 -5.80
CA LEU E 270 24.00 24.20 -4.75
C LEU E 270 23.42 22.82 -5.02
N TRP E 271 23.09 22.56 -6.27
CA TRP E 271 22.48 21.31 -6.68
C TRP E 271 23.50 20.22 -6.72
N ARG E 272 24.75 20.60 -6.97
CA ARG E 272 25.81 19.65 -6.74
C ARG E 272 25.84 19.33 -5.24
N ALA E 273 25.82 20.36 -4.41
CA ALA E 273 25.81 20.13 -2.98
C ALA E 273 24.75 19.12 -2.54
N LEU E 274 23.50 19.34 -2.96
CA LEU E 274 22.35 18.57 -2.49
C LEU E 274 22.45 17.09 -2.78
N LEU E 275 22.81 16.72 -4.01
CA LEU E 275 22.97 15.30 -4.40
C LEU E 275 24.28 14.70 -3.84
N GLY E 276 25.03 15.54 -3.14
CA GLY E 276 26.20 15.13 -2.39
C GLY E 276 25.84 14.20 -1.26
N LEU E 277 24.87 14.60 -0.44
CA LEU E 277 24.47 13.86 0.77
C LEU E 277 24.21 12.36 0.59
N ASP E 278 24.89 11.56 1.36
CA ASP E 278 24.75 10.13 1.33
C ASP E 278 23.49 9.47 1.84
N LEU E 279 22.96 9.98 2.92
CA LEU E 279 21.88 9.33 3.60
C LEU E 279 20.68 9.22 2.72
N ILE E 280 20.42 10.26 1.93
CA ILE E 280 19.23 10.38 1.10
C ILE E 280 19.26 9.67 -0.25
N ASP E 281 18.14 9.08 -0.62
CA ASP E 281 18.01 8.44 -1.90
C ASP E 281 17.38 9.39 -2.93
N ARG E 282 16.50 10.28 -2.47
CA ARG E 282 15.89 11.31 -3.33
C ARG E 282 16.10 12.73 -2.85
N VAL E 283 16.13 13.65 -3.81
CA VAL E 283 15.99 15.07 -3.53
C VAL E 283 14.81 15.59 -4.33
N SER E 284 13.96 16.37 -3.68
CA SER E 284 12.75 16.80 -4.31
C SER E 284 12.53 18.24 -3.98
N ILE E 285 11.84 18.94 -4.86
CA ILE E 285 11.77 20.39 -4.77
C ILE E 285 10.57 20.86 -5.51
N GLY E 286 10.05 22.03 -5.14
CA GLY E 286 8.92 22.57 -5.85
C GLY E 286 9.38 23.83 -6.51
N THR E 287 9.70 23.77 -7.81
CA THR E 287 10.18 24.97 -8.51
C THR E 287 9.25 25.47 -9.59
N HIS E 288 9.81 26.31 -10.45
CA HIS E 288 9.07 27.00 -11.48
C HIS E 288 9.13 26.16 -12.73
N PRO E 289 8.25 26.44 -13.68
CA PRO E 289 8.16 25.59 -14.85
C PRO E 289 9.44 25.40 -15.63
N HIS E 290 10.43 26.26 -15.65
CA HIS E 290 11.50 25.88 -16.56
C HIS E 290 12.87 25.77 -15.95
N ASP E 291 12.86 25.13 -14.80
CA ASP E 291 14.05 24.93 -13.99
C ASP E 291 15.21 24.33 -14.78
N PRO E 292 16.41 24.89 -14.59
CA PRO E 292 17.70 24.44 -15.15
C PRO E 292 18.09 22.99 -14.81
N LEU E 293 17.76 22.52 -13.61
CA LEU E 293 18.33 21.26 -13.10
C LEU E 293 18.36 20.04 -14.02
N PRO E 294 17.22 19.66 -14.63
CA PRO E 294 17.34 18.44 -15.43
C PRO E 294 18.33 18.58 -16.59
N TYR E 295 18.61 19.80 -17.01
CA TYR E 295 19.59 19.97 -18.08
C TYR E 295 21.03 19.91 -17.58
N LEU E 296 21.26 19.97 -16.27
CA LEU E 296 22.62 19.94 -15.74
C LEU E 296 23.10 18.52 -15.61
N LEU E 297 22.20 17.58 -15.91
CA LEU E 297 22.47 16.17 -15.76
C LEU E 297 22.68 15.50 -17.10
N THR E 298 23.52 14.47 -17.17
CA THR E 298 23.75 13.77 -18.43
C THR E 298 22.43 13.30 -19.07
N ASP E 299 21.54 12.71 -18.30
CA ASP E 299 20.25 12.27 -18.86
C ASP E 299 19.14 12.99 -18.14
N PRO E 300 18.13 13.54 -18.87
CA PRO E 300 17.12 14.37 -18.21
C PRO E 300 16.13 13.49 -17.41
N ARG E 301 16.29 12.19 -17.62
CA ARG E 301 15.42 11.28 -16.95
C ARG E 301 15.80 11.15 -15.46
N GLN E 302 17.04 11.41 -15.08
CA GLN E 302 17.44 11.23 -13.69
C GLN E 302 16.65 12.09 -12.72
N ALA E 303 16.26 13.27 -13.19
CA ALA E 303 15.24 14.09 -12.56
C ALA E 303 13.87 13.68 -13.12
N GLN E 304 12.81 13.87 -12.36
CA GLN E 304 11.52 13.37 -12.77
C GLN E 304 10.38 14.20 -12.27
N VAL E 305 9.88 15.09 -13.09
CA VAL E 305 8.84 15.98 -12.68
C VAL E 305 7.67 15.11 -12.41
N THR E 306 6.91 15.51 -11.42
CA THR E 306 5.81 14.68 -11.10
C THR E 306 4.76 15.64 -11.45
N ALA E 307 4.37 16.40 -10.40
CA ALA E 307 3.12 17.12 -10.24
C ALA E 307 3.28 18.55 -10.61
N SER E 308 2.28 19.11 -11.26
CA SER E 308 2.24 20.54 -11.68
C SER E 308 0.95 21.14 -11.13
N ALA E 309 1.07 22.09 -10.20
CA ALA E 309 -0.09 22.69 -9.56
C ALA E 309 0.00 24.21 -9.49
N ASP E 310 -1.13 24.85 -9.21
CA ASP E 310 -1.13 26.30 -9.07
C ASP E 310 -0.33 26.77 -7.84
N ASP E 311 0.36 27.90 -7.97
CA ASP E 311 0.91 28.57 -6.77
C ASP E 311 0.12 29.87 -6.60
N LEU E 312 0.56 30.95 -7.24
CA LEU E 312 -0.09 32.26 -7.04
C LEU E 312 -1.24 32.55 -8.01
N TRP E 313 -2.26 33.21 -7.48
CA TRP E 313 -3.42 33.63 -8.23
C TRP E 313 -3.45 35.16 -8.23
N ILE E 314 -3.91 35.72 -9.34
CA ILE E 314 -3.94 37.17 -9.54
C ILE E 314 -5.30 37.64 -10.02
N ARG E 315 -5.80 38.69 -9.38
CA ARG E 315 -6.91 39.48 -9.89
C ARG E 315 -6.38 40.86 -10.24
N ILE E 316 -6.53 41.31 -11.47
CA ILE E 316 -6.11 42.69 -11.75
C ILE E 316 -7.20 43.66 -11.31
N MET E 317 -6.82 44.52 -10.38
CA MET E 317 -7.72 45.49 -9.75
C MET E 317 -7.72 46.84 -10.47
N ASN E 318 -6.64 47.14 -11.17
CA ASN E 318 -6.64 48.28 -12.04
C ASN E 318 -6.01 47.97 -13.36
N VAL E 319 -6.83 47.67 -14.36
CA VAL E 319 -6.28 47.12 -15.60
C VAL E 319 -5.22 48.04 -16.21
N PRO E 320 -5.55 49.35 -16.43
CA PRO E 320 -4.56 50.22 -17.10
C PRO E 320 -3.25 50.30 -16.35
N ALA E 321 -3.33 50.41 -15.03
CA ALA E 321 -2.13 50.57 -14.21
C ALA E 321 -1.20 49.36 -14.25
N ALA E 322 -1.78 48.16 -14.17
CA ALA E 322 -1.01 46.93 -14.13
C ALA E 322 -0.42 46.61 -15.49
N LEU E 323 -1.22 46.83 -16.53
CA LEU E 323 -0.79 46.46 -17.88
C LEU E 323 0.42 47.26 -18.26
N GLU E 324 0.39 48.54 -17.90
CA GLU E 324 1.49 49.44 -18.23
C GLU E 324 2.77 49.07 -17.50
N ALA E 325 2.62 48.50 -16.31
CA ALA E 325 3.73 48.23 -15.40
C ALA E 325 4.72 47.12 -15.82
N ARG E 326 4.26 46.15 -16.60
CA ARG E 326 5.15 45.06 -16.96
C ARG E 326 5.68 45.29 -18.35
N ARG E 327 6.82 44.68 -18.66
CA ARG E 327 7.35 44.83 -20.02
C ARG E 327 6.96 43.61 -20.86
N TYR E 328 6.79 43.81 -22.16
CA TYR E 328 6.23 42.76 -23.01
C TYR E 328 7.27 42.17 -23.97
N GLN E 329 6.92 41.07 -24.65
CA GLN E 329 7.87 40.37 -25.51
C GLN E 329 7.57 40.48 -26.97
N ALA E 330 6.56 41.26 -27.35
CA ALA E 330 6.33 41.58 -28.75
C ALA E 330 5.33 42.69 -28.86
N ASP E 331 5.48 43.49 -29.92
CA ASP E 331 4.59 44.62 -30.18
C ASP E 331 3.18 44.14 -30.38
N LEU E 332 2.23 45.05 -30.24
CA LEU E 332 0.83 44.70 -30.35
C LEU E 332 0.01 45.96 -30.39
N ASP E 333 -1.09 45.94 -31.14
CA ASP E 333 -1.98 47.08 -31.15
C ASP E 333 -3.43 46.64 -31.30
N VAL E 334 -4.26 47.00 -30.32
CA VAL E 334 -5.56 46.36 -30.16
C VAL E 334 -6.48 47.14 -29.20
N VAL E 335 -7.78 47.09 -29.44
CA VAL E 335 -8.67 47.46 -28.36
C VAL E 335 -9.13 46.19 -27.65
N LEU E 336 -8.96 46.18 -26.35
CA LEU E 336 -9.21 45.00 -25.55
C LEU E 336 -10.50 45.25 -24.79
N ASP E 337 -11.39 44.27 -24.74
CA ASP E 337 -12.55 44.40 -23.86
C ASP E 337 -12.43 43.40 -22.70
N VAL E 338 -12.01 43.91 -21.55
CA VAL E 338 -11.88 43.10 -20.36
C VAL E 338 -13.21 42.95 -19.70
N ALA E 339 -13.71 41.72 -19.66
CA ALA E 339 -14.98 41.41 -19.02
C ALA E 339 -14.81 41.09 -17.54
N ASP E 340 -15.42 41.89 -16.65
CA ASP E 340 -15.41 41.62 -15.22
C ASP E 340 -16.82 41.63 -14.66
N GLY E 341 -17.23 40.46 -14.17
CA GLY E 341 -18.60 40.24 -13.76
C GLY E 341 -18.71 40.21 -12.26
N PHE E 342 -17.67 40.65 -11.59
CA PHE E 342 -17.76 40.77 -10.14
C PHE E 342 -17.80 42.24 -9.68
N ARG E 343 -16.79 43.04 -10.03
CA ARG E 343 -16.77 44.48 -9.76
C ARG E 343 -16.89 45.23 -11.09
N SER E 344 -16.52 46.52 -11.15
CA SER E 344 -16.46 47.25 -12.44
C SER E 344 -15.07 47.65 -12.88
N ASP E 345 -14.23 46.68 -13.18
CA ASP E 345 -12.83 46.97 -13.40
C ASP E 345 -12.40 46.72 -14.82
N GLY E 346 -13.36 46.45 -15.70
CA GLY E 346 -13.01 46.06 -17.05
C GLY E 346 -13.36 47.11 -18.08
N GLY E 347 -14.05 46.66 -19.12
CA GLY E 347 -14.43 47.51 -20.24
C GLY E 347 -13.30 47.60 -21.24
N ARG E 348 -13.45 48.49 -22.21
CA ARG E 348 -12.55 48.55 -23.36
C ARG E 348 -11.33 49.45 -23.11
N PHE E 349 -10.15 48.91 -23.40
CA PHE E 349 -8.93 49.69 -23.27
C PHE E 349 -8.20 49.70 -24.60
N ALA E 350 -7.53 50.79 -24.88
CA ALA E 350 -6.61 50.83 -25.99
C ALA E 350 -5.25 50.39 -25.46
N LEU E 351 -4.88 49.17 -25.82
CA LEU E 351 -3.61 48.60 -25.44
C LEU E 351 -2.61 48.74 -26.56
N GLN E 352 -1.64 49.64 -26.42
CA GLN E 352 -0.60 49.80 -27.45
C GLN E 352 0.76 49.42 -26.89
N ILE E 353 1.48 48.58 -27.62
CA ILE E 353 2.81 48.09 -27.21
C ILE E 353 3.87 48.31 -28.29
N SER E 354 4.79 49.24 -28.06
CA SER E 354 5.99 49.42 -28.87
C SER E 354 7.15 48.93 -28.04
N GLY E 355 8.01 48.14 -28.67
CA GLY E 355 9.28 47.74 -28.05
C GLY E 355 9.20 47.41 -26.57
N GLY E 356 8.19 46.60 -26.23
CA GLY E 356 8.04 46.03 -24.90
C GLY E 356 7.38 46.91 -23.86
N ARG E 357 6.82 48.04 -24.27
CA ARG E 357 6.24 48.97 -23.32
C ARG E 357 4.82 49.29 -23.69
N ALA E 358 3.89 49.03 -22.78
CA ALA E 358 2.48 49.26 -23.07
C ALA E 358 2.00 50.61 -22.61
N ARG E 359 1.25 51.26 -23.48
CA ARG E 359 0.41 52.40 -23.09
C ARG E 359 -1.02 51.88 -23.12
N CYS E 360 -1.73 52.06 -22.02
CA CYS E 360 -3.04 51.48 -21.91
C CYS E 360 -3.99 52.53 -21.42
N THR E 361 -4.71 53.06 -22.38
CA THR E 361 -5.63 54.13 -22.14
C THR E 361 -7.05 53.54 -22.13
N THR E 362 -7.91 53.99 -21.21
CA THR E 362 -9.35 53.83 -21.40
C THR E 362 -9.78 54.19 -22.82
N THR E 363 -10.90 53.67 -23.30
CA THR E 363 -11.40 54.07 -24.60
C THR E 363 -12.79 53.60 -24.87
N ASP E 364 -13.33 54.09 -26.00
CA ASP E 364 -14.73 53.82 -26.37
C ASP E 364 -14.80 53.10 -27.74
N ALA E 365 -13.64 53.04 -28.41
CA ALA E 365 -13.46 52.25 -29.63
C ALA E 365 -14.06 50.83 -29.47
N PRO E 366 -14.64 50.29 -30.55
CA PRO E 366 -15.06 48.88 -30.46
C PRO E 366 -13.87 47.91 -30.27
N ALA E 367 -14.17 46.71 -29.76
CA ALA E 367 -13.17 45.69 -29.38
C ALA E 367 -12.45 44.99 -30.54
N ASP E 368 -11.24 44.49 -30.31
CA ASP E 368 -10.60 43.54 -31.24
C ASP E 368 -10.52 42.15 -30.57
N ILE E 369 -10.17 42.16 -29.29
CA ILE E 369 -10.08 40.98 -28.44
C ILE E 369 -10.97 41.18 -27.22
N GLU E 370 -11.80 40.20 -26.88
CA GLU E 370 -12.45 40.27 -25.60
C GLU E 370 -11.82 39.29 -24.65
N ILE E 371 -11.75 39.63 -23.39
CA ILE E 371 -11.07 38.74 -22.47
C ILE E 371 -11.75 38.77 -21.12
N ASP E 372 -11.69 37.65 -20.42
CA ASP E 372 -12.11 37.58 -19.03
C ASP E 372 -11.02 38.18 -18.14
N LEU E 373 -11.44 38.91 -17.13
CA LEU E 373 -10.50 39.54 -16.23
C LEU E 373 -9.64 38.46 -15.58
N ASP E 374 -10.24 37.28 -15.37
CA ASP E 374 -9.48 36.22 -14.69
C ASP E 374 -8.44 35.62 -15.62
N VAL E 375 -8.64 35.74 -16.93
CA VAL E 375 -7.67 35.25 -17.91
C VAL E 375 -6.56 36.27 -17.98
N LEU E 376 -6.98 37.51 -17.94
CA LEU E 376 -6.06 38.62 -17.99
C LEU E 376 -5.07 38.55 -16.84
N GLY E 377 -5.61 38.35 -15.63
CA GLY E 377 -4.78 38.11 -14.47
C GLY E 377 -3.91 36.87 -14.61
N GLY E 378 -4.38 35.85 -15.34
CA GLY E 378 -3.61 34.63 -15.46
C GLY E 378 -2.34 34.79 -16.28
N LEU E 379 -2.53 35.36 -17.47
CA LEU E 379 -1.47 35.68 -18.43
C LEU E 379 -0.35 36.53 -17.86
N TYR E 380 -0.72 37.40 -16.91
CA TYR E 380 0.10 38.51 -16.45
C TYR E 380 1.54 38.22 -16.01
N LEU E 381 1.80 37.07 -15.40
CA LEU E 381 3.17 36.82 -15.03
C LEU E 381 3.86 36.09 -16.15
N GLY E 382 3.15 35.97 -17.28
CA GLY E 382 3.70 35.39 -18.51
C GLY E 382 3.67 33.90 -18.37
N ALA E 383 2.57 33.46 -17.78
CA ALA E 383 2.47 32.12 -17.28
C ALA E 383 1.94 31.11 -18.31
N HIS E 384 1.04 31.55 -19.16
CA HIS E 384 0.28 30.60 -19.93
C HIS E 384 0.54 30.72 -21.40
N ARG E 385 -0.21 29.96 -22.20
CA ARG E 385 -0.31 30.25 -23.63
C ARG E 385 -1.75 30.64 -23.85
N VAL E 386 -2.08 31.32 -24.95
CA VAL E 386 -3.46 31.76 -25.12
C VAL E 386 -4.36 30.74 -25.77
N ASP E 387 -3.75 29.69 -26.31
CA ASP E 387 -4.48 28.57 -26.89
C ASP E 387 -5.52 27.97 -25.95
N GLY E 388 -5.09 27.77 -24.69
CA GLY E 388 -5.92 27.20 -23.66
C GLY E 388 -7.21 27.95 -23.48
N PHE E 389 -7.11 29.26 -23.35
CA PHE E 389 -8.27 30.07 -23.01
C PHE E 389 -9.13 30.31 -24.23
N ALA E 390 -8.47 30.55 -25.37
CA ALA E 390 -9.15 30.80 -26.65
C ALA E 390 -10.09 29.66 -26.90
N ALA E 391 -9.54 28.44 -26.80
CA ALA E 391 -10.31 27.21 -26.87
C ALA E 391 -11.58 27.22 -26.03
N ALA E 392 -11.45 27.73 -24.81
CA ALA E 392 -12.56 27.70 -23.90
C ALA E 392 -13.52 28.88 -24.09
N ASN E 393 -13.26 29.74 -25.09
CA ASN E 393 -14.06 30.96 -25.29
C ASN E 393 -14.03 31.88 -24.07
N ARG E 394 -12.87 31.92 -23.43
CA ARG E 394 -12.61 32.81 -22.30
C ARG E 394 -11.82 33.99 -22.84
N LEU E 395 -11.00 33.73 -23.86
CA LEU E 395 -10.33 34.77 -24.64
C LEU E 395 -10.95 34.73 -26.06
N ARG E 396 -11.45 35.87 -26.53
CA ARG E 396 -12.26 35.88 -27.73
C ARG E 396 -11.80 36.96 -28.68
N SER E 397 -11.55 36.56 -29.92
CA SER E 397 -11.50 37.48 -31.05
C SER E 397 -11.91 36.74 -32.28
N LYS E 398 -12.27 37.47 -33.32
CA LYS E 398 -12.57 36.69 -34.49
C LYS E 398 -11.40 36.82 -35.45
N ASP E 399 -10.63 37.92 -35.39
CA ASP E 399 -9.31 37.83 -36.04
C ASP E 399 -8.44 36.95 -35.18
N SER E 400 -8.15 35.74 -35.65
CA SER E 400 -7.53 34.77 -34.78
C SER E 400 -6.01 34.68 -34.95
N GLU E 401 -5.51 35.33 -35.98
CA GLU E 401 -4.10 35.62 -36.06
C GLU E 401 -3.72 36.47 -34.85
N LEU E 402 -4.67 37.29 -34.41
CA LEU E 402 -4.46 38.34 -33.44
C LEU E 402 -4.29 37.82 -32.03
N LEU E 403 -5.03 36.77 -31.69
CA LEU E 403 -4.86 36.15 -30.40
C LEU E 403 -3.46 35.65 -30.29
N GLN E 404 -2.92 35.08 -31.37
CA GLN E 404 -1.54 34.60 -31.38
C GLN E 404 -0.55 35.72 -31.07
N GLN E 405 -0.96 36.94 -31.41
CA GLN E 405 -0.10 38.11 -31.29
C GLN E 405 -0.04 38.58 -29.88
N PHE E 406 -1.23 38.69 -29.33
CA PHE E 406 -1.50 39.07 -27.96
C PHE E 406 -0.76 38.18 -27.00
N GLY E 407 -0.82 36.87 -27.25
CA GLY E 407 -0.14 35.91 -26.42
C GLY E 407 1.35 36.09 -26.48
N ALA E 408 1.86 36.26 -27.69
CA ALA E 408 3.26 36.57 -27.92
C ALA E 408 3.72 37.79 -27.10
N ALA E 409 2.88 38.83 -27.13
CA ALA E 409 3.10 40.01 -26.32
C ALA E 409 3.29 39.64 -24.86
N PHE E 410 2.29 38.98 -24.29
CA PHE E 410 2.23 38.71 -22.86
C PHE E 410 3.14 37.61 -22.27
N ALA E 411 3.84 36.83 -23.08
CA ALA E 411 4.62 35.75 -22.49
C ALA E 411 5.80 36.32 -21.75
N GLY E 412 6.29 35.58 -20.76
CA GLY E 412 7.35 36.08 -19.90
C GLY E 412 8.72 35.92 -20.52
N ASP E 413 9.64 36.79 -20.15
CA ASP E 413 11.02 36.56 -20.56
C ASP E 413 11.75 35.83 -19.44
N MET E 414 11.09 35.67 -18.30
CA MET E 414 11.62 34.85 -17.20
C MET E 414 10.51 34.13 -16.45
N PRO E 415 10.67 32.80 -16.28
CA PRO E 415 9.86 31.87 -15.49
C PRO E 415 9.35 32.45 -14.20
N ALA E 416 8.05 32.62 -14.03
CA ALA E 416 7.52 33.18 -12.80
C ALA E 416 7.52 32.18 -11.63
N GLU E 417 7.97 32.65 -10.48
CA GLU E 417 8.01 31.83 -9.30
C GLU E 417 7.54 32.70 -8.15
N LEU E 418 6.38 32.38 -7.58
CA LEU E 418 5.93 33.13 -6.41
C LEU E 418 6.94 32.97 -5.28
N GLY E 419 7.26 34.06 -4.59
CA GLY E 419 8.18 34.03 -3.44
C GLY E 419 7.89 33.08 -2.27
N TYR E 420 6.70 33.18 -1.67
CA TYR E 420 6.32 32.31 -0.56
C TYR E 420 4.81 32.26 -0.40
N GLY E 421 4.29 31.20 0.21
CA GLY E 421 2.86 31.07 0.38
C GLY E 421 2.33 31.96 1.49
N PHE E 422 1.08 32.38 1.39
CA PHE E 422 0.49 33.25 2.40
C PHE E 422 -1.03 33.08 2.53
N MET F 21 37.27 -9.13 -33.72
CA MET F 21 36.16 -9.66 -32.94
C MET F 21 34.86 -8.95 -33.36
N ILE F 22 34.85 -7.63 -33.18
CA ILE F 22 33.62 -6.85 -33.33
C ILE F 22 33.39 -6.33 -34.74
N THR F 23 32.41 -6.94 -35.40
CA THR F 23 32.30 -6.89 -36.85
C THR F 23 30.84 -6.82 -37.28
N PRO F 24 30.26 -5.61 -37.35
CA PRO F 24 28.82 -5.57 -37.71
C PRO F 24 28.55 -5.92 -39.18
N ARG F 25 27.43 -6.60 -39.40
CA ARG F 25 26.86 -6.91 -40.73
C ARG F 25 25.78 -5.86 -41.07
N THR F 26 25.27 -5.83 -42.30
CA THR F 26 24.14 -4.96 -42.65
C THR F 26 23.14 -5.66 -43.56
N LEU F 27 22.12 -6.30 -42.99
CA LEU F 27 21.12 -7.03 -43.79
C LEU F 27 20.47 -6.17 -44.88
N HIS F 28 20.53 -6.68 -46.11
CA HIS F 28 19.97 -6.02 -47.27
C HIS F 28 18.47 -6.12 -47.23
N THR F 29 18.04 -7.24 -46.68
CA THR F 29 16.63 -7.61 -46.67
C THR F 29 16.45 -8.63 -45.55
N ILE F 30 15.37 -8.50 -44.80
CA ILE F 30 15.20 -9.38 -43.64
C ILE F 30 14.49 -10.71 -44.00
N THR F 31 15.28 -11.75 -44.09
CA THR F 31 14.81 -13.06 -44.50
C THR F 31 13.96 -13.61 -43.38
N ASP F 32 13.19 -14.65 -43.62
CA ASP F 32 12.38 -15.21 -42.55
C ASP F 32 13.24 -15.67 -41.36
N ASP F 33 14.45 -16.15 -41.66
CA ASP F 33 15.27 -16.81 -40.64
C ASP F 33 16.04 -15.74 -39.84
N ASP F 34 16.11 -14.53 -40.38
CA ASP F 34 16.74 -13.43 -39.66
C ASP F 34 15.79 -12.79 -38.67
N TRP F 35 14.52 -12.61 -39.06
CA TRP F 35 13.53 -12.05 -38.17
C TRP F 35 13.36 -12.97 -36.98
N THR F 36 13.58 -14.26 -37.19
CA THR F 36 13.72 -15.21 -36.08
C THR F 36 14.76 -14.72 -35.09
N ARG F 37 16.01 -14.65 -35.54
CA ARG F 37 17.12 -14.27 -34.68
C ARG F 37 16.92 -12.88 -34.07
N ILE F 38 16.18 -12.04 -34.77
CA ILE F 38 15.95 -10.69 -34.30
C ILE F 38 14.86 -10.72 -33.26
N ALA F 39 13.92 -11.65 -33.40
CA ALA F 39 12.74 -11.71 -32.52
C ALA F 39 13.09 -12.38 -31.20
N LEU F 40 13.96 -13.37 -31.27
CA LEU F 40 14.47 -14.01 -30.07
C LEU F 40 15.12 -12.94 -29.20
N LEU F 41 16.20 -12.39 -29.74
CA LEU F 41 16.88 -11.29 -29.10
C LEU F 41 15.92 -10.14 -28.69
N ALA F 42 14.91 -9.86 -29.49
CA ALA F 42 14.05 -8.74 -29.16
C ALA F 42 12.84 -9.22 -28.39
N ARG F 43 13.01 -10.24 -27.56
CA ARG F 43 12.12 -10.30 -26.43
C ARG F 43 12.93 -10.67 -25.18
N PHE F 44 14.20 -10.99 -25.34
CA PHE F 44 15.10 -10.94 -24.19
C PHE F 44 15.35 -9.49 -23.79
N ALA F 45 15.21 -8.55 -24.72
CA ALA F 45 15.55 -7.17 -24.46
C ALA F 45 14.35 -6.36 -24.09
N PHE F 46 13.16 -6.84 -24.49
CA PHE F 46 11.95 -6.02 -24.42
C PHE F 46 10.78 -6.62 -23.64
N GLY F 47 10.82 -7.94 -23.47
CA GLY F 47 9.83 -8.67 -22.70
C GLY F 47 8.75 -9.25 -23.58
N ASP F 48 7.80 -8.40 -23.95
CA ASP F 48 6.82 -8.74 -24.97
C ASP F 48 7.54 -9.12 -26.28
N ILE F 49 7.10 -10.21 -26.93
CA ILE F 49 7.38 -10.34 -28.35
C ILE F 49 6.05 -10.14 -29.09
N GLU F 50 6.00 -9.05 -29.86
CA GLU F 50 4.74 -8.60 -30.44
C GLU F 50 4.18 -9.73 -31.28
N PRO F 51 2.86 -9.97 -31.18
CA PRO F 51 2.20 -11.04 -31.94
C PRO F 51 2.64 -11.03 -33.42
N GLU F 52 2.65 -12.17 -34.11
CA GLU F 52 3.18 -12.20 -35.49
C GLU F 52 2.48 -11.18 -36.43
N GLN F 53 1.42 -10.54 -35.95
CA GLN F 53 0.73 -9.56 -36.78
C GLN F 53 1.25 -8.13 -36.52
N THR F 54 1.87 -7.95 -35.34
CA THR F 54 2.53 -6.68 -34.93
C THR F 54 4.02 -6.63 -35.29
N GLN F 55 4.71 -7.76 -35.15
CA GLN F 55 6.03 -7.89 -35.76
C GLN F 55 5.92 -7.55 -37.25
N ALA F 56 4.83 -7.99 -37.85
CA ALA F 56 4.61 -7.88 -39.28
C ALA F 56 4.61 -6.45 -39.69
N ALA F 57 3.92 -5.62 -38.91
CA ALA F 57 3.74 -4.23 -39.25
C ALA F 57 5.05 -3.48 -39.18
N TRP F 58 5.77 -3.59 -38.07
CA TRP F 58 7.03 -2.87 -37.96
C TRP F 58 7.96 -3.34 -39.05
N ARG F 59 8.10 -4.66 -39.16
CA ARG F 59 8.94 -5.25 -40.21
C ARG F 59 8.61 -4.63 -41.59
N SER F 60 7.33 -4.40 -41.87
CA SER F 60 6.92 -3.86 -43.17
C SER F 60 7.38 -2.42 -43.43
N MET F 61 8.20 -1.87 -42.53
CA MET F 61 8.64 -0.48 -42.62
C MET F 61 10.15 -0.32 -42.65
N VAL F 62 10.88 -1.42 -42.51
CA VAL F 62 12.32 -1.37 -42.65
C VAL F 62 12.68 -1.36 -44.14
N PRO F 63 13.19 -0.22 -44.54
CA PRO F 63 13.63 0.07 -45.86
C PRO F 63 14.95 -0.59 -46.03
N GLU F 64 15.36 -0.65 -47.28
CA GLU F 64 16.41 -1.48 -47.74
C GLU F 64 17.68 -1.14 -47.01
N ASP F 65 18.50 -2.12 -46.74
CA ASP F 65 19.79 -1.86 -46.15
C ASP F 65 19.62 -1.07 -44.89
N ALA F 66 18.62 -1.40 -44.11
CA ALA F 66 18.31 -0.59 -42.93
C ALA F 66 18.47 -1.33 -41.60
N THR F 67 19.05 -2.54 -41.63
CA THR F 67 19.21 -3.38 -40.44
C THR F 67 20.64 -3.76 -40.18
N VAL F 68 21.18 -3.24 -39.08
CA VAL F 68 22.57 -3.50 -38.67
C VAL F 68 22.61 -4.51 -37.52
N VAL F 69 23.33 -5.61 -37.70
CA VAL F 69 23.43 -6.68 -36.69
C VAL F 69 24.86 -7.13 -36.41
N VAL F 70 25.07 -7.85 -35.31
CA VAL F 70 26.33 -8.51 -35.00
C VAL F 70 26.03 -9.95 -34.66
N PRO F 71 26.57 -10.87 -35.46
CA PRO F 71 26.42 -12.31 -35.23
C PRO F 71 27.35 -12.79 -34.13
N ASP F 72 27.15 -14.01 -33.66
CA ASP F 72 28.01 -14.55 -32.62
C ASP F 72 29.02 -15.53 -33.20
N GLU F 73 29.80 -16.14 -32.30
CA GLU F 73 31.08 -16.76 -32.63
C GLU F 73 31.08 -17.73 -33.81
N THR F 74 29.95 -18.42 -33.94
CA THR F 74 29.64 -19.38 -34.99
C THR F 74 28.69 -18.88 -36.04
N ASP F 75 28.08 -17.73 -35.81
CA ASP F 75 27.08 -17.22 -36.74
C ASP F 75 25.71 -17.79 -36.49
N ASP F 76 25.52 -18.54 -35.43
CA ASP F 76 24.22 -19.13 -35.16
C ASP F 76 23.02 -18.21 -34.84
N ALA F 77 23.26 -17.19 -34.04
CA ALA F 77 22.30 -16.24 -33.49
C ALA F 77 22.86 -14.82 -33.53
N PHE F 78 22.10 -13.86 -33.03
CA PHE F 78 22.54 -12.48 -33.01
C PHE F 78 22.86 -12.06 -31.62
N VAL F 79 23.94 -11.32 -31.44
CA VAL F 79 24.23 -10.78 -30.11
C VAL F 79 24.03 -9.27 -30.11
N GLY F 80 23.64 -8.72 -31.25
CA GLY F 80 23.41 -7.31 -31.33
C GLY F 80 22.53 -7.09 -32.52
N GLN F 81 21.66 -6.11 -32.42
CA GLN F 81 20.76 -5.86 -33.51
C GLN F 81 20.29 -4.44 -33.38
N SER F 82 20.03 -3.82 -34.52
CA SER F 82 19.40 -2.50 -34.61
C SER F 82 18.86 -2.28 -36.03
N LEU F 83 17.88 -1.40 -36.17
CA LEU F 83 17.42 -1.02 -37.49
C LEU F 83 16.88 0.37 -37.45
N TYR F 84 16.57 0.93 -38.62
CA TYR F 84 15.75 2.14 -38.62
C TYR F 84 14.47 1.91 -39.40
N LEU F 85 13.37 2.34 -38.80
CA LEU F 85 12.16 2.49 -39.57
C LEU F 85 12.27 3.65 -40.60
N ASP F 86 11.34 3.66 -41.54
CA ASP F 86 11.33 4.69 -42.55
C ASP F 86 10.10 5.57 -42.43
N MET F 87 10.26 6.73 -41.81
CA MET F 87 9.10 7.47 -41.34
C MET F 87 8.95 8.89 -41.88
N GLN F 88 7.82 9.54 -41.56
CA GLN F 88 7.61 10.91 -42.04
C GLN F 88 7.11 11.86 -40.98
N LEU F 89 8.01 12.72 -40.54
CA LEU F 89 7.79 13.57 -39.39
C LEU F 89 7.42 14.98 -39.81
N THR F 90 6.30 15.44 -39.27
CA THR F 90 5.90 16.84 -39.40
C THR F 90 6.74 17.77 -38.49
N VAL F 91 7.47 18.71 -39.11
CA VAL F 91 8.30 19.70 -38.38
C VAL F 91 7.60 21.06 -38.43
N PRO F 92 7.94 21.99 -37.50
CA PRO F 92 7.33 23.33 -37.40
C PRO F 92 7.04 24.07 -38.71
N GLY F 93 5.82 24.59 -38.79
CA GLY F 93 5.37 25.34 -39.94
C GLY F 93 4.60 24.49 -40.93
N GLY F 94 4.77 23.17 -40.85
CA GLY F 94 4.07 22.25 -41.72
C GLY F 94 4.91 21.27 -42.55
N GLU F 95 6.22 21.55 -42.72
CA GLU F 95 7.05 20.71 -43.61
C GLU F 95 7.28 19.30 -43.05
N VAL F 96 7.38 18.32 -43.94
CA VAL F 96 7.25 16.88 -43.61
C VAL F 96 8.45 16.03 -44.09
N LEU F 97 9.55 16.15 -43.35
CA LEU F 97 10.82 15.48 -43.59
C LEU F 97 10.67 13.96 -43.58
N PRO F 98 11.34 13.26 -44.51
CA PRO F 98 11.49 11.81 -44.29
C PRO F 98 12.57 11.58 -43.25
N VAL F 99 12.33 10.70 -42.25
CA VAL F 99 13.27 10.48 -41.13
C VAL F 99 13.47 9.03 -40.71
N ALA F 100 14.65 8.77 -40.18
CA ALA F 100 15.00 7.44 -39.71
C ALA F 100 14.53 7.21 -38.26
N GLY F 101 13.69 6.20 -38.06
CA GLY F 101 13.21 5.83 -36.72
C GLY F 101 13.91 4.64 -36.08
N ILE F 102 14.96 4.92 -35.33
CA ILE F 102 15.72 3.89 -34.67
C ILE F 102 14.93 3.01 -33.69
N SER F 103 14.91 1.71 -34.01
CA SER F 103 14.11 0.71 -33.32
C SER F 103 14.78 -0.64 -33.09
N PHE F 104 14.18 -1.45 -32.23
CA PHE F 104 14.54 -2.85 -32.01
C PHE F 104 16.03 -3.02 -31.71
N VAL F 105 16.64 -1.96 -31.19
CA VAL F 105 18.02 -2.03 -30.77
C VAL F 105 18.12 -2.95 -29.56
N ALA F 106 19.06 -3.89 -29.54
CA ALA F 106 19.19 -4.82 -28.39
C ALA F 106 20.58 -5.41 -28.29
N VAL F 107 21.20 -5.38 -27.12
CA VAL F 107 22.39 -6.19 -27.01
C VAL F 107 22.07 -7.41 -26.18
N ALA F 108 22.70 -8.53 -26.52
CA ALA F 108 22.55 -9.77 -25.79
C ALA F 108 23.04 -9.58 -24.37
N PRO F 109 22.24 -10.02 -23.39
CA PRO F 109 22.58 -9.89 -21.98
C PRO F 109 23.89 -10.58 -21.71
N THR F 110 24.21 -11.48 -22.62
CA THR F 110 25.38 -12.32 -22.50
C THR F 110 26.63 -11.71 -23.14
N HIS F 111 26.45 -10.79 -24.07
CA HIS F 111 27.60 -10.23 -24.77
C HIS F 111 27.67 -8.74 -24.48
N ARG F 112 26.97 -8.35 -23.42
CA ARG F 112 26.97 -6.98 -22.97
C ARG F 112 28.35 -6.59 -22.49
N ARG F 113 28.54 -5.30 -22.27
CA ARG F 113 29.82 -4.81 -21.75
C ARG F 113 30.94 -5.01 -22.80
N ARG F 114 30.63 -4.93 -24.10
CA ARG F 114 31.68 -5.25 -25.07
C ARG F 114 31.69 -4.39 -26.34
N GLY F 115 31.29 -3.13 -26.22
CA GLY F 115 31.33 -2.19 -27.34
C GLY F 115 30.44 -2.54 -28.52
N VAL F 116 29.64 -3.59 -28.34
CA VAL F 116 28.68 -4.06 -29.32
C VAL F 116 27.62 -3.01 -29.66
N LEU F 117 27.36 -2.10 -28.73
CA LEU F 117 26.40 -1.06 -29.04
C LEU F 117 27.09 0.01 -29.88
N ARG F 118 28.26 0.47 -29.43
CA ARG F 118 28.91 1.60 -30.08
C ARG F 118 29.28 1.29 -31.54
N ALA F 119 29.46 0.01 -31.87
CA ALA F 119 29.83 -0.34 -33.23
C ALA F 119 28.61 -0.47 -34.15
N MET F 120 27.64 -1.21 -33.66
CA MET F 120 26.35 -1.37 -34.28
C MET F 120 25.73 -0.04 -34.63
N TYR F 121 25.99 0.96 -33.79
CA TYR F 121 25.44 2.31 -33.97
C TYR F 121 26.19 3.11 -34.98
N THR F 122 27.51 2.95 -34.96
CA THR F 122 28.36 3.74 -35.83
C THR F 122 28.02 3.40 -37.26
N GLU F 123 27.81 2.11 -37.50
CA GLU F 123 27.38 1.64 -38.80
C GLU F 123 25.96 2.09 -39.07
N LEU F 124 25.01 1.80 -38.18
CA LEU F 124 23.62 2.09 -38.48
C LEU F 124 23.40 3.55 -38.86
N HIS F 125 24.11 4.46 -38.22
CA HIS F 125 23.90 5.86 -38.57
C HIS F 125 24.46 6.17 -39.94
N ASP F 126 25.58 5.55 -40.28
CA ASP F 126 26.13 5.66 -41.63
C ASP F 126 25.09 5.29 -42.68
N ARG F 127 24.36 4.19 -42.50
CA ARG F 127 23.32 3.85 -43.46
C ARG F 127 22.30 4.96 -43.51
N ILE F 128 21.88 5.42 -42.34
CA ILE F 128 20.95 6.54 -42.21
C ILE F 128 21.45 7.73 -43.01
N ALA F 129 22.78 7.94 -42.90
CA ALA F 129 23.49 9.10 -43.45
C ALA F 129 23.40 9.15 -44.95
N ARG F 130 23.97 8.13 -45.57
CA ARG F 130 24.09 8.11 -47.01
C ARG F 130 22.81 7.57 -47.55
N ALA F 131 21.70 8.09 -47.00
CA ALA F 131 20.36 7.82 -47.48
C ALA F 131 19.48 9.07 -47.36
N GLY F 132 20.11 10.19 -47.01
CA GLY F 132 19.48 11.49 -47.21
C GLY F 132 18.71 12.02 -46.04
N TYR F 133 18.41 11.14 -45.08
CA TYR F 133 17.61 11.47 -43.89
C TYR F 133 18.18 12.63 -43.08
N PRO F 134 17.43 13.75 -42.99
CA PRO F 134 17.93 14.89 -42.22
C PRO F 134 17.99 14.54 -40.73
N LEU F 135 17.03 13.71 -40.29
CA LEU F 135 16.85 13.41 -38.88
C LEU F 135 16.81 11.93 -38.61
N ALA F 136 17.45 11.52 -37.51
CA ALA F 136 17.22 10.21 -36.90
C ALA F 136 16.41 10.35 -35.58
N VAL F 137 15.31 9.61 -35.47
CA VAL F 137 14.42 9.78 -34.31
C VAL F 137 14.22 8.46 -33.57
N LEU F 138 13.92 8.54 -32.28
CA LEU F 138 13.65 7.34 -31.53
C LEU F 138 12.91 7.60 -30.23
N THR F 139 12.50 6.52 -29.58
CA THR F 139 11.84 6.57 -28.29
C THR F 139 12.82 6.04 -27.27
N ALA F 140 12.75 6.55 -26.04
CA ALA F 140 13.76 6.24 -25.03
C ALA F 140 13.29 5.15 -24.13
N SER F 141 14.21 4.33 -23.64
CA SER F 141 13.86 3.32 -22.65
C SER F 141 15.11 2.78 -21.97
N GLU F 142 14.93 2.23 -20.76
CA GLU F 142 16.01 1.58 -20.02
C GLU F 142 17.21 2.53 -19.83
N GLY F 143 18.40 1.98 -19.96
CA GLY F 143 19.59 2.81 -20.04
C GLY F 143 20.27 2.40 -21.33
N GLY F 144 20.23 3.27 -22.32
CA GLY F 144 19.84 4.65 -22.15
C GLY F 144 20.91 5.26 -23.00
N ILE F 145 21.90 5.90 -22.36
CA ILE F 145 23.05 6.55 -23.02
C ILE F 145 22.77 7.20 -24.38
N TYR F 146 21.83 8.15 -24.42
CA TYR F 146 21.39 8.73 -25.69
C TYR F 146 22.07 10.06 -26.04
N GLY F 147 22.53 10.76 -25.02
CA GLY F 147 23.16 12.04 -25.25
C GLY F 147 24.54 11.93 -25.88
N ARG F 148 25.28 10.88 -25.54
CA ARG F 148 26.62 10.68 -26.10
C ARG F 148 26.55 10.76 -27.61
N PHE F 149 25.51 10.12 -28.17
CA PHE F 149 25.34 9.92 -29.61
C PHE F 149 24.54 11.04 -30.30
N GLY F 150 24.34 12.15 -29.61
CA GLY F 150 23.74 13.31 -30.24
C GLY F 150 22.23 13.37 -30.28
N TYR F 151 21.57 12.68 -29.35
CA TYR F 151 20.11 12.69 -29.30
C TYR F 151 19.61 13.58 -28.18
N GLY F 152 18.75 14.53 -28.52
CA GLY F 152 18.12 15.38 -27.52
C GLY F 152 16.64 15.10 -27.39
N VAL F 153 16.08 15.27 -26.20
CA VAL F 153 14.63 15.08 -26.04
C VAL F 153 13.95 16.17 -26.88
N ALA F 154 12.94 15.78 -27.63
CA ALA F 154 12.39 16.70 -28.62
C ALA F 154 10.96 17.10 -28.35
N THR F 155 10.19 16.20 -27.74
CA THR F 155 8.81 16.47 -27.39
C THR F 155 8.57 16.00 -25.96
N ILE F 156 7.61 16.62 -25.30
CA ILE F 156 7.33 16.23 -23.93
C ILE F 156 5.88 15.67 -23.78
N GLU F 157 5.73 14.69 -22.89
CA GLU F 157 4.43 14.12 -22.58
C GLU F 157 4.06 14.36 -21.12
N GLN F 158 3.01 15.14 -20.91
CA GLN F 158 2.48 15.32 -19.57
C GLN F 158 1.32 14.37 -19.34
N HIS F 159 1.20 13.83 -18.14
CA HIS F 159 0.04 13.00 -17.83
CA HIS F 159 0.08 12.98 -17.77
C HIS F 159 -0.95 13.80 -16.96
N VAL F 160 -2.16 13.95 -17.46
CA VAL F 160 -3.18 14.72 -16.76
C VAL F 160 -4.25 13.78 -16.25
N SER F 161 -4.88 14.11 -15.12
CA SER F 161 -5.87 13.22 -14.49
C SER F 161 -7.10 13.93 -13.90
N VAL F 162 -8.26 13.64 -14.47
CA VAL F 162 -9.45 14.40 -14.13
C VAL F 162 -10.48 13.64 -13.30
N ASP F 163 -10.57 13.91 -12.01
CA ASP F 163 -11.63 13.28 -11.25
C ASP F 163 -12.98 13.80 -11.72
N ARG F 164 -13.72 12.90 -12.34
CA ARG F 164 -14.89 13.29 -13.10
C ARG F 164 -16.14 13.51 -12.23
N ARG F 165 -16.14 12.99 -11.02
CA ARG F 165 -17.22 13.31 -10.07
C ARG F 165 -17.16 14.80 -9.69
N LEU F 166 -15.97 15.39 -9.78
CA LEU F 166 -15.74 16.72 -9.26
C LEU F 166 -15.32 17.73 -10.33
N ALA F 167 -14.83 17.24 -11.47
CA ALA F 167 -14.75 18.06 -12.70
C ALA F 167 -16.06 18.76 -13.01
N GLN F 168 -15.94 19.88 -13.68
CA GLN F 168 -17.08 20.73 -13.98
C GLN F 168 -16.69 21.55 -15.16
N PHE F 169 -17.59 21.87 -16.07
CA PHE F 169 -17.11 22.70 -17.19
C PHE F 169 -17.29 24.20 -16.92
N HIS F 170 -16.33 24.95 -17.42
CA HIS F 170 -16.47 26.38 -17.42
C HIS F 170 -17.68 26.71 -18.29
N PRO F 171 -18.51 27.65 -17.82
CA PRO F 171 -19.73 28.06 -18.48
C PRO F 171 -19.49 28.43 -19.91
N ALA F 172 -18.36 29.10 -20.18
CA ALA F 172 -18.06 29.63 -21.49
C ALA F 172 -17.65 28.55 -22.49
N ALA F 173 -17.23 27.41 -21.94
CA ALA F 173 -16.68 26.34 -22.74
C ALA F 173 -17.68 25.84 -23.76
N PRO F 174 -17.19 25.48 -24.95
CA PRO F 174 -17.99 24.97 -26.06
C PRO F 174 -18.69 23.69 -25.69
N ASP F 175 -19.96 23.57 -26.05
CA ASP F 175 -20.64 22.27 -25.96
C ASP F 175 -21.19 21.91 -27.33
N PRO F 176 -20.28 21.65 -28.29
CA PRO F 176 -20.59 21.49 -29.71
C PRO F 176 -21.43 20.27 -30.07
N GLY F 177 -21.56 19.31 -29.16
CA GLY F 177 -22.18 18.05 -29.51
C GLY F 177 -21.42 17.35 -30.63
N GLY F 178 -22.05 16.35 -31.23
CA GLY F 178 -21.49 15.73 -32.43
C GLY F 178 -20.60 14.53 -32.18
N VAL F 179 -20.82 13.87 -31.06
CA VAL F 179 -19.96 12.75 -30.66
C VAL F 179 -20.72 11.45 -30.74
N ARG F 180 -20.08 10.44 -31.30
CA ARG F 180 -20.71 9.18 -31.67
C ARG F 180 -19.95 8.09 -30.92
N MET F 181 -20.60 7.01 -30.51
CA MET F 181 -19.86 5.92 -29.86
C MET F 181 -19.40 4.90 -30.87
N LEU F 182 -18.21 5.08 -31.44
CA LEU F 182 -17.67 4.16 -32.46
C LEU F 182 -17.24 2.78 -31.96
N VAL F 183 -17.32 1.79 -32.86
CA VAL F 183 -16.57 0.55 -32.65
C VAL F 183 -15.33 0.68 -33.52
N PRO F 184 -14.21 0.98 -32.91
CA PRO F 184 -13.12 1.58 -33.62
C PRO F 184 -12.73 0.73 -34.77
N ALA F 185 -12.72 -0.57 -34.60
CA ALA F 185 -12.12 -1.45 -35.56
C ALA F 185 -12.80 -1.26 -36.87
N ASP F 186 -14.05 -0.89 -36.81
CA ASP F 186 -14.87 -0.81 -38.00
C ASP F 186 -14.90 0.53 -38.72
N HIS F 187 -14.17 1.53 -38.25
CA HIS F 187 -14.14 2.81 -38.94
C HIS F 187 -12.78 3.22 -39.45
N ARG F 188 -11.85 2.30 -39.51
CA ARG F 188 -10.43 2.63 -39.62
C ARG F 188 -10.13 3.83 -40.53
N ASP F 189 -10.77 3.88 -41.67
CA ASP F 189 -10.45 4.91 -42.64
C ASP F 189 -10.93 6.28 -42.14
N GLY F 190 -12.04 6.28 -41.42
CA GLY F 190 -12.59 7.52 -40.91
C GLY F 190 -11.68 8.08 -39.84
N LEU F 191 -11.27 7.22 -38.92
CA LEU F 191 -10.29 7.56 -37.89
C LEU F 191 -8.97 8.10 -38.50
N ALA F 192 -8.25 7.27 -39.27
CA ALA F 192 -6.92 7.60 -39.80
C ALA F 192 -6.88 8.80 -40.73
N ASP F 193 -8.08 9.25 -41.14
CA ASP F 193 -8.21 10.47 -41.92
C ASP F 193 -8.25 11.62 -40.93
N ILE F 194 -8.97 11.45 -39.82
CA ILE F 194 -8.88 12.41 -38.72
C ILE F 194 -7.45 12.45 -38.22
N TYR F 195 -6.84 11.28 -38.06
CA TYR F 195 -5.43 11.24 -37.75
C TYR F 195 -4.61 11.94 -38.83
N ASP F 196 -4.82 11.65 -40.12
CA ASP F 196 -3.97 12.29 -41.13
C ASP F 196 -4.02 13.84 -41.05
N ARG F 197 -5.24 14.39 -41.01
CA ARG F 197 -5.43 15.82 -40.82
C ARG F 197 -4.64 16.36 -39.63
N TRP F 198 -4.74 15.72 -38.46
CA TRP F 198 -3.94 16.12 -37.29
C TRP F 198 -2.39 16.11 -37.51
N ARG F 199 -1.88 15.00 -38.03
CA ARG F 199 -0.46 14.83 -38.32
C ARG F 199 0.10 16.02 -39.11
N ARG F 200 -0.67 16.49 -40.10
CA ARG F 200 -0.19 17.61 -40.92
C ARG F 200 -0.32 18.99 -40.26
N ARG F 201 -1.25 19.16 -39.34
CA ARG F 201 -1.35 20.44 -38.62
C ARG F 201 -0.31 20.51 -37.49
N THR F 202 0.01 19.36 -36.90
CA THR F 202 0.75 19.32 -35.64
C THR F 202 2.16 18.81 -35.85
N PRO F 203 3.17 19.51 -35.31
CA PRO F 203 4.56 19.04 -35.34
C PRO F 203 4.77 17.86 -34.41
N GLY F 204 5.59 16.92 -34.85
CA GLY F 204 5.78 15.70 -34.11
C GLY F 204 4.82 14.64 -34.59
N GLY F 205 4.04 14.99 -35.61
CA GLY F 205 3.16 14.02 -36.22
C GLY F 205 3.99 12.99 -36.94
N LEU F 206 3.57 11.73 -36.85
CA LEU F 206 4.11 10.65 -37.67
C LEU F 206 3.08 10.11 -38.67
N VAL F 207 3.53 9.78 -39.87
CA VAL F 207 2.66 9.06 -40.80
C VAL F 207 2.34 7.70 -40.19
N ARG F 208 1.08 7.30 -40.19
CA ARG F 208 0.75 5.96 -39.68
C ARG F 208 0.22 5.08 -40.81
N PRO F 209 1.08 4.16 -41.29
CA PRO F 209 0.80 3.20 -42.36
C PRO F 209 -0.41 2.37 -42.02
N ASP F 210 -1.22 2.07 -43.02
CA ASP F 210 -2.46 1.33 -42.81
C ASP F 210 -2.23 0.03 -42.02
N ALA F 211 -1.05 -0.58 -42.18
CA ALA F 211 -0.69 -1.79 -41.44
C ALA F 211 -0.62 -1.63 -39.91
N LEU F 212 -0.50 -0.40 -39.44
CA LEU F 212 -0.39 -0.08 -38.01
C LEU F 212 -1.72 0.10 -37.34
N TRP F 213 -2.51 0.98 -37.93
CA TRP F 213 -3.92 1.17 -37.58
C TRP F 213 -4.63 -0.14 -37.39
N ASP F 214 -4.44 -1.01 -38.38
CA ASP F 214 -4.99 -2.36 -38.41
C ASP F 214 -4.66 -3.11 -37.14
N ASP F 215 -3.37 -3.22 -36.87
CA ASP F 215 -2.87 -3.82 -35.66
C ASP F 215 -3.54 -3.21 -34.43
N LEU F 216 -3.36 -1.91 -34.27
CA LEU F 216 -3.99 -1.15 -33.20
C LEU F 216 -5.52 -1.32 -33.04
N LEU F 217 -6.24 -1.53 -34.14
CA LEU F 217 -7.71 -1.71 -34.07
C LEU F 217 -8.20 -3.17 -34.11
N ALA F 218 -7.33 -4.12 -34.41
CA ALA F 218 -7.60 -5.54 -34.18
C ALA F 218 -7.57 -5.75 -32.68
N ASP F 219 -6.73 -4.95 -32.02
CA ASP F 219 -6.76 -4.86 -30.59
C ASP F 219 -6.55 -6.21 -29.97
N ARG F 220 -5.34 -6.71 -30.09
CA ARG F 220 -5.03 -8.02 -29.54
C ARG F 220 -5.02 -7.96 -28.03
N PRO F 221 -5.38 -9.09 -27.36
CA PRO F 221 -5.20 -9.26 -25.92
C PRO F 221 -3.75 -9.09 -25.43
N GLU F 222 -2.80 -9.58 -26.22
CA GLU F 222 -1.39 -9.42 -25.87
C GLU F 222 -1.06 -7.94 -25.60
N SER F 223 -1.38 -7.08 -26.57
CA SER F 223 -1.01 -5.68 -26.56
C SER F 223 -1.51 -4.91 -25.33
N ARG F 224 -2.72 -5.24 -24.90
CA ARG F 224 -3.42 -4.34 -24.04
C ARG F 224 -2.60 -3.98 -22.85
N ARG F 225 -2.51 -2.69 -22.66
CA ARG F 225 -1.99 -2.05 -21.46
C ARG F 225 -2.76 -0.79 -21.17
N GLY F 226 -2.87 -0.50 -19.88
CA GLY F 226 -3.67 0.62 -19.42
C GLY F 226 -5.14 0.26 -19.34
N GLY F 227 -5.48 -1.05 -19.44
CA GLY F 227 -6.85 -1.57 -19.31
C GLY F 227 -7.40 -2.63 -20.29
N GLY F 228 -8.72 -2.65 -20.50
CA GLY F 228 -9.32 -3.64 -21.40
C GLY F 228 -9.88 -3.09 -22.72
N GLU F 229 -10.96 -3.67 -23.26
CA GLU F 229 -11.36 -3.43 -24.67
C GLU F 229 -11.44 -1.95 -25.15
N LEU F 230 -10.69 -1.60 -26.21
CA LEU F 230 -10.75 -0.25 -26.75
C LEU F 230 -12.19 0.25 -26.95
N PHE F 231 -12.53 1.31 -26.21
CA PHE F 231 -13.71 2.11 -26.48
C PHE F 231 -13.24 3.21 -27.43
N ALA F 232 -14.15 3.78 -28.20
CA ALA F 232 -13.77 4.88 -29.05
C ALA F 232 -14.92 5.88 -29.10
N PHE F 233 -14.58 7.16 -29.19
CA PHE F 233 -15.58 8.21 -29.33
C PHE F 233 -15.37 8.87 -30.68
N GLY F 234 -16.47 9.14 -31.40
CA GLY F 234 -16.35 9.63 -32.74
C GLY F 234 -16.83 11.05 -32.85
N HIS F 235 -16.01 11.88 -33.50
CA HIS F 235 -16.42 13.22 -33.90
C HIS F 235 -15.91 13.47 -35.32
N GLN F 236 -16.72 14.17 -36.10
CA GLN F 236 -16.31 14.69 -37.38
C GLN F 236 -14.86 15.05 -37.48
N ASP F 237 -14.40 15.79 -36.48
CA ASP F 237 -13.06 16.42 -36.48
C ASP F 237 -12.16 15.95 -35.32
N GLY F 238 -12.51 14.83 -34.69
CA GLY F 238 -11.67 14.22 -33.67
C GLY F 238 -12.15 12.83 -33.30
N TYR F 239 -11.22 11.96 -32.91
CA TYR F 239 -11.58 10.67 -32.37
C TYR F 239 -10.88 10.58 -31.03
N ALA F 240 -11.36 9.71 -30.13
CA ALA F 240 -10.69 9.46 -28.85
C ALA F 240 -10.80 8.00 -28.44
N LEU F 241 -9.65 7.34 -28.29
CA LEU F 241 -9.63 5.91 -27.98
C LEU F 241 -9.23 5.68 -26.54
N TYR F 242 -9.99 4.88 -25.79
CA TYR F 242 -9.61 4.59 -24.41
C TYR F 242 -9.97 3.17 -23.91
N ARG F 243 -9.28 2.73 -22.87
CA ARG F 243 -9.52 1.47 -22.17
C ARG F 243 -9.95 1.78 -20.71
N VAL F 244 -10.74 0.90 -20.09
CA VAL F 244 -11.10 1.08 -18.66
C VAL F 244 -10.38 0.04 -17.79
N ASP F 245 -9.99 0.42 -16.56
CA ASP F 245 -9.34 -0.46 -15.58
C ASP F 245 -10.27 -0.60 -14.42
N ARG F 246 -10.29 -1.75 -13.78
CA ARG F 246 -11.06 -1.80 -12.55
C ARG F 246 -9.99 -1.88 -11.48
N GLY F 247 -10.21 -1.19 -10.36
CA GLY F 247 -9.20 -1.05 -9.33
C GLY F 247 -9.19 -2.20 -8.32
N PRO F 248 -8.37 -2.10 -7.30
CA PRO F 248 -8.31 -3.20 -6.35
C PRO F 248 -9.67 -3.37 -5.75
N ASP F 249 -10.47 -2.33 -5.73
CA ASP F 249 -11.80 -2.39 -5.09
C ASP F 249 -13.05 -2.25 -5.95
N GLY F 250 -12.98 -2.47 -7.26
CA GLY F 250 -14.13 -2.23 -8.12
C GLY F 250 -14.32 -0.80 -8.58
N ARG F 251 -13.38 0.06 -8.18
CA ARG F 251 -13.39 1.46 -8.60
C ARG F 251 -12.70 1.55 -9.95
N ARG F 252 -13.52 1.75 -10.98
CA ARG F 252 -13.10 1.85 -12.39
C ARG F 252 -12.63 3.25 -12.78
N SER F 253 -11.56 3.31 -13.59
CA SER F 253 -11.05 4.55 -14.14
C SER F 253 -10.74 4.41 -15.64
N ALA F 254 -11.04 5.44 -16.41
CA ALA F 254 -10.86 5.41 -17.86
C ALA F 254 -9.52 6.06 -18.30
N HIS F 255 -8.68 5.28 -18.96
CA HIS F 255 -7.38 5.73 -19.41
C HIS F 255 -7.37 5.99 -20.90
N VAL F 256 -7.26 7.25 -21.33
CA VAL F 256 -7.28 7.58 -22.77
C VAL F 256 -6.03 7.13 -23.51
N VAL F 257 -6.21 6.31 -24.54
CA VAL F 257 -5.09 5.70 -25.26
C VAL F 257 -4.67 6.52 -26.50
N GLU F 258 -5.56 7.41 -26.94
CA GLU F 258 -5.23 8.45 -27.89
C GLU F 258 -6.42 9.38 -28.00
N LEU F 259 -6.15 10.67 -28.05
CA LEU F 259 -7.18 11.64 -28.36
C LEU F 259 -6.66 12.55 -29.44
N THR F 260 -7.29 12.52 -30.59
CA THR F 260 -6.74 13.22 -31.72
C THR F 260 -7.78 14.20 -32.26
N ALA F 261 -7.70 15.45 -31.81
CA ALA F 261 -8.61 16.47 -32.31
C ALA F 261 -7.88 17.39 -33.25
N VAL F 262 -8.63 18.04 -34.12
CA VAL F 262 -8.10 18.87 -35.19
C VAL F 262 -8.74 20.25 -35.07
N THR F 263 -9.87 20.30 -34.38
CA THR F 263 -10.56 21.55 -34.13
C THR F 263 -10.79 21.69 -32.65
N ALA F 264 -10.93 22.92 -32.19
CA ALA F 264 -11.06 23.11 -30.76
C ALA F 264 -12.35 22.43 -30.31
N ASP F 265 -13.41 22.73 -31.05
CA ASP F 265 -14.73 22.09 -30.94
C ASP F 265 -14.72 20.58 -30.69
N ALA F 266 -13.96 19.82 -31.48
CA ALA F 266 -13.93 18.37 -31.32
C ALA F 266 -13.29 17.99 -29.97
N HIS F 267 -12.10 18.53 -29.77
CA HIS F 267 -11.36 18.41 -28.51
C HIS F 267 -12.25 18.61 -27.29
N ALA F 268 -12.99 19.71 -27.32
CA ALA F 268 -13.99 20.00 -26.30
C ALA F 268 -15.04 18.91 -26.21
N ALA F 269 -15.68 18.61 -27.33
CA ALA F 269 -16.78 17.65 -27.36
C ALA F 269 -16.33 16.28 -26.85
N LEU F 270 -15.15 15.87 -27.29
CA LEU F 270 -14.55 14.63 -26.84
C LEU F 270 -14.30 14.52 -25.33
N TRP F 271 -13.95 15.62 -24.67
CA TRP F 271 -13.71 15.58 -23.23
C TRP F 271 -15.04 15.50 -22.50
N ARG F 272 -15.99 16.32 -22.95
CA ARG F 272 -17.36 16.25 -22.46
C ARG F 272 -17.86 14.81 -22.47
N ALA F 273 -17.53 14.13 -23.57
CA ALA F 273 -17.92 12.75 -23.73
C ALA F 273 -17.36 11.96 -22.60
N LEU F 274 -16.03 12.01 -22.49
CA LEU F 274 -15.27 11.22 -21.53
C LEU F 274 -15.69 11.45 -20.07
N LEU F 275 -15.73 12.72 -19.66
CA LEU F 275 -16.13 13.07 -18.31
C LEU F 275 -17.57 12.71 -18.05
N GLY F 276 -18.22 12.32 -19.14
CA GLY F 276 -19.56 11.79 -19.19
C GLY F 276 -19.81 10.44 -18.56
N LEU F 277 -18.86 9.53 -18.67
CA LEU F 277 -19.13 8.18 -18.33
C LEU F 277 -19.32 8.04 -16.87
N ASP F 278 -20.50 7.64 -16.46
CA ASP F 278 -20.78 7.44 -15.06
C ASP F 278 -19.93 6.29 -14.58
N LEU F 279 -19.76 5.34 -15.44
CA LEU F 279 -19.00 4.13 -15.12
C LEU F 279 -17.83 4.41 -14.17
N ILE F 280 -17.03 5.41 -14.55
CA ILE F 280 -15.68 5.56 -14.02
C ILE F 280 -15.48 6.76 -13.09
N ASP F 281 -14.35 6.75 -12.37
CA ASP F 281 -13.99 7.76 -11.40
C ASP F 281 -13.14 8.86 -12.02
N ARG F 282 -11.98 8.50 -12.57
CA ARG F 282 -11.14 9.48 -13.25
C ARG F 282 -10.79 9.06 -14.67
N VAL F 283 -10.60 10.06 -15.52
CA VAL F 283 -9.95 9.91 -16.81
C VAL F 283 -8.47 10.31 -16.68
N SER F 284 -7.56 9.48 -17.20
CA SER F 284 -6.15 9.86 -17.32
C SER F 284 -5.77 9.88 -18.81
N ILE F 285 -4.74 10.64 -19.15
CA ILE F 285 -4.28 10.70 -20.55
C ILE F 285 -2.85 11.20 -20.62
N GLY F 286 -2.08 10.70 -21.57
CA GLY F 286 -0.80 11.32 -21.90
C GLY F 286 -1.08 12.36 -22.95
N THR F 287 -0.41 13.51 -22.88
CA THR F 287 -0.69 14.63 -23.77
C THR F 287 0.48 15.62 -23.77
N HIS F 288 0.43 16.57 -24.70
CA HIS F 288 1.48 17.58 -24.85
C HIS F 288 1.32 18.76 -23.87
N PRO F 289 2.41 19.48 -23.60
CA PRO F 289 2.47 20.67 -22.76
C PRO F 289 1.24 21.56 -22.66
N HIS F 290 0.60 22.04 -23.71
CA HIS F 290 -0.39 23.05 -23.35
C HIS F 290 -1.82 22.73 -23.72
N ASP F 291 -2.24 21.56 -23.26
CA ASP F 291 -3.54 21.03 -23.62
C ASP F 291 -4.60 21.90 -22.98
N PRO F 292 -5.61 22.27 -23.77
CA PRO F 292 -6.76 23.06 -23.39
C PRO F 292 -7.54 22.51 -22.18
N LEU F 293 -7.67 21.19 -22.02
CA LEU F 293 -8.55 20.64 -20.97
C LEU F 293 -8.66 21.44 -19.61
N PRO F 294 -7.53 21.68 -18.90
CA PRO F 294 -7.67 22.42 -17.63
C PRO F 294 -8.30 23.82 -17.80
N TYR F 295 -8.17 24.37 -19.01
CA TYR F 295 -8.60 25.72 -19.25
C TYR F 295 -10.08 25.64 -19.53
N LEU F 296 -10.53 24.44 -19.88
CA LEU F 296 -11.92 24.19 -20.27
C LEU F 296 -12.79 24.03 -19.04
N LEU F 297 -12.15 23.60 -17.96
CA LEU F 297 -12.80 23.36 -16.66
C LEU F 297 -13.18 24.65 -16.01
N THR F 298 -13.80 24.57 -14.84
CA THR F 298 -14.32 25.78 -14.22
C THR F 298 -13.32 26.25 -13.14
N ASP F 299 -12.45 25.33 -12.75
CA ASP F 299 -11.39 25.61 -11.81
C ASP F 299 -10.35 24.60 -12.16
N PRO F 300 -9.23 25.06 -12.69
CA PRO F 300 -8.19 24.23 -13.29
C PRO F 300 -7.67 23.14 -12.35
N ARG F 301 -7.98 23.29 -11.06
CA ARG F 301 -7.54 22.37 -10.01
C ARG F 301 -8.22 21.02 -10.17
N GLN F 302 -9.25 20.99 -11.02
CA GLN F 302 -9.95 19.76 -11.29
C GLN F 302 -9.07 18.82 -12.13
N ALA F 303 -8.18 19.38 -12.93
CA ALA F 303 -7.25 18.51 -13.66
C ALA F 303 -5.90 18.45 -12.96
N GLN F 304 -5.50 17.24 -12.58
CA GLN F 304 -4.20 17.05 -11.97
C GLN F 304 -3.13 16.74 -12.99
N VAL F 305 -2.21 17.67 -13.17
CA VAL F 305 -1.05 17.37 -14.00
C VAL F 305 -0.01 16.71 -13.10
N THR F 306 0.40 15.51 -13.44
CA THR F 306 1.20 14.71 -12.52
C THR F 306 2.51 14.01 -12.84
N ALA F 307 2.91 14.05 -14.10
CA ALA F 307 4.25 13.74 -14.51
C ALA F 307 4.51 14.24 -15.88
N SER F 308 5.67 14.84 -16.11
CA SER F 308 6.07 15.23 -17.44
C SER F 308 7.26 14.38 -17.70
N ALA F 309 7.32 13.81 -18.88
CA ALA F 309 8.35 12.84 -19.20
C ALA F 309 8.75 13.01 -20.66
N ASP F 310 9.85 12.38 -21.04
CA ASP F 310 10.33 12.54 -22.40
C ASP F 310 9.51 11.66 -23.36
N ASP F 311 9.24 12.14 -24.56
CA ASP F 311 8.65 11.26 -25.57
C ASP F 311 9.69 11.00 -26.66
N LEU F 312 9.71 11.88 -27.66
CA LEU F 312 10.54 11.76 -28.84
C LEU F 312 11.96 12.24 -28.64
N TRP F 313 12.92 11.54 -29.21
CA TRP F 313 14.30 12.01 -29.23
C TRP F 313 14.72 12.26 -30.67
N ILE F 314 15.57 13.26 -30.87
CA ILE F 314 15.98 13.63 -32.22
C ILE F 314 17.50 13.78 -32.33
N ARG F 315 18.10 13.11 -33.32
CA ARG F 315 19.45 13.45 -33.69
C ARG F 315 19.35 13.98 -35.07
N ILE F 316 19.83 15.20 -35.23
CA ILE F 316 19.89 15.82 -36.53
C ILE F 316 21.07 15.25 -37.27
N MET F 317 20.79 14.62 -38.40
CA MET F 317 21.83 14.01 -39.23
C MET F 317 22.50 15.07 -40.12
N ASN F 318 21.70 16.09 -40.46
CA ASN F 318 21.99 17.01 -41.54
C ASN F 318 21.65 18.45 -41.12
N VAL F 319 22.58 19.19 -40.50
CA VAL F 319 22.23 20.48 -39.86
C VAL F 319 21.47 21.44 -40.79
N PRO F 320 21.98 21.67 -42.01
CA PRO F 320 21.23 22.62 -42.84
C PRO F 320 19.83 22.12 -43.23
N ALA F 321 19.75 20.96 -43.88
CA ALA F 321 18.50 20.36 -44.32
C ALA F 321 17.38 20.56 -43.32
N ALA F 322 17.72 20.20 -42.09
CA ALA F 322 16.81 20.20 -40.95
C ALA F 322 16.38 21.58 -40.50
N LEU F 323 17.39 22.44 -40.32
CA LEU F 323 17.14 23.80 -39.89
C LEU F 323 16.40 24.58 -40.97
N GLU F 324 16.55 24.16 -42.23
CA GLU F 324 15.95 24.91 -43.33
C GLU F 324 14.47 24.58 -43.43
N ALA F 325 14.15 23.34 -43.11
CA ALA F 325 12.79 22.87 -43.30
C ALA F 325 11.77 23.33 -42.24
N ARG F 326 12.19 23.79 -41.07
CA ARG F 326 11.18 24.28 -40.11
C ARG F 326 10.99 25.80 -40.23
N ARG F 327 9.76 26.26 -40.00
CA ARG F 327 9.56 27.70 -39.87
C ARG F 327 9.97 28.13 -38.47
N TYR F 328 10.35 29.41 -38.38
CA TYR F 328 10.82 29.98 -37.14
C TYR F 328 9.89 31.07 -36.67
N GLN F 329 10.08 31.49 -35.42
CA GLN F 329 9.19 32.45 -34.79
C GLN F 329 9.91 33.75 -34.38
N ALA F 330 11.19 33.86 -34.71
CA ALA F 330 11.92 35.11 -34.56
C ALA F 330 12.96 35.23 -35.68
N ASP F 331 13.47 36.45 -35.87
CA ASP F 331 14.53 36.67 -36.84
C ASP F 331 15.88 36.55 -36.18
N LEU F 332 16.90 36.37 -37.01
CA LEU F 332 18.18 35.90 -36.50
C LEU F 332 19.27 35.82 -37.57
N ASP F 333 20.43 36.42 -37.30
CA ASP F 333 21.59 36.15 -38.15
C ASP F 333 22.80 35.94 -37.23
N VAL F 334 23.43 34.78 -37.40
CA VAL F 334 24.38 34.25 -36.44
C VAL F 334 25.17 33.10 -37.05
N VAL F 335 26.45 33.04 -36.74
CA VAL F 335 27.22 31.86 -37.08
C VAL F 335 27.16 30.95 -35.84
N LEU F 336 27.05 29.66 -36.08
CA LEU F 336 26.64 28.70 -35.08
C LEU F 336 27.44 27.40 -35.13
N ASP F 337 28.47 27.28 -34.29
CA ASP F 337 29.28 26.07 -34.22
C ASP F 337 28.42 24.92 -33.69
N VAL F 338 28.65 23.72 -34.18
CA VAL F 338 27.88 22.58 -33.73
C VAL F 338 28.84 21.48 -33.35
N ALA F 339 28.75 21.01 -32.11
CA ALA F 339 29.61 19.94 -31.61
C ALA F 339 28.98 18.55 -31.80
N ASP F 340 29.79 17.56 -32.11
CA ASP F 340 29.28 16.24 -32.34
C ASP F 340 30.27 15.17 -31.91
N GLY F 341 30.10 14.71 -30.67
CA GLY F 341 30.93 13.65 -30.13
C GLY F 341 30.98 12.40 -30.99
N PHE F 342 29.84 12.06 -31.58
CA PHE F 342 29.67 10.77 -32.25
C PHE F 342 30.12 10.70 -33.72
N ARG F 343 29.65 11.63 -34.53
CA ARG F 343 29.98 11.63 -35.96
C ARG F 343 30.60 13.00 -36.30
N SER F 344 30.47 13.41 -37.55
CA SER F 344 30.93 14.73 -37.94
C SER F 344 29.84 15.39 -38.74
N ASP F 345 28.77 15.78 -38.06
CA ASP F 345 27.68 16.45 -38.73
C ASP F 345 27.67 17.84 -38.11
N GLY F 346 28.73 18.10 -37.34
CA GLY F 346 28.91 19.36 -36.64
C GLY F 346 29.49 20.43 -37.55
N GLY F 347 30.42 21.25 -37.03
CA GLY F 347 31.02 22.31 -37.82
C GLY F 347 30.38 23.69 -37.72
N ARG F 348 30.82 24.63 -38.56
CA ARG F 348 30.32 26.00 -38.50
C ARG F 348 29.32 26.26 -39.62
N PHE F 349 28.22 26.86 -39.23
CA PHE F 349 27.18 27.17 -40.18
C PHE F 349 26.80 28.59 -39.86
N ALA F 350 26.61 29.40 -40.89
CA ALA F 350 26.02 30.71 -40.67
C ALA F 350 24.53 30.58 -40.96
N LEU F 351 23.75 31.03 -39.98
CA LEU F 351 22.31 30.86 -39.98
C LEU F 351 21.64 32.21 -40.15
N GLN F 352 20.94 32.42 -41.25
CA GLN F 352 20.20 33.65 -41.38
C GLN F 352 18.75 33.25 -41.37
N ILE F 353 17.98 33.90 -40.50
CA ILE F 353 16.55 33.63 -40.38
C ILE F 353 15.72 34.91 -40.46
N SER F 354 14.81 34.98 -41.42
CA SER F 354 13.88 36.10 -41.47
C SER F 354 12.61 35.74 -42.22
N GLY F 355 11.51 36.39 -41.83
CA GLY F 355 10.20 36.06 -42.35
C GLY F 355 9.82 34.68 -41.87
N GLY F 356 10.62 34.20 -40.93
CA GLY F 356 10.45 32.87 -40.42
C GLY F 356 10.94 31.75 -41.32
N ARG F 357 11.82 32.02 -42.29
CA ARG F 357 12.59 30.93 -42.88
C ARG F 357 14.09 31.17 -42.75
N ALA F 358 14.83 30.08 -42.71
CA ALA F 358 16.26 30.18 -42.56
C ALA F 358 16.94 29.55 -43.74
N ARG F 359 18.07 30.13 -44.14
CA ARG F 359 18.97 29.44 -45.04
C ARG F 359 20.21 29.16 -44.23
N CYS F 360 20.55 27.89 -44.23
CA CYS F 360 21.67 27.41 -43.47
C CYS F 360 22.73 26.99 -44.46
N THR F 361 23.95 27.37 -44.14
CA THR F 361 24.99 27.49 -45.13
C THR F 361 26.32 27.28 -44.43
N THR F 362 27.10 26.32 -44.91
CA THR F 362 28.38 26.00 -44.29
C THR F 362 29.32 27.20 -44.39
N THR F 363 30.31 27.31 -43.51
CA THR F 363 31.03 28.58 -43.34
C THR F 363 32.38 28.33 -42.68
N ASP F 364 33.21 29.36 -42.63
CA ASP F 364 34.51 29.31 -41.96
C ASP F 364 34.60 30.48 -40.97
N ALA F 365 33.54 31.29 -40.93
CA ALA F 365 33.43 32.46 -40.08
C ALA F 365 33.46 32.16 -38.59
N PRO F 366 34.08 33.06 -37.79
CA PRO F 366 34.04 33.02 -36.31
C PRO F 366 32.60 33.04 -35.78
N ALA F 367 32.25 32.06 -34.95
CA ALA F 367 30.86 31.85 -34.57
C ALA F 367 30.45 32.53 -33.26
N ASP F 368 29.16 32.80 -33.17
CA ASP F 368 28.59 33.57 -32.08
C ASP F 368 28.08 32.62 -31.00
N ILE F 369 27.54 31.50 -31.46
CA ILE F 369 26.89 30.50 -30.64
C ILE F 369 27.48 29.12 -30.86
N GLU F 370 28.18 28.57 -29.85
CA GLU F 370 28.48 27.14 -29.84
C GLU F 370 27.27 26.37 -29.26
N ILE F 371 26.94 25.21 -29.84
CA ILE F 371 25.79 24.39 -29.43
C ILE F 371 25.97 22.91 -29.75
N ASP F 372 25.74 22.04 -28.76
CA ASP F 372 26.01 20.61 -28.90
C ASP F 372 24.86 19.92 -29.64
N LEU F 373 25.20 19.00 -30.53
CA LEU F 373 24.25 18.48 -31.53
C LEU F 373 22.91 17.92 -30.96
N ASP F 374 22.95 17.39 -29.74
CA ASP F 374 21.72 16.91 -29.11
C ASP F 374 20.90 18.12 -28.68
N VAL F 375 21.56 19.19 -28.23
CA VAL F 375 20.85 20.40 -27.85
C VAL F 375 20.15 20.95 -29.06
N LEU F 376 20.79 20.86 -30.22
CA LEU F 376 20.15 21.34 -31.43
C LEU F 376 18.87 20.54 -31.70
N GLY F 377 19.01 19.22 -31.70
CA GLY F 377 17.88 18.35 -31.90
C GLY F 377 16.78 18.56 -30.86
N GLY F 378 17.14 18.93 -29.63
CA GLY F 378 16.17 19.10 -28.57
C GLY F 378 15.29 20.32 -28.78
N LEU F 379 15.94 21.45 -29.07
CA LEU F 379 15.27 22.69 -29.39
C LEU F 379 14.43 22.57 -30.64
N TYR F 380 14.84 21.66 -31.52
CA TYR F 380 14.31 21.56 -32.86
C TYR F 380 12.78 21.55 -33.02
N LEU F 381 12.04 21.00 -32.06
CA LEU F 381 10.58 20.98 -32.23
C LEU F 381 9.89 22.03 -31.39
N GLY F 382 10.70 22.96 -30.88
CA GLY F 382 10.19 24.07 -30.11
C GLY F 382 9.69 23.56 -28.79
N ALA F 383 10.61 22.94 -28.06
CA ALA F 383 10.27 22.15 -26.90
C ALA F 383 10.96 22.61 -25.62
N HIS F 384 11.91 23.53 -25.76
CA HIS F 384 12.73 23.95 -24.63
C HIS F 384 13.06 25.42 -24.69
N ARG F 385 13.38 25.98 -23.53
CA ARG F 385 14.05 27.27 -23.49
C ARG F 385 15.55 27.08 -23.29
N VAL F 386 16.32 28.06 -23.72
CA VAL F 386 17.77 27.92 -23.70
C VAL F 386 18.38 28.12 -22.31
N ASP F 387 17.60 28.62 -21.36
CA ASP F 387 18.06 28.79 -19.98
C ASP F 387 18.79 27.57 -19.44
N GLY F 388 18.07 26.45 -19.39
CA GLY F 388 18.59 25.18 -18.91
C GLY F 388 19.87 24.76 -19.63
N PHE F 389 19.90 24.86 -20.96
CA PHE F 389 21.09 24.47 -21.73
C PHE F 389 22.29 25.39 -21.51
N ALA F 390 22.00 26.64 -21.21
CA ALA F 390 23.02 27.67 -21.11
C ALA F 390 23.67 27.68 -19.72
N ALA F 391 22.91 27.20 -18.73
CA ALA F 391 23.45 26.93 -17.42
C ALA F 391 24.44 25.80 -17.56
N ALA F 392 24.01 24.74 -18.22
CA ALA F 392 24.84 23.57 -18.33
C ALA F 392 25.99 23.71 -19.31
N ASN F 393 26.14 24.89 -19.92
CA ASN F 393 27.15 25.14 -20.95
C ASN F 393 27.11 24.07 -22.04
N ARG F 394 25.90 23.76 -22.47
CA ARG F 394 25.68 22.87 -23.60
C ARG F 394 25.22 23.74 -24.74
N LEU F 395 25.16 25.04 -24.46
CA LEU F 395 24.78 26.03 -25.44
C LEU F 395 25.43 27.36 -25.06
N ARG F 396 26.55 27.64 -25.71
CA ARG F 396 27.43 28.74 -25.34
C ARG F 396 27.26 29.97 -26.27
N SER F 397 27.55 31.15 -25.73
CA SER F 397 27.48 32.38 -26.51
C SER F 397 28.03 33.56 -25.72
N LYS F 398 28.96 34.30 -26.32
CA LYS F 398 29.53 35.52 -25.70
C LYS F 398 28.43 36.52 -25.39
N ASP F 399 27.61 36.74 -26.41
CA ASP F 399 26.45 37.61 -26.33
C ASP F 399 25.35 37.01 -25.44
N SER F 400 25.16 37.63 -24.29
CA SER F 400 24.04 37.27 -23.44
C SER F 400 22.69 37.41 -24.17
N GLU F 401 22.60 38.34 -25.12
CA GLU F 401 21.31 38.65 -25.78
C GLU F 401 20.97 37.76 -26.98
N LEU F 402 22.00 37.26 -27.65
CA LEU F 402 21.80 36.57 -28.91
C LEU F 402 21.12 35.24 -28.66
N LEU F 403 21.60 34.52 -27.64
CA LEU F 403 21.00 33.26 -27.20
C LEU F 403 19.50 33.33 -27.07
N GLN F 404 19.01 34.43 -26.52
CA GLN F 404 17.60 34.51 -26.22
C GLN F 404 16.73 34.68 -27.47
N GLN F 405 17.24 35.35 -28.50
CA GLN F 405 16.48 35.41 -29.72
C GLN F 405 16.79 34.18 -30.56
N PHE F 406 17.90 33.50 -30.26
CA PHE F 406 18.15 32.17 -30.85
C PHE F 406 17.07 31.21 -30.36
N GLY F 407 16.77 31.34 -29.06
CA GLY F 407 15.78 30.52 -28.39
C GLY F 407 14.41 31.00 -28.77
N ALA F 408 14.31 32.29 -29.07
CA ALA F 408 13.05 32.86 -29.53
C ALA F 408 12.72 32.34 -30.90
N ALA F 409 13.74 32.36 -31.76
CA ALA F 409 13.64 31.89 -33.13
C ALA F 409 13.11 30.48 -33.18
N PHE F 410 13.62 29.64 -32.29
CA PHE F 410 13.38 28.21 -32.36
C PHE F 410 12.10 27.74 -31.66
N ALA F 411 11.51 28.63 -30.87
CA ALA F 411 10.28 28.30 -30.13
C ALA F 411 9.19 27.67 -31.01
N GLY F 412 8.21 27.05 -30.34
CA GLY F 412 7.14 26.33 -31.03
C GLY F 412 6.03 27.26 -31.48
N ASP F 413 5.31 26.87 -32.53
CA ASP F 413 4.09 27.56 -32.90
C ASP F 413 2.91 26.76 -32.34
N MET F 414 2.78 25.51 -32.81
CA MET F 414 1.94 24.50 -32.15
C MET F 414 2.84 23.72 -31.20
N PRO F 415 2.27 23.29 -30.06
CA PRO F 415 2.95 22.37 -29.16
C PRO F 415 3.20 21.03 -29.83
N ALA F 416 4.45 20.59 -29.83
CA ALA F 416 4.88 19.34 -30.47
C ALA F 416 4.42 18.11 -29.71
N GLU F 417 3.75 17.22 -30.43
CA GLU F 417 3.28 16.01 -29.81
C GLU F 417 3.59 14.84 -30.72
N LEU F 418 4.37 13.88 -30.25
CA LEU F 418 4.70 12.70 -31.06
C LEU F 418 3.43 11.89 -31.42
N GLY F 419 3.29 11.52 -32.69
CA GLY F 419 2.08 10.87 -33.17
C GLY F 419 1.78 9.55 -32.48
N TYR F 420 2.78 8.67 -32.48
CA TYR F 420 2.66 7.42 -31.76
C TYR F 420 4.04 6.94 -31.37
N GLY F 421 4.07 5.89 -30.58
CA GLY F 421 5.31 5.35 -30.05
C GLY F 421 5.80 4.21 -30.91
N PHE F 422 7.11 4.24 -31.14
CA PHE F 422 7.81 3.18 -31.84
C PHE F 422 9.06 2.88 -31.04
#